data_5JVK
#
_entry.id   5JVK
#
_cell.length_a   157.540
_cell.length_b   157.540
_cell.length_c   155.644
_cell.angle_alpha   90.00
_cell.angle_beta   90.00
_cell.angle_gamma   120.00
#
_symmetry.space_group_name_H-M   'P 31 2 1'
#
loop_
_entity.id
_entity.type
_entity.pdbx_description
1 polymer 'Uncharacterized protein'
2 non-polymer 'SULFATE ION'
3 non-polymer GLYCEROL
4 non-polymer '3-CYCLOHEXYL-1-PROPYLSULFONIC ACID'
5 water water
#
_entity_poly.entity_id   1
_entity_poly.type   'polypeptide(L)'
_entity_poly.pdbx_seq_one_letter_code
;GPTDFENTGKIQLNPVLVSTDIGKKNVAKNLGEGNMRLTGKLVRYGDNLTFSGVANAGKELVIDVTELGYYTLELTLADN
ENIIQTAVVNYAVVPEIIDEERPLDMGVCVHPPKDNDYSKTFRLIRMAGFTRIRTDLAWEHVEPAKGKYVMPEHMYQFVS
ASEKEGIKPLIVFGYANAIAYPNGFPTIPFPTTEESRLGCANALAYAVKEMGNRVTEWELWNEPNYADPVKDYLPLLKVV
YPTVKKVNPDITLISGGGSGAGGGPGGAFIIPVLDAGGVDFQDGYSIHPYMAPNTPDFGYAGTGGPIPAVNIPTVWPYLK
KISEENLRSDKKELSVWVTEIGWNSTTNLDIEQAAYLARTYLLSRRHYMSPGVFWYDFQNDGDTPDNIEHNFGLLRSDFS
PKPSYQAAAVVASLLKNYTFQETLLDGVNKVLAFGQDGETTFYTAWTTKAEGTTIRVKAPTDVDKLRLIDWQGCEMPLTV
DNGYLVLNLSILPQYLVVKEEVVGITSPVGKAGIKLYPNPSTGLLIVNWGHEGNRTITINDLNGRILQRKVTYGLETQMN
ISDLNAGIYMLCVNDGKEQVTLKVIKQ
;
_entity_poly.pdbx_strand_id   A,B,C
#
loop_
_chem_comp.id
_chem_comp.type
_chem_comp.name
_chem_comp.formula
CXS non-polymer '3-CYCLOHEXYL-1-PROPYLSULFONIC ACID' 'C9 H19 N O3 S'
GOL non-polymer GLYCEROL 'C3 H8 O3'
SO4 non-polymer 'SULFATE ION' 'O4 S -2'
#
# COMPACT_ATOMS: atom_id res chain seq x y z
N LYS A 10 20.39 43.06 -31.77
CA LYS A 10 20.33 41.71 -31.10
C LYS A 10 18.93 41.38 -30.60
N ILE A 11 18.69 40.08 -30.42
CA ILE A 11 17.46 39.55 -29.82
C ILE A 11 17.85 38.86 -28.52
N GLN A 12 17.43 39.43 -27.38
CA GLN A 12 17.72 38.87 -26.06
C GLN A 12 16.61 37.93 -25.61
N LEU A 13 16.88 36.63 -25.61
CA LEU A 13 15.94 35.62 -25.11
C LEU A 13 15.91 35.62 -23.59
N ASN A 14 14.72 35.39 -23.03
CA ASN A 14 14.57 35.11 -21.61
C ASN A 14 15.38 33.84 -21.32
N PRO A 15 16.31 33.90 -20.35
CA PRO A 15 17.06 32.69 -19.97
C PRO A 15 16.19 31.51 -19.54
N VAL A 16 15.03 31.81 -18.93
CA VAL A 16 14.04 30.83 -18.55
C VAL A 16 12.96 30.76 -19.65
N LEU A 17 12.97 29.68 -20.44
CA LEU A 17 11.98 29.47 -21.52
C LEU A 17 10.84 28.54 -21.07
N VAL A 18 10.52 28.55 -19.78
CA VAL A 18 9.42 27.78 -19.19
C VAL A 18 8.64 28.70 -18.27
N SER A 19 7.32 28.61 -18.29
CA SER A 19 6.48 29.44 -17.44
C SER A 19 5.20 28.70 -17.02
N THR A 20 4.89 28.74 -15.72
CA THR A 20 3.69 28.10 -15.19
C THR A 20 2.43 28.91 -15.51
N ASP A 21 1.32 28.20 -15.74
CA ASP A 21 -0.02 28.80 -15.90
C ASP A 21 -0.18 29.60 -17.21
N ILE A 22 -1.43 29.89 -17.56
CA ILE A 22 -1.75 30.83 -18.64
C ILE A 22 -1.45 32.28 -18.23
N GLY A 23 -1.29 33.17 -19.21
CA GLY A 23 -1.13 34.60 -18.96
C GLY A 23 -0.08 35.30 -19.80
N LYS A 24 0.37 36.46 -19.33
CA LYS A 24 1.39 37.27 -20.02
C LYS A 24 2.77 36.65 -19.87
N LYS A 25 3.39 36.34 -21.01
CA LYS A 25 4.70 35.69 -21.06
C LYS A 25 5.76 36.62 -21.65
N ASN A 26 6.70 37.05 -20.79
CA ASN A 26 7.82 37.88 -21.19
C ASN A 26 8.90 37.00 -21.82
N VAL A 27 8.76 36.75 -23.12
CA VAL A 27 9.62 35.80 -23.85
C VAL A 27 11.00 36.37 -24.24
N ALA A 28 11.07 37.65 -24.59
CA ALA A 28 12.31 38.26 -25.09
C ALA A 28 12.32 39.78 -24.97
N LYS A 29 13.46 40.39 -25.30
CA LYS A 29 13.63 41.85 -25.31
C LYS A 29 14.28 42.32 -26.61
N ASN A 30 13.82 43.46 -27.10
CA ASN A 30 14.37 44.08 -28.32
C ASN A 30 15.59 44.91 -27.93
N LEU A 31 16.76 44.51 -28.41
CA LEU A 31 17.99 45.29 -28.22
C LEU A 31 18.38 46.09 -29.47
N GLY A 32 17.44 46.31 -30.38
CA GLY A 32 17.66 47.12 -31.58
C GLY A 32 17.63 48.62 -31.34
N GLU A 33 17.62 49.39 -32.43
CA GLU A 33 17.67 50.85 -32.38
C GLU A 33 16.70 51.47 -33.39
N GLY A 34 16.11 52.60 -33.04
CA GLY A 34 15.29 53.38 -33.95
C GLY A 34 13.95 52.75 -34.29
N ASN A 35 13.82 52.28 -35.54
CA ASN A 35 12.55 51.74 -36.08
C ASN A 35 12.53 50.20 -36.17
N MET A 36 13.46 49.52 -35.49
CA MET A 36 13.52 48.06 -35.49
C MET A 36 12.42 47.49 -34.57
N ARG A 37 11.45 46.81 -35.16
CA ARG A 37 10.37 46.14 -34.42
C ARG A 37 10.68 44.64 -34.27
N LEU A 38 10.45 44.10 -33.07
CA LEU A 38 10.61 42.67 -32.78
C LEU A 38 9.25 42.00 -32.70
N THR A 39 8.90 41.21 -33.71
CA THR A 39 7.64 40.46 -33.74
C THR A 39 7.90 39.03 -33.24
N GLY A 40 6.97 38.53 -32.41
CA GLY A 40 7.05 37.18 -31.85
C GLY A 40 5.76 36.40 -32.08
N LYS A 41 5.90 35.15 -32.51
CA LYS A 41 4.76 34.23 -32.69
C LYS A 41 5.00 32.97 -31.85
N LEU A 42 4.06 32.66 -30.96
CA LEU A 42 4.08 31.41 -30.20
C LEU A 42 3.08 30.45 -30.83
N VAL A 43 3.58 29.37 -31.43
CA VAL A 43 2.76 28.39 -32.16
C VAL A 43 2.77 27.04 -31.43
N ARG A 44 1.58 26.57 -31.04
CA ARG A 44 1.43 25.35 -30.25
C ARG A 44 1.63 24.09 -31.09
N TYR A 45 2.22 23.06 -30.49
CA TYR A 45 2.41 21.76 -31.15
C TYR A 45 1.05 21.13 -31.50
N GLY A 46 0.98 20.50 -32.67
CA GLY A 46 -0.19 19.75 -33.10
C GLY A 46 -1.23 20.55 -33.85
N ASP A 47 -1.85 21.52 -33.17
CA ASP A 47 -2.96 22.31 -33.74
C ASP A 47 -2.60 23.75 -34.14
N ASN A 48 -1.35 24.15 -33.91
CA ASN A 48 -0.82 25.46 -34.31
C ASN A 48 -1.60 26.67 -33.77
N LEU A 49 -2.14 26.56 -32.55
CA LEU A 49 -2.73 27.70 -31.85
C LEU A 49 -1.64 28.77 -31.69
N THR A 50 -1.90 29.95 -32.25
CA THR A 50 -0.88 30.99 -32.38
C THR A 50 -1.23 32.22 -31.52
N PHE A 51 -0.19 32.80 -30.90
CA PHE A 51 -0.32 34.05 -30.15
C PHE A 51 0.79 35.01 -30.58
N SER A 52 0.43 36.27 -30.79
CA SER A 52 1.33 37.27 -31.38
C SER A 52 1.56 38.46 -30.45
N GLY A 53 2.72 39.07 -30.61
CA GLY A 53 3.09 40.28 -29.86
C GLY A 53 4.21 41.05 -30.54
N VAL A 54 4.27 42.35 -30.29
CA VAL A 54 5.28 43.23 -30.90
C VAL A 54 5.97 44.09 -29.83
N ALA A 55 7.26 44.36 -30.03
CA ALA A 55 8.05 45.20 -29.13
C ALA A 55 9.00 46.10 -29.93
N ASN A 56 8.97 47.40 -29.63
CA ASN A 56 9.85 48.38 -30.29
C ASN A 56 11.25 48.36 -29.68
N ALA A 57 12.16 49.14 -30.25
CA ALA A 57 13.56 49.22 -29.80
C ALA A 57 13.67 49.52 -28.31
N GLY A 58 14.38 48.64 -27.59
CA GLY A 58 14.56 48.75 -26.14
C GLY A 58 13.44 48.16 -25.27
N LYS A 59 12.34 47.73 -25.89
CA LYS A 59 11.15 47.28 -25.15
C LYS A 59 11.15 45.77 -24.93
N GLU A 60 10.34 45.35 -23.96
CA GLU A 60 10.14 43.93 -23.64
C GLU A 60 9.04 43.34 -24.52
N LEU A 61 9.30 42.17 -25.11
CA LEU A 61 8.28 41.44 -25.87
C LEU A 61 7.46 40.55 -24.93
N VAL A 62 6.17 40.86 -24.81
CA VAL A 62 5.24 40.12 -23.95
C VAL A 62 4.06 39.63 -24.80
N ILE A 63 3.69 38.36 -24.64
CA ILE A 63 2.61 37.74 -25.42
C ILE A 63 1.57 37.14 -24.48
N ASP A 64 0.29 37.43 -24.76
CA ASP A 64 -0.83 36.90 -23.99
C ASP A 64 -1.14 35.46 -24.42
N VAL A 65 -0.91 34.50 -23.53
CA VAL A 65 -1.12 33.09 -23.80
C VAL A 65 -2.33 32.60 -23.00
N THR A 66 -3.40 32.24 -23.70
CA THR A 66 -4.68 31.88 -23.09
C THR A 66 -4.86 30.38 -22.78
N GLU A 67 -3.97 29.53 -23.31
CA GLU A 67 -4.03 28.08 -23.09
C GLU A 67 -2.64 27.50 -22.86
N LEU A 68 -2.58 26.41 -22.09
CA LEU A 68 -1.33 25.68 -21.86
C LEU A 68 -0.85 25.00 -23.14
N GLY A 69 0.45 24.74 -23.19
CA GLY A 69 1.03 24.01 -24.30
C GLY A 69 2.54 24.12 -24.43
N TYR A 70 3.07 23.27 -25.30
CA TYR A 70 4.45 23.33 -25.78
C TYR A 70 4.42 24.14 -27.07
N TYR A 71 5.11 25.28 -27.06
CA TYR A 71 5.08 26.22 -28.18
C TYR A 71 6.42 26.34 -28.89
N THR A 72 6.37 26.59 -30.19
CA THR A 72 7.52 27.04 -30.97
C THR A 72 7.45 28.57 -31.00
N LEU A 73 8.54 29.22 -30.60
CA LEU A 73 8.66 30.68 -30.58
C LEU A 73 9.44 31.15 -31.81
N GLU A 74 8.74 31.76 -32.77
CA GLU A 74 9.36 32.33 -33.97
C GLU A 74 9.54 33.84 -33.76
N LEU A 75 10.80 34.30 -33.75
CA LEU A 75 11.13 35.71 -33.54
C LEU A 75 11.71 36.33 -34.81
N THR A 76 11.30 37.58 -35.09
CA THR A 76 11.73 38.31 -36.29
C THR A 76 11.97 39.79 -35.96
N LEU A 77 13.22 40.22 -36.07
CA LEU A 77 13.60 41.63 -35.93
C LEU A 77 13.70 42.24 -37.34
N ALA A 78 13.04 43.39 -37.54
CA ALA A 78 12.98 44.02 -38.86
C ALA A 78 12.75 45.54 -38.79
N ASP A 79 13.32 46.26 -39.75
CA ASP A 79 13.20 47.72 -39.81
C ASP A 79 11.82 48.12 -40.35
N ASN A 80 11.57 47.80 -41.63
CA ASN A 80 10.27 48.02 -42.27
C ASN A 80 9.87 46.77 -43.05
N GLU A 81 10.67 46.42 -44.05
CA GLU A 81 10.55 45.15 -44.77
C GLU A 81 11.93 44.47 -44.92
N ASN A 82 12.86 44.82 -44.03
CA ASN A 82 14.25 44.34 -44.08
C ASN A 82 14.51 43.50 -42.82
N ILE A 83 14.51 42.18 -42.98
CA ILE A 83 14.69 41.25 -41.87
C ILE A 83 16.14 41.29 -41.39
N ILE A 84 16.37 41.94 -40.25
CA ILE A 84 17.72 42.13 -39.69
C ILE A 84 18.23 40.86 -39.01
N GLN A 85 17.41 40.29 -38.14
CA GLN A 85 17.78 39.08 -37.39
C GLN A 85 16.54 38.26 -37.05
N THR A 86 16.69 36.93 -37.09
CA THR A 86 15.62 36.01 -36.70
C THR A 86 16.13 35.01 -35.67
N ALA A 87 15.20 34.43 -34.93
CA ALA A 87 15.50 33.38 -33.94
C ALA A 87 14.32 32.43 -33.81
N VAL A 88 14.62 31.15 -33.55
CA VAL A 88 13.61 30.13 -33.30
C VAL A 88 14.02 29.28 -32.10
N VAL A 89 13.20 29.28 -31.07
CA VAL A 89 13.35 28.39 -29.91
C VAL A 89 11.97 27.86 -29.49
N ASN A 90 11.96 26.95 -28.52
CA ASN A 90 10.71 26.43 -27.95
C ASN A 90 10.43 27.09 -26.60
N TYR A 91 9.15 27.10 -26.23
CA TYR A 91 8.67 27.73 -25.01
C TYR A 91 7.55 26.88 -24.40
N ALA A 92 7.76 26.43 -23.17
CA ALA A 92 6.84 25.52 -22.49
C ALA A 92 5.95 26.29 -21.52
N VAL A 93 4.65 26.33 -21.82
CA VAL A 93 3.65 26.89 -20.89
C VAL A 93 2.99 25.71 -20.17
N VAL A 94 3.49 25.41 -18.96
CA VAL A 94 3.13 24.18 -18.22
C VAL A 94 2.11 24.48 -17.12
N PRO A 95 1.39 23.43 -16.65
CA PRO A 95 0.47 23.64 -15.52
C PRO A 95 1.24 23.89 -14.22
N GLU A 96 0.68 24.74 -13.36
CA GLU A 96 1.28 25.04 -12.07
C GLU A 96 0.91 23.92 -11.09
N ILE A 97 1.92 23.38 -10.40
CA ILE A 97 1.73 22.28 -9.44
C ILE A 97 1.96 22.81 -8.03
N ILE A 98 1.04 22.49 -7.12
CA ILE A 98 1.16 22.86 -5.71
C ILE A 98 2.29 22.02 -5.09
N ASP A 99 3.08 22.64 -4.22
CA ASP A 99 4.32 22.07 -3.69
C ASP A 99 4.12 20.67 -3.07
N GLU A 100 3.15 20.56 -2.15
CA GLU A 100 2.84 19.28 -1.48
C GLU A 100 2.22 18.21 -2.39
N GLU A 101 1.68 18.62 -3.53
CA GLU A 101 1.05 17.68 -4.49
C GLU A 101 2.00 17.15 -5.58
N ARG A 102 3.29 17.45 -5.52
CA ARG A 102 4.24 16.91 -6.49
C ARG A 102 4.50 15.41 -6.26
N PRO A 103 4.68 14.64 -7.36
CA PRO A 103 5.04 13.22 -7.20
C PRO A 103 6.35 12.99 -6.45
N LEU A 104 6.24 12.26 -5.33
CA LEU A 104 7.36 11.92 -4.48
C LEU A 104 8.26 10.83 -5.07
N ASP A 105 7.79 10.14 -6.10
CA ASP A 105 8.56 9.11 -6.82
C ASP A 105 9.21 9.60 -8.13
N MET A 106 8.91 10.82 -8.56
CA MET A 106 9.54 11.38 -9.77
C MET A 106 10.89 12.01 -9.42
N GLY A 107 11.96 11.46 -10.00
CA GLY A 107 13.29 12.03 -9.88
C GLY A 107 13.88 12.32 -11.25
N VAL A 108 15.02 13.01 -11.29
CA VAL A 108 15.73 13.29 -12.53
C VAL A 108 17.24 13.36 -12.29
N CYS A 109 18.03 12.79 -13.20
CA CYS A 109 19.49 12.84 -13.11
C CYS A 109 19.98 14.20 -13.58
N VAL A 110 20.82 14.83 -12.76
CA VAL A 110 21.28 16.21 -13.00
C VAL A 110 22.81 16.28 -12.94
N HIS A 111 23.41 16.63 -14.07
CA HIS A 111 24.84 16.96 -14.12
C HIS A 111 25.00 18.44 -13.76
N PRO A 112 26.23 18.86 -13.37
CA PRO A 112 26.47 20.29 -13.08
C PRO A 112 26.11 21.19 -14.27
N PRO A 113 25.42 22.33 -14.03
CA PRO A 113 25.15 23.25 -15.13
C PRO A 113 26.41 23.85 -15.73
N LYS A 114 26.41 24.07 -17.04
CA LYS A 114 27.57 24.58 -17.77
C LYS A 114 27.81 26.06 -17.46
N ASP A 115 26.72 26.82 -17.30
CA ASP A 115 26.79 28.24 -16.91
C ASP A 115 26.94 28.48 -15.39
N ASN A 116 27.03 27.40 -14.60
CA ASN A 116 27.24 27.46 -13.14
C ASN A 116 26.14 28.22 -12.40
N ASP A 117 24.92 28.17 -12.94
CA ASP A 117 23.75 28.86 -12.39
C ASP A 117 22.81 27.78 -11.85
N TYR A 118 22.99 27.44 -10.58
CA TYR A 118 22.23 26.36 -9.93
C TYR A 118 20.78 26.74 -9.66
N SER A 119 20.52 28.00 -9.29
CA SER A 119 19.15 28.46 -9.03
C SER A 119 18.26 28.40 -10.27
N LYS A 120 18.81 28.72 -11.44
CA LYS A 120 18.09 28.66 -12.72
C LYS A 120 17.75 27.22 -13.10
N THR A 121 18.74 26.35 -13.06
CA THR A 121 18.56 24.92 -13.37
C THR A 121 17.55 24.26 -12.43
N PHE A 122 17.63 24.56 -11.14
CA PHE A 122 16.71 23.98 -10.14
C PHE A 122 15.30 24.57 -10.17
N ARG A 123 15.17 25.81 -10.65
CA ARG A 123 13.86 26.39 -10.94
C ARG A 123 13.19 25.66 -12.11
N LEU A 124 13.99 25.30 -13.12
CA LEU A 124 13.52 24.53 -14.27
C LEU A 124 13.19 23.08 -13.89
N ILE A 125 13.97 22.49 -12.98
CA ILE A 125 13.68 21.16 -12.44
C ILE A 125 12.36 21.16 -11.65
N ARG A 126 12.14 22.21 -10.86
CA ARG A 126 10.91 22.36 -10.06
C ARG A 126 9.65 22.41 -10.92
N MET A 127 9.67 23.21 -11.98
CA MET A 127 8.51 23.38 -12.87
C MET A 127 8.21 22.13 -13.71
N ALA A 128 9.17 21.22 -13.84
CA ALA A 128 8.94 19.90 -14.46
C ALA A 128 8.22 18.92 -13.53
N GLY A 129 8.14 19.24 -12.24
CA GLY A 129 7.36 18.47 -11.26
C GLY A 129 8.17 17.49 -10.42
N PHE A 130 9.48 17.47 -10.58
CA PHE A 130 10.34 16.51 -9.87
C PHE A 130 10.52 16.88 -8.39
N THR A 131 10.57 15.86 -7.54
CA THR A 131 10.87 16.01 -6.11
C THR A 131 12.19 15.38 -5.68
N ARG A 132 12.90 14.75 -6.62
CA ARG A 132 14.21 14.15 -6.34
C ARG A 132 15.18 14.47 -7.47
N ILE A 133 16.46 14.56 -7.13
CA ILE A 133 17.54 14.65 -8.13
C ILE A 133 18.67 13.70 -7.79
N ARG A 134 19.35 13.21 -8.81
CA ARG A 134 20.50 12.34 -8.67
C ARG A 134 21.72 13.01 -9.28
N THR A 135 22.84 12.99 -8.56
CA THR A 135 24.10 13.48 -9.11
C THR A 135 25.30 12.76 -8.50
N ASP A 136 26.44 12.91 -9.17
CA ASP A 136 27.66 12.18 -8.83
C ASP A 136 28.45 12.84 -7.72
N LEU A 137 29.21 12.02 -7.01
CA LEU A 137 30.23 12.50 -6.10
C LEU A 137 31.43 11.57 -6.24
N ALA A 138 32.57 12.12 -6.65
CA ALA A 138 33.78 11.34 -6.87
C ALA A 138 34.52 11.15 -5.55
N TRP A 139 34.85 9.89 -5.24
CA TRP A 139 35.72 9.52 -4.12
C TRP A 139 37.05 10.28 -4.20
N GLU A 140 37.62 10.32 -5.41
CA GLU A 140 38.80 11.15 -5.75
C GLU A 140 38.71 12.58 -5.22
N HIS A 141 37.58 13.24 -5.45
CA HIS A 141 37.38 14.63 -5.02
C HIS A 141 37.14 14.79 -3.52
N VAL A 142 36.54 13.78 -2.86
CA VAL A 142 36.33 13.83 -1.40
C VAL A 142 37.61 13.55 -0.60
N GLU A 143 38.43 12.61 -1.07
CA GLU A 143 39.67 12.23 -0.40
C GLU A 143 40.86 12.45 -1.37
N PRO A 144 41.34 13.71 -1.49
CA PRO A 144 42.46 13.99 -2.40
C PRO A 144 43.79 13.37 -1.98
N ALA A 145 43.99 13.22 -0.66
CA ALA A 145 45.11 12.47 -0.10
C ALA A 145 44.60 11.49 0.94
N LYS A 146 45.43 10.48 1.24
CA LYS A 146 45.05 9.38 2.14
C LYS A 146 44.69 9.89 3.54
N GLY A 147 43.46 9.63 3.97
CA GLY A 147 43.00 10.01 5.30
C GLY A 147 42.54 11.45 5.49
N LYS A 148 42.76 12.31 4.49
CA LYS A 148 42.43 13.73 4.58
C LYS A 148 41.21 14.00 3.70
N TYR A 149 40.17 14.59 4.28
CA TYR A 149 38.87 14.74 3.63
C TYR A 149 38.50 16.18 3.32
N VAL A 150 37.63 16.35 2.34
CA VAL A 150 37.08 17.66 1.97
C VAL A 150 35.76 17.46 1.20
N MET A 151 34.82 18.38 1.41
CA MET A 151 33.54 18.37 0.68
C MET A 151 33.64 19.35 -0.48
N PRO A 152 33.55 18.85 -1.75
CA PRO A 152 33.67 19.75 -2.90
C PRO A 152 32.59 20.83 -2.96
N GLU A 153 32.89 21.94 -3.65
CA GLU A 153 31.98 23.08 -3.71
C GLU A 153 30.66 22.75 -4.42
N HIS A 154 30.72 21.96 -5.48
CA HIS A 154 29.52 21.57 -6.22
C HIS A 154 28.49 20.80 -5.38
N MET A 155 28.94 20.06 -4.36
CA MET A 155 28.04 19.36 -3.45
C MET A 155 27.16 20.29 -2.61
N TYR A 156 27.79 21.31 -2.02
CA TYR A 156 27.04 22.35 -1.28
C TYR A 156 26.07 23.09 -2.19
N GLN A 157 26.50 23.39 -3.42
CA GLN A 157 25.65 24.02 -4.43
C GLN A 157 24.42 23.17 -4.78
N PHE A 158 24.65 21.89 -5.08
CA PHE A 158 23.57 20.94 -5.38
C PHE A 158 22.55 20.81 -4.24
N VAL A 159 23.04 20.61 -3.03
CA VAL A 159 22.18 20.34 -1.87
C VAL A 159 21.38 21.57 -1.42
N SER A 160 22.01 22.74 -1.39
CA SER A 160 21.30 23.97 -1.00
C SER A 160 20.25 24.37 -2.03
N ALA A 161 20.60 24.25 -3.31
CA ALA A 161 19.65 24.50 -4.41
C ALA A 161 18.47 23.52 -4.40
N SER A 162 18.71 22.27 -4.00
CA SER A 162 17.64 21.28 -3.85
C SER A 162 16.68 21.66 -2.70
N GLU A 163 17.24 22.18 -1.62
CA GLU A 163 16.44 22.56 -0.44
C GLU A 163 15.54 23.77 -0.67
N LYS A 164 15.99 24.73 -1.48
CA LYS A 164 15.15 25.89 -1.84
C LYS A 164 13.93 25.50 -2.65
N GLU A 165 14.05 24.47 -3.50
CA GLU A 165 12.95 24.01 -4.35
C GLU A 165 12.25 22.75 -3.81
N GLY A 166 12.54 22.36 -2.57
CA GLY A 166 11.86 21.26 -1.89
C GLY A 166 12.12 19.91 -2.52
N ILE A 167 13.40 19.63 -2.79
CA ILE A 167 13.82 18.43 -3.51
C ILE A 167 14.79 17.63 -2.64
N LYS A 168 14.57 16.31 -2.56
CA LYS A 168 15.47 15.41 -1.83
C LYS A 168 16.58 14.92 -2.75
N PRO A 169 17.84 15.31 -2.50
CA PRO A 169 18.91 14.85 -3.37
C PRO A 169 19.38 13.42 -3.03
N LEU A 170 19.62 12.63 -4.08
CA LEU A 170 20.23 11.30 -3.97
C LEU A 170 21.63 11.40 -4.58
N ILE A 171 22.64 10.85 -3.89
CA ILE A 171 24.03 11.02 -4.31
C ILE A 171 24.67 9.66 -4.60
N VAL A 172 25.20 9.51 -5.82
CA VAL A 172 25.93 8.30 -6.22
C VAL A 172 27.43 8.51 -6.00
N PHE A 173 27.98 7.76 -5.05
CA PHE A 173 29.37 7.88 -4.61
C PHE A 173 30.23 6.79 -5.25
N GLY A 174 31.33 7.17 -5.88
CA GLY A 174 32.28 6.17 -6.38
C GLY A 174 33.34 6.66 -7.34
N TYR A 175 33.69 5.79 -8.29
CA TYR A 175 34.88 5.88 -9.13
C TYR A 175 36.20 5.80 -8.33
N ALA A 176 37.21 5.19 -8.95
CA ALA A 176 38.43 4.79 -8.24
C ALA A 176 39.30 5.99 -7.85
N ASN A 177 39.79 5.95 -6.59
CA ASN A 177 40.69 6.96 -6.05
C ASN A 177 42.13 6.43 -6.03
N ALA A 178 42.72 6.34 -7.22
CA ALA A 178 44.10 5.84 -7.38
C ALA A 178 45.17 6.81 -6.84
N ILE A 179 44.82 8.09 -6.73
CA ILE A 179 45.73 9.11 -6.18
C ILE A 179 46.03 8.82 -4.70
N ALA A 180 44.98 8.60 -3.90
CA ALA A 180 45.13 8.28 -2.48
C ALA A 180 45.63 6.87 -2.22
N TYR A 181 45.04 5.89 -2.91
CA TYR A 181 45.35 4.46 -2.71
C TYR A 181 45.83 3.82 -4.02
N PRO A 182 47.09 4.09 -4.42
CA PRO A 182 47.60 3.55 -5.69
C PRO A 182 47.72 2.02 -5.76
N ASN A 183 47.82 1.36 -4.60
CA ASN A 183 47.86 -0.12 -4.52
C ASN A 183 46.46 -0.76 -4.38
N GLY A 184 45.40 0.06 -4.32
CA GLY A 184 44.06 -0.44 -4.02
C GLY A 184 43.26 -1.07 -5.15
N PHE A 185 43.75 -0.96 -6.39
CA PHE A 185 42.97 -1.35 -7.58
C PHE A 185 43.81 -2.22 -8.54
N PRO A 186 44.22 -3.42 -8.09
CA PRO A 186 45.07 -4.29 -8.91
C PRO A 186 44.38 -4.91 -10.15
N THR A 187 43.20 -5.49 -9.94
CA THR A 187 42.48 -6.22 -11.01
C THR A 187 41.51 -5.33 -11.81
N ILE A 188 40.78 -4.46 -11.12
CA ILE A 188 39.68 -3.68 -11.73
C ILE A 188 39.62 -2.26 -11.15
N PRO A 189 38.94 -1.31 -11.84
CA PRO A 189 38.77 0.04 -11.28
C PRO A 189 37.68 0.07 -10.20
N PHE A 190 37.97 -0.58 -9.08
CA PHE A 190 37.01 -0.83 -8.00
C PHE A 190 37.79 -1.41 -6.82
N PRO A 191 37.60 -0.88 -5.59
CA PRO A 191 38.48 -1.28 -4.48
C PRO A 191 38.34 -2.74 -4.07
N THR A 192 39.40 -3.52 -4.27
CA THR A 192 39.45 -4.93 -3.89
C THR A 192 40.46 -5.27 -2.76
N THR A 193 41.24 -4.29 -2.28
CA THR A 193 42.15 -4.51 -1.15
C THR A 193 41.47 -4.14 0.17
N GLU A 194 41.94 -4.74 1.26
CA GLU A 194 41.42 -4.44 2.60
C GLU A 194 41.60 -2.95 2.95
N GLU A 195 42.72 -2.38 2.54
CA GLU A 195 43.03 -0.96 2.77
C GLU A 195 42.07 -0.04 1.99
N SER A 196 41.89 -0.33 0.71
CA SER A 196 41.08 0.51 -0.18
C SER A 196 39.58 0.43 0.10
N ARG A 197 39.10 -0.75 0.51
CA ARG A 197 37.73 -0.89 1.00
C ARG A 197 37.46 -0.04 2.23
N LEU A 198 38.42 -0.04 3.15
CA LEU A 198 38.33 0.78 4.37
C LEU A 198 38.37 2.28 4.02
N GLY A 199 39.26 2.65 3.10
CA GLY A 199 39.38 4.03 2.63
C GLY A 199 38.12 4.54 1.96
N CYS A 200 37.48 3.69 1.17
CA CYS A 200 36.20 4.00 0.52
C CYS A 200 35.09 4.18 1.55
N ALA A 201 35.03 3.27 2.52
CA ALA A 201 34.04 3.31 3.59
C ALA A 201 34.13 4.56 4.46
N ASN A 202 35.35 4.91 4.86
CA ASN A 202 35.58 6.11 5.68
C ASN A 202 35.41 7.41 4.89
N ALA A 203 35.67 7.37 3.58
CA ALA A 203 35.45 8.53 2.70
C ALA A 203 33.97 8.87 2.54
N LEU A 204 33.15 7.84 2.31
CA LEU A 204 31.70 8.01 2.23
C LEU A 204 31.11 8.38 3.58
N ALA A 205 31.59 7.72 4.64
CA ALA A 205 31.15 8.00 6.01
C ALA A 205 31.39 9.46 6.42
N TYR A 206 32.50 10.04 5.95
CA TYR A 206 32.77 11.47 6.12
C TYR A 206 31.70 12.32 5.43
N ALA A 207 31.41 11.98 4.17
CA ALA A 207 30.41 12.70 3.37
C ALA A 207 29.00 12.63 3.98
N VAL A 208 28.66 11.46 4.52
CA VAL A 208 27.35 11.24 5.15
C VAL A 208 27.22 12.05 6.45
N LYS A 209 28.28 12.03 7.27
CA LYS A 209 28.35 12.85 8.49
C LYS A 209 28.12 14.33 8.21
N GLU A 210 28.84 14.84 7.21
CA GLU A 210 28.85 16.26 6.85
C GLU A 210 27.46 16.74 6.44
N MET A 211 26.83 16.00 5.54
CA MET A 211 25.50 16.32 5.04
C MET A 211 24.42 16.02 6.08
N GLY A 212 24.55 14.89 6.75
CA GLY A 212 23.57 14.46 7.74
C GLY A 212 22.29 14.01 7.04
N ASN A 213 21.15 14.52 7.51
CA ASN A 213 19.85 14.22 6.89
C ASN A 213 19.43 15.24 5.83
N ARG A 214 20.37 16.07 5.38
CA ARG A 214 20.22 16.85 4.15
C ARG A 214 20.26 15.92 2.92
N VAL A 215 20.94 14.79 3.06
CA VAL A 215 21.00 13.73 2.05
C VAL A 215 20.73 12.38 2.73
N THR A 216 19.54 11.82 2.50
CA THR A 216 19.12 10.55 3.10
C THR A 216 19.24 9.33 2.18
N GLU A 217 19.64 9.55 0.91
CA GLU A 217 19.81 8.47 -0.06
C GLU A 217 21.22 8.51 -0.66
N TRP A 218 21.99 7.45 -0.40
CA TRP A 218 23.37 7.33 -0.88
C TRP A 218 23.51 6.04 -1.67
N GLU A 219 24.01 6.16 -2.91
CA GLU A 219 24.13 5.03 -3.83
C GLU A 219 25.62 4.69 -3.99
N LEU A 220 25.99 3.46 -3.68
CA LEU A 220 27.39 3.04 -3.73
C LEU A 220 27.76 2.60 -5.15
N TRP A 221 28.48 3.48 -5.84
CA TRP A 221 29.09 3.23 -7.16
C TRP A 221 28.07 3.27 -8.30
N ASN A 222 28.47 3.87 -9.42
CA ASN A 222 27.62 3.94 -10.62
C ASN A 222 28.05 2.88 -11.63
N GLU A 223 27.15 1.93 -11.89
CA GLU A 223 27.34 0.86 -12.87
C GLU A 223 28.67 0.09 -12.75
N PRO A 224 28.91 -0.56 -11.59
CA PRO A 224 30.07 -1.42 -11.43
C PRO A 224 29.87 -2.79 -12.10
N ASN A 225 29.85 -2.78 -13.43
CA ASN A 225 29.66 -4.01 -14.23
C ASN A 225 30.95 -4.84 -14.21
N TYR A 226 32.07 -4.16 -14.32
CA TYR A 226 33.41 -4.71 -14.04
C TYR A 226 33.56 -5.47 -12.71
N ALA A 227 32.84 -5.05 -11.67
CA ALA A 227 32.89 -5.70 -10.36
C ALA A 227 31.84 -6.81 -10.23
N ASP A 228 32.29 -8.02 -9.86
CA ASP A 228 31.40 -9.15 -9.60
C ASP A 228 30.56 -8.88 -8.34
N PRO A 229 29.25 -9.20 -8.36
CA PRO A 229 28.39 -9.02 -7.19
C PRO A 229 28.90 -9.67 -5.89
N VAL A 230 29.28 -10.95 -5.95
CA VAL A 230 29.65 -11.72 -4.76
C VAL A 230 31.12 -11.57 -4.40
N LYS A 231 32.00 -11.69 -5.38
CA LYS A 231 33.45 -11.72 -5.14
C LYS A 231 34.11 -10.35 -4.97
N ASP A 232 33.59 -9.32 -5.64
CA ASP A 232 34.17 -7.97 -5.59
C ASP A 232 33.31 -6.97 -4.82
N TYR A 233 32.03 -6.86 -5.18
CA TYR A 233 31.14 -5.83 -4.62
C TYR A 233 30.76 -6.10 -3.16
N LEU A 234 30.33 -7.31 -2.84
CA LEU A 234 29.85 -7.64 -1.49
C LEU A 234 30.92 -7.45 -0.39
N PRO A 235 32.19 -7.81 -0.64
CA PRO A 235 33.26 -7.46 0.30
C PRO A 235 33.37 -5.97 0.61
N LEU A 236 33.35 -5.13 -0.43
CA LEU A 236 33.36 -3.68 -0.25
C LEU A 236 32.13 -3.22 0.55
N LEU A 237 30.98 -3.76 0.19
CA LEU A 237 29.70 -3.42 0.83
C LEU A 237 29.66 -3.81 2.32
N LYS A 238 30.26 -4.95 2.67
CA LYS A 238 30.32 -5.41 4.07
C LYS A 238 31.13 -4.50 5.00
N VAL A 239 32.09 -3.75 4.43
CA VAL A 239 32.84 -2.74 5.17
C VAL A 239 32.10 -1.40 5.16
N VAL A 240 31.61 -0.97 3.99
CA VAL A 240 30.95 0.34 3.83
C VAL A 240 29.65 0.48 4.64
N TYR A 241 28.81 -0.56 4.62
CA TYR A 241 27.48 -0.47 5.25
C TYR A 241 27.53 -0.17 6.77
N PRO A 242 28.28 -0.98 7.55
CA PRO A 242 28.36 -0.65 8.99
C PRO A 242 29.10 0.66 9.29
N THR A 243 30.17 0.96 8.53
CA THR A 243 30.92 2.22 8.68
C THR A 243 30.04 3.46 8.47
N VAL A 244 29.18 3.41 7.46
CA VAL A 244 28.32 4.54 7.11
C VAL A 244 27.09 4.64 8.01
N LYS A 245 26.44 3.51 8.28
CA LYS A 245 25.20 3.49 9.10
C LYS A 245 25.43 3.86 10.57
N LYS A 246 26.63 3.60 11.09
CA LYS A 246 27.02 4.03 12.44
C LYS A 246 27.04 5.56 12.54
N VAL A 247 27.52 6.21 11.47
CA VAL A 247 27.61 7.67 11.39
C VAL A 247 26.24 8.33 11.19
N ASN A 248 25.36 7.71 10.41
CA ASN A 248 23.98 8.18 10.20
C ASN A 248 23.05 6.99 10.00
N PRO A 249 22.37 6.53 11.06
CA PRO A 249 21.42 5.40 10.94
C PRO A 249 20.21 5.67 10.04
N ASP A 250 19.85 6.94 9.84
CA ASP A 250 18.63 7.32 9.13
C ASP A 250 18.71 7.28 7.60
N ILE A 251 19.90 7.10 7.02
CA ILE A 251 20.03 7.03 5.55
C ILE A 251 19.53 5.70 4.99
N THR A 252 19.30 5.70 3.69
CA THR A 252 19.08 4.48 2.92
C THR A 252 20.34 4.26 2.08
N LEU A 253 21.14 3.27 2.47
CA LEU A 253 22.33 2.87 1.72
C LEU A 253 21.89 1.97 0.56
N ILE A 254 22.18 2.42 -0.67
CA ILE A 254 21.70 1.76 -1.89
C ILE A 254 22.85 1.11 -2.65
N SER A 255 22.78 -0.21 -2.83
CA SER A 255 23.80 -0.98 -3.54
C SER A 255 23.43 -1.22 -5.00
N GLY A 256 24.30 -1.93 -5.73
CA GLY A 256 24.04 -2.30 -7.13
C GLY A 256 24.57 -1.27 -8.10
N GLY A 257 24.04 -0.05 -8.00
CA GLY A 257 24.42 1.04 -8.89
C GLY A 257 23.96 0.84 -10.32
N GLY A 258 22.89 0.06 -10.49
CA GLY A 258 22.43 -0.33 -11.82
C GLY A 258 23.39 -1.24 -12.56
N SER A 259 24.09 -2.11 -11.84
CA SER A 259 24.99 -3.10 -12.45
C SER A 259 24.22 -4.40 -12.71
N GLY A 260 24.88 -5.36 -13.35
CA GLY A 260 24.23 -6.58 -13.84
C GLY A 260 23.71 -6.43 -15.25
N ALA A 261 23.44 -7.56 -15.90
CA ALA A 261 22.93 -7.62 -17.28
C ALA A 261 21.72 -6.70 -17.48
N GLY A 262 21.78 -5.85 -18.51
CA GLY A 262 20.72 -4.87 -18.81
C GLY A 262 20.46 -3.82 -17.74
N GLY A 263 21.41 -3.63 -16.83
CA GLY A 263 21.22 -2.77 -15.68
C GLY A 263 20.42 -3.36 -14.53
N GLY A 264 20.28 -4.69 -14.51
CA GLY A 264 19.70 -5.41 -13.37
C GLY A 264 18.18 -5.64 -13.25
N PRO A 265 17.40 -5.45 -14.33
CA PRO A 265 15.95 -5.66 -14.17
C PRO A 265 15.52 -7.12 -13.95
N GLY A 266 16.33 -8.06 -14.41
CA GLY A 266 16.14 -9.49 -14.14
C GLY A 266 16.78 -9.99 -12.84
N GLY A 267 17.27 -9.08 -12.01
CA GLY A 267 17.88 -9.41 -10.72
C GLY A 267 19.31 -9.91 -10.82
N ALA A 268 20.06 -9.43 -11.82
CA ALA A 268 21.41 -9.92 -12.08
C ALA A 268 22.42 -9.53 -11.01
N PHE A 269 22.19 -8.41 -10.32
CA PHE A 269 23.05 -7.99 -9.20
C PHE A 269 22.56 -8.55 -7.86
N ILE A 270 21.27 -8.37 -7.58
CA ILE A 270 20.70 -8.67 -6.26
C ILE A 270 20.62 -10.16 -5.95
N ILE A 271 20.25 -10.98 -6.93
CA ILE A 271 20.06 -12.43 -6.70
C ILE A 271 21.36 -13.14 -6.27
N PRO A 272 22.50 -12.90 -6.95
CA PRO A 272 23.78 -13.43 -6.44
C PRO A 272 24.14 -12.98 -5.02
N VAL A 273 23.83 -11.72 -4.70
CA VAL A 273 24.12 -11.14 -3.39
C VAL A 273 23.24 -11.77 -2.30
N LEU A 274 21.97 -12.00 -2.60
CA LEU A 274 21.04 -12.65 -1.67
C LEU A 274 21.39 -14.12 -1.44
N ASP A 275 21.71 -14.83 -2.53
CA ASP A 275 22.13 -16.25 -2.45
C ASP A 275 23.43 -16.45 -1.67
N ALA A 276 24.28 -15.42 -1.61
CA ALA A 276 25.50 -15.42 -0.78
C ALA A 276 25.28 -14.84 0.64
N GLY A 277 24.04 -14.79 1.11
CA GLY A 277 23.73 -14.29 2.46
C GLY A 277 24.04 -12.83 2.73
N GLY A 278 23.98 -12.00 1.68
CA GLY A 278 24.35 -10.57 1.78
C GLY A 278 23.22 -9.58 1.99
N VAL A 279 21.99 -10.08 2.18
CA VAL A 279 20.78 -9.24 2.28
C VAL A 279 20.86 -8.10 3.31
N ASP A 280 21.49 -8.36 4.45
CA ASP A 280 21.56 -7.38 5.56
C ASP A 280 22.47 -6.18 5.32
N PHE A 281 23.39 -6.28 4.36
CA PHE A 281 24.39 -5.23 4.13
C PHE A 281 23.92 -4.11 3.19
N GLN A 282 22.61 -4.05 2.92
CA GLN A 282 21.98 -2.90 2.25
C GLN A 282 20.64 -2.56 2.88
N ASP A 283 20.21 -1.32 2.64
CA ASP A 283 18.82 -0.90 2.85
C ASP A 283 18.01 -1.03 1.56
N GLY A 284 18.68 -0.94 0.41
CA GLY A 284 18.06 -1.16 -0.88
C GLY A 284 19.09 -1.33 -1.98
N TYR A 285 18.62 -1.61 -3.20
CA TYR A 285 19.49 -1.67 -4.38
C TYR A 285 18.89 -0.88 -5.52
N SER A 286 19.70 -0.62 -6.54
CA SER A 286 19.27 0.15 -7.70
C SER A 286 19.42 -0.61 -9.02
N ILE A 287 18.56 -0.26 -9.98
CA ILE A 287 18.61 -0.80 -11.34
C ILE A 287 18.59 0.34 -12.37
N HIS A 288 19.17 0.08 -13.54
CA HIS A 288 19.16 1.00 -14.67
C HIS A 288 18.47 0.32 -15.85
N PRO A 289 17.14 0.09 -15.76
CA PRO A 289 16.46 -0.75 -16.75
C PRO A 289 16.15 -0.01 -18.06
N TYR A 290 17.18 0.29 -18.83
CA TYR A 290 17.02 0.98 -20.11
C TYR A 290 16.34 0.07 -21.12
N MET A 291 15.23 0.54 -21.71
CA MET A 291 14.49 -0.18 -22.75
C MET A 291 14.55 0.51 -24.10
N ALA A 292 15.35 1.57 -24.22
CA ALA A 292 15.40 2.38 -25.45
C ALA A 292 16.05 1.60 -26.61
N PRO A 293 15.53 1.74 -27.84
CA PRO A 293 14.50 2.72 -28.21
C PRO A 293 13.05 2.21 -28.16
N ASN A 294 12.78 1.13 -27.43
CA ASN A 294 11.46 0.49 -27.42
C ASN A 294 10.53 1.15 -26.42
N THR A 295 9.24 0.82 -26.51
CA THR A 295 8.24 1.34 -25.57
C THR A 295 8.49 0.82 -24.14
N PRO A 296 8.03 1.56 -23.12
CA PRO A 296 8.04 1.00 -21.77
C PRO A 296 6.96 -0.07 -21.56
N ASP A 297 5.92 -0.07 -22.41
CA ASP A 297 4.84 -1.05 -22.34
C ASP A 297 5.34 -2.46 -22.62
N PHE A 298 6.00 -2.62 -23.77
CA PHE A 298 6.46 -3.92 -24.27
C PHE A 298 7.97 -4.16 -24.20
N GLY A 299 8.77 -3.11 -24.27
CA GLY A 299 10.23 -3.23 -24.09
C GLY A 299 10.93 -4.17 -25.06
N TYR A 300 11.82 -5.02 -24.55
CA TYR A 300 12.59 -5.96 -25.38
C TYR A 300 12.73 -7.34 -24.74
N ALA A 301 12.97 -8.34 -25.59
CA ALA A 301 13.24 -9.70 -25.14
C ALA A 301 14.64 -9.80 -24.58
N GLY A 302 14.76 -10.06 -23.28
CA GLY A 302 16.05 -10.20 -22.61
C GLY A 302 16.66 -11.58 -22.73
N THR A 303 17.92 -11.69 -22.35
CA THR A 303 18.62 -12.98 -22.26
C THR A 303 18.47 -13.62 -20.87
N GLY A 304 18.43 -12.79 -19.82
CA GLY A 304 18.16 -13.26 -18.45
C GLY A 304 16.74 -13.80 -18.28
N GLY A 305 16.65 -15.11 -18.04
CA GLY A 305 15.41 -15.88 -18.23
C GLY A 305 14.36 -16.08 -17.13
N PRO A 306 14.45 -15.34 -16.00
CA PRO A 306 13.28 -15.33 -15.08
C PRO A 306 11.99 -14.65 -15.59
N ILE A 307 12.12 -13.76 -16.59
CA ILE A 307 11.01 -12.86 -17.02
C ILE A 307 10.73 -12.94 -18.52
N PRO A 308 9.43 -12.92 -18.93
CA PRO A 308 9.08 -13.02 -20.37
C PRO A 308 9.70 -11.93 -21.28
N ALA A 309 9.59 -10.67 -20.86
CA ALA A 309 10.23 -9.55 -21.56
C ALA A 309 10.63 -8.47 -20.56
N VAL A 310 11.64 -7.69 -20.91
CA VAL A 310 12.08 -6.56 -20.06
C VAL A 310 11.24 -5.34 -20.40
N ASN A 311 10.15 -5.17 -19.67
CA ASN A 311 9.31 -3.97 -19.72
C ASN A 311 8.82 -3.62 -18.32
N ILE A 312 8.21 -2.45 -18.16
CA ILE A 312 7.76 -1.99 -16.83
C ILE A 312 6.68 -2.92 -16.23
N PRO A 313 5.67 -3.32 -17.00
CA PRO A 313 4.65 -4.23 -16.44
C PRO A 313 5.16 -5.61 -16.00
N THR A 314 6.28 -6.07 -16.55
CA THR A 314 6.89 -7.34 -16.14
C THR A 314 7.93 -7.13 -15.04
N VAL A 315 8.82 -6.16 -15.23
CA VAL A 315 9.94 -5.93 -14.32
C VAL A 315 9.50 -5.40 -12.93
N TRP A 316 8.56 -4.47 -12.90
CA TRP A 316 8.15 -3.84 -11.64
C TRP A 316 7.56 -4.87 -10.65
N PRO A 317 6.55 -5.66 -11.06
CA PRO A 317 6.06 -6.73 -10.17
C PRO A 317 7.07 -7.83 -9.84
N TYR A 318 7.97 -8.12 -10.77
CA TYR A 318 9.00 -9.15 -10.56
C TYR A 318 9.99 -8.78 -9.44
N LEU A 319 10.48 -7.54 -9.44
CA LEU A 319 11.41 -7.10 -8.40
C LEU A 319 10.72 -6.81 -7.06
N LYS A 320 9.43 -6.49 -7.11
CA LYS A 320 8.61 -6.35 -5.90
C LYS A 320 8.51 -7.70 -5.18
N LYS A 321 8.23 -8.76 -5.96
CA LYS A 321 8.19 -10.13 -5.47
C LYS A 321 9.51 -10.55 -4.79
N ILE A 322 10.64 -10.25 -5.44
CA ILE A 322 11.96 -10.60 -4.91
C ILE A 322 12.18 -9.96 -3.54
N SER A 323 11.90 -8.66 -3.44
CA SER A 323 12.05 -7.92 -2.17
C SER A 323 11.10 -8.43 -1.09
N GLU A 324 9.85 -8.72 -1.46
CA GLU A 324 8.87 -9.29 -0.54
C GLU A 324 9.28 -10.68 -0.01
N GLU A 325 9.79 -11.52 -0.90
CA GLU A 325 10.11 -12.92 -0.56
C GLU A 325 11.50 -13.15 0.05
N ASN A 326 12.38 -12.14 -0.02
CA ASN A 326 13.75 -12.25 0.50
C ASN A 326 14.06 -11.08 1.41
N LEU A 327 13.42 -11.07 2.57
CA LEU A 327 13.57 -9.99 3.55
C LEU A 327 14.92 -10.02 4.25
N ARG A 328 15.26 -8.93 4.92
CA ARG A 328 16.45 -8.84 5.76
C ARG A 328 16.23 -9.62 7.07
N SER A 329 17.29 -9.76 7.87
CA SER A 329 17.21 -10.41 9.18
C SER A 329 16.24 -9.70 10.13
N ASP A 330 16.28 -8.37 10.13
CA ASP A 330 15.31 -7.54 10.88
C ASP A 330 13.93 -7.42 10.19
N LYS A 331 13.70 -8.22 9.14
CA LYS A 331 12.44 -8.29 8.39
C LYS A 331 12.05 -7.03 7.60
N LYS A 332 12.97 -6.06 7.48
CA LYS A 332 12.74 -4.89 6.65
C LYS A 332 12.93 -5.30 5.19
N GLU A 333 12.09 -4.75 4.33
CA GLU A 333 12.13 -5.04 2.90
C GLU A 333 13.18 -4.18 2.23
N LEU A 334 13.96 -4.77 1.33
CA LEU A 334 14.92 -3.98 0.54
C LEU A 334 14.17 -3.12 -0.47
N SER A 335 14.44 -1.82 -0.45
CA SER A 335 13.82 -0.90 -1.42
C SER A 335 14.53 -1.00 -2.78
N VAL A 336 13.77 -0.83 -3.85
CA VAL A 336 14.29 -0.89 -5.21
C VAL A 336 14.22 0.51 -5.82
N TRP A 337 15.37 1.07 -6.16
CA TRP A 337 15.47 2.43 -6.69
C TRP A 337 15.83 2.42 -8.16
N VAL A 338 14.98 3.00 -9.01
CA VAL A 338 15.25 3.07 -10.44
C VAL A 338 16.07 4.34 -10.70
N THR A 339 17.36 4.25 -10.42
CA THR A 339 18.24 5.41 -10.39
C THR A 339 18.63 5.96 -11.77
N GLU A 340 18.42 5.19 -12.83
CA GLU A 340 18.42 5.71 -14.20
C GLU A 340 17.40 4.98 -15.06
N ILE A 341 16.58 5.75 -15.78
CA ILE A 341 15.81 5.24 -16.90
C ILE A 341 15.59 6.40 -17.86
N GLY A 342 15.66 6.14 -19.16
CA GLY A 342 15.48 7.19 -20.13
C GLY A 342 15.52 6.75 -21.58
N TRP A 343 15.08 7.65 -22.45
CA TRP A 343 15.15 7.51 -23.89
C TRP A 343 15.79 8.77 -24.46
N ASN A 344 16.43 8.65 -25.62
CA ASN A 344 17.17 9.76 -26.23
C ASN A 344 16.64 10.11 -27.61
N SER A 345 16.85 11.37 -28.01
CA SER A 345 16.37 11.89 -29.30
C SER A 345 17.20 11.48 -30.53
N THR A 346 18.27 10.69 -30.34
CA THR A 346 19.02 10.13 -31.47
C THR A 346 18.29 8.91 -32.06
N THR A 347 17.92 7.96 -31.18
CA THR A 347 17.22 6.73 -31.61
C THR A 347 15.69 6.77 -31.46
N ASN A 348 15.16 7.87 -30.92
CA ASN A 348 13.71 8.13 -30.94
C ASN A 348 13.42 9.55 -31.40
N LEU A 349 12.20 9.77 -31.86
CA LEU A 349 11.69 11.11 -32.14
C LEU A 349 11.55 11.85 -30.81
N ASP A 350 11.57 13.19 -30.86
CA ASP A 350 11.34 14.00 -29.65
C ASP A 350 9.98 13.67 -29.02
N ILE A 351 8.97 13.47 -29.85
CA ILE A 351 7.62 13.20 -29.38
C ILE A 351 7.49 11.79 -28.77
N GLU A 352 8.29 10.84 -29.26
CA GLU A 352 8.37 9.51 -28.66
C GLU A 352 8.99 9.56 -27.26
N GLN A 353 10.10 10.31 -27.14
CA GLN A 353 10.75 10.54 -25.84
C GLN A 353 9.77 11.11 -24.81
N ALA A 354 8.97 12.08 -25.25
CA ALA A 354 7.94 12.67 -24.39
C ALA A 354 6.87 11.65 -24.01
N ALA A 355 6.32 10.97 -25.01
CA ALA A 355 5.32 9.93 -24.80
C ALA A 355 5.81 8.85 -23.83
N TYR A 356 7.04 8.38 -24.01
CA TYR A 356 7.60 7.31 -23.18
C TYR A 356 7.93 7.77 -21.77
N LEU A 357 8.25 9.05 -21.59
CA LEU A 357 8.45 9.61 -20.26
C LEU A 357 7.16 9.56 -19.44
N ALA A 358 6.07 10.07 -20.02
CA ALA A 358 4.77 10.06 -19.35
C ALA A 358 4.31 8.63 -19.05
N ARG A 359 4.47 7.75 -20.04
CA ARG A 359 4.10 6.34 -19.92
C ARG A 359 4.92 5.59 -18.87
N THR A 360 6.21 5.92 -18.74
CA THR A 360 7.06 5.36 -17.69
C THR A 360 6.51 5.64 -16.29
N TYR A 361 6.19 6.91 -16.02
CA TYR A 361 5.72 7.30 -14.69
C TYR A 361 4.28 6.84 -14.41
N LEU A 362 3.45 6.81 -15.46
CA LEU A 362 2.10 6.27 -15.34
C LEU A 362 2.11 4.76 -15.10
N LEU A 363 2.92 4.02 -15.85
CA LEU A 363 3.08 2.58 -15.63
C LEU A 363 3.81 2.26 -14.30
N SER A 364 4.78 3.10 -13.93
CA SER A 364 5.50 2.92 -12.65
C SER A 364 4.55 3.02 -11.45
N ARG A 365 3.71 4.05 -11.44
CA ARG A 365 2.69 4.21 -10.39
C ARG A 365 1.65 3.09 -10.43
N ARG A 366 1.27 2.64 -11.62
CA ARG A 366 0.34 1.52 -11.79
C ARG A 366 0.81 0.29 -11.04
N HIS A 367 2.06 -0.11 -11.30
CA HIS A 367 2.70 -1.24 -10.65
C HIS A 367 3.62 -0.74 -9.52
N TYR A 368 3.09 0.11 -8.65
CA TYR A 368 3.91 0.84 -7.67
C TYR A 368 4.79 -0.08 -6.83
N MET A 369 6.10 0.18 -6.90
CA MET A 369 7.08 -0.54 -6.06
C MET A 369 8.31 0.30 -5.69
N SER A 370 8.81 1.12 -6.60
CA SER A 370 9.98 1.98 -6.34
C SER A 370 9.57 3.33 -5.74
N PRO A 371 10.29 3.81 -4.71
CA PRO A 371 10.07 5.17 -4.20
C PRO A 371 10.79 6.28 -4.97
N GLY A 372 11.58 5.92 -5.99
CA GLY A 372 12.32 6.90 -6.77
C GLY A 372 12.71 6.40 -8.15
N VAL A 373 12.02 6.90 -9.17
CA VAL A 373 12.32 6.60 -10.57
C VAL A 373 12.94 7.86 -11.18
N PHE A 374 14.24 7.78 -11.47
CA PHE A 374 15.02 8.94 -11.88
C PHE A 374 15.24 8.95 -13.39
N TRP A 375 14.70 9.98 -14.06
CA TRP A 375 14.89 10.13 -15.50
C TRP A 375 16.33 10.51 -15.81
N TYR A 376 16.94 9.80 -16.75
CA TYR A 376 18.24 10.18 -17.29
C TYR A 376 18.02 10.85 -18.65
N ASP A 377 18.37 12.13 -18.84
CA ASP A 377 18.79 13.08 -17.78
C ASP A 377 18.11 14.43 -18.03
N PHE A 378 18.42 15.43 -17.21
CA PHE A 378 17.69 16.69 -17.26
C PHE A 378 18.01 17.52 -18.49
N GLN A 379 19.30 17.71 -18.76
CA GLN A 379 19.75 18.54 -19.87
C GLN A 379 20.61 17.73 -20.84
N ASN A 380 20.48 18.02 -22.13
CA ASN A 380 21.34 17.45 -23.16
C ASN A 380 22.81 17.73 -22.83
N ASP A 381 23.62 16.67 -22.80
CA ASP A 381 25.04 16.80 -22.45
C ASP A 381 25.89 17.44 -23.56
N GLY A 382 25.35 17.56 -24.77
CA GLY A 382 26.01 18.25 -25.87
C GLY A 382 25.09 18.56 -27.04
N ASP A 383 25.68 18.87 -28.19
CA ASP A 383 24.94 19.30 -29.40
C ASP A 383 24.95 18.30 -30.56
N THR A 384 25.88 17.35 -30.55
CA THR A 384 25.97 16.32 -31.59
C THR A 384 24.68 15.50 -31.72
N PRO A 385 23.99 15.59 -32.89
CA PRO A 385 22.72 14.88 -33.05
C PRO A 385 22.83 13.34 -33.03
N ASP A 386 23.90 12.81 -33.63
CA ASP A 386 24.08 11.34 -33.74
C ASP A 386 24.85 10.68 -32.57
N ASN A 387 25.11 11.45 -31.51
CA ASN A 387 25.68 10.92 -30.26
C ASN A 387 24.53 10.77 -29.25
N ILE A 388 24.23 9.52 -28.87
CA ILE A 388 23.07 9.24 -28.00
C ILE A 388 23.16 9.92 -26.62
N GLU A 389 24.37 10.02 -26.09
CA GLU A 389 24.62 10.59 -24.76
C GLU A 389 24.36 12.10 -24.69
N HIS A 390 24.37 12.78 -25.84
CA HIS A 390 24.05 14.21 -25.95
C HIS A 390 22.56 14.50 -26.18
N ASN A 391 21.70 13.48 -26.15
CA ASN A 391 20.28 13.64 -26.52
C ASN A 391 19.26 13.01 -25.55
N PHE A 392 19.69 12.69 -24.33
CA PHE A 392 18.79 12.15 -23.29
C PHE A 392 17.99 13.23 -22.54
N GLY A 393 18.27 14.50 -22.81
CA GLY A 393 17.73 15.60 -22.01
C GLY A 393 16.27 15.97 -22.18
N LEU A 394 15.72 16.62 -21.17
CA LEU A 394 14.44 17.32 -21.24
C LEU A 394 14.63 18.74 -21.80
N LEU A 395 15.78 19.34 -21.48
CA LEU A 395 16.20 20.61 -22.08
C LEU A 395 17.38 20.38 -23.01
N ARG A 396 17.53 21.26 -23.99
CA ARG A 396 18.70 21.28 -24.85
C ARG A 396 19.84 21.99 -24.13
N SER A 397 21.03 21.97 -24.74
CA SER A 397 22.22 22.62 -24.16
C SER A 397 22.03 24.13 -23.91
N ASP A 398 21.23 24.79 -24.75
CA ASP A 398 20.90 26.21 -24.59
C ASP A 398 19.69 26.47 -23.65
N PHE A 399 19.31 25.48 -22.84
CA PHE A 399 18.17 25.53 -21.91
C PHE A 399 16.79 25.66 -22.58
N SER A 400 16.72 25.36 -23.88
CA SER A 400 15.45 25.34 -24.61
C SER A 400 14.75 24.01 -24.29
N PRO A 401 13.46 24.06 -23.90
CA PRO A 401 12.75 22.82 -23.56
C PRO A 401 12.41 21.98 -24.79
N LYS A 402 12.61 20.66 -24.66
CA LYS A 402 12.14 19.69 -25.64
C LYS A 402 10.72 19.27 -25.24
N PRO A 403 9.97 18.60 -26.15
CA PRO A 403 8.62 18.13 -25.79
C PRO A 403 8.52 17.26 -24.52
N SER A 404 9.58 16.49 -24.23
CA SER A 404 9.63 15.65 -23.03
C SER A 404 9.53 16.44 -21.73
N TYR A 405 10.01 17.68 -21.73
CA TYR A 405 9.84 18.57 -20.58
C TYR A 405 8.37 18.84 -20.30
N GLN A 406 7.64 19.22 -21.35
CA GLN A 406 6.20 19.49 -21.27
C GLN A 406 5.46 18.27 -20.75
N ALA A 407 5.77 17.10 -21.31
CA ALA A 407 5.17 15.83 -20.90
C ALA A 407 5.41 15.50 -19.43
N ALA A 408 6.62 15.81 -18.94
CA ALA A 408 6.97 15.61 -17.53
C ALA A 408 6.15 16.49 -16.58
N ALA A 409 6.06 17.78 -16.91
CA ALA A 409 5.29 18.73 -16.10
C ALA A 409 3.80 18.36 -16.05
N VAL A 410 3.25 17.98 -17.19
CA VAL A 410 1.83 17.64 -17.29
C VAL A 410 1.53 16.33 -16.55
N VAL A 411 2.34 15.29 -16.79
CA VAL A 411 2.12 14.00 -16.13
C VAL A 411 2.32 14.08 -14.60
N ALA A 412 3.25 14.93 -14.17
CA ALA A 412 3.43 15.22 -12.74
C ALA A 412 2.20 15.90 -12.13
N SER A 413 1.64 16.88 -12.84
CA SER A 413 0.46 17.62 -12.36
C SER A 413 -0.80 16.78 -12.20
N LEU A 414 -0.91 15.72 -13.01
CA LEU A 414 -2.06 14.80 -12.96
C LEU A 414 -1.86 13.66 -11.97
N LEU A 415 -0.70 13.00 -12.02
CA LEU A 415 -0.37 11.88 -11.11
C LEU A 415 -0.42 12.27 -9.64
N LYS A 416 0.25 13.38 -9.31
CA LYS A 416 0.42 13.82 -7.94
C LYS A 416 0.93 12.64 -7.08
N ASN A 417 0.22 12.30 -6.00
CA ASN A 417 0.50 11.11 -5.22
C ASN A 417 -0.71 10.19 -5.16
N TYR A 418 -1.50 10.18 -6.23
CA TYR A 418 -2.67 9.31 -6.33
C TYR A 418 -2.22 7.86 -6.54
N THR A 419 -2.97 6.93 -5.96
CA THR A 419 -2.68 5.51 -6.09
C THR A 419 -3.52 4.88 -7.21
N PHE A 420 -3.03 3.78 -7.76
CA PHE A 420 -3.67 3.09 -8.87
C PHE A 420 -4.97 2.41 -8.43
N GLN A 421 -6.03 2.58 -9.21
CA GLN A 421 -7.36 2.07 -8.90
C GLN A 421 -7.70 0.82 -9.71
N GLU A 422 -7.67 0.95 -11.04
CA GLU A 422 -8.30 -0.03 -11.91
C GLU A 422 -7.72 0.00 -13.33
N THR A 423 -7.61 -1.18 -13.95
CA THR A 423 -7.36 -1.28 -15.38
C THR A 423 -8.70 -1.42 -16.09
N LEU A 424 -9.13 -0.37 -16.78
CA LEU A 424 -10.34 -0.43 -17.62
C LEU A 424 -10.06 -1.18 -18.93
N LEU A 425 -8.88 -0.94 -19.51
CA LEU A 425 -8.46 -1.60 -20.75
C LEU A 425 -6.94 -1.80 -20.74
N ASP A 426 -6.49 -2.91 -21.31
CA ASP A 426 -5.08 -3.29 -21.30
C ASP A 426 -4.69 -3.80 -22.70
N GLY A 427 -3.40 -4.00 -22.91
CA GLY A 427 -2.88 -4.55 -24.17
C GLY A 427 -2.37 -3.46 -25.08
N VAL A 428 -2.78 -3.52 -26.35
CA VAL A 428 -2.37 -2.54 -27.37
C VAL A 428 -2.78 -1.13 -26.95
N ASN A 429 -4.02 -1.00 -26.46
CA ASN A 429 -4.52 0.26 -25.89
C ASN A 429 -4.60 0.12 -24.37
N LYS A 430 -4.41 1.24 -23.67
CA LYS A 430 -4.45 1.28 -22.21
C LYS A 430 -5.46 2.32 -21.76
N VAL A 431 -6.31 1.95 -20.81
CA VAL A 431 -7.15 2.91 -20.06
C VAL A 431 -7.02 2.55 -18.59
N LEU A 432 -6.43 3.46 -17.80
CA LEU A 432 -6.06 3.20 -16.42
C LEU A 432 -6.68 4.26 -15.52
N ALA A 433 -7.13 3.86 -14.33
CA ALA A 433 -7.72 4.76 -13.34
C ALA A 433 -6.80 4.93 -12.14
N PHE A 434 -6.64 6.18 -11.69
CA PHE A 434 -5.89 6.50 -10.49
C PHE A 434 -6.77 7.31 -9.56
N GLY A 435 -6.38 7.40 -8.29
CA GLY A 435 -7.22 8.05 -7.31
C GLY A 435 -6.69 8.15 -5.91
N GLN A 436 -7.58 8.55 -5.00
CA GLN A 436 -7.25 8.86 -3.62
C GLN A 436 -8.24 8.15 -2.70
N ASP A 437 -7.71 7.39 -1.73
CA ASP A 437 -8.50 6.80 -0.65
C ASP A 437 -9.78 6.07 -1.12
N GLY A 438 -9.66 5.35 -2.24
CA GLY A 438 -10.78 4.57 -2.80
C GLY A 438 -11.57 5.20 -3.94
N GLU A 439 -11.47 6.52 -4.12
CA GLU A 439 -12.20 7.25 -5.17
C GLU A 439 -11.29 7.61 -6.35
N THR A 440 -11.78 7.38 -7.56
CA THR A 440 -11.02 7.68 -8.79
C THR A 440 -11.01 9.21 -9.06
N THR A 441 -9.82 9.76 -9.26
CA THR A 441 -9.64 11.20 -9.52
C THR A 441 -9.32 11.53 -10.99
N PHE A 442 -8.65 10.62 -11.69
CA PHE A 442 -8.49 10.74 -13.14
C PHE A 442 -8.26 9.40 -13.83
N TYR A 443 -8.52 9.39 -15.15
CA TYR A 443 -8.22 8.25 -16.01
C TYR A 443 -7.19 8.70 -17.02
N THR A 444 -6.27 7.80 -17.39
CA THR A 444 -5.32 8.07 -18.48
C THR A 444 -5.53 7.07 -19.59
N ALA A 445 -5.29 7.49 -20.83
CA ALA A 445 -5.49 6.63 -21.99
C ALA A 445 -4.47 6.89 -23.08
N TRP A 446 -3.94 5.82 -23.64
CA TRP A 446 -3.00 5.89 -24.76
C TRP A 446 -3.03 4.61 -25.58
N THR A 447 -2.44 4.66 -26.76
CA THR A 447 -2.26 3.49 -27.60
C THR A 447 -0.77 3.26 -27.86
N THR A 448 -0.38 1.99 -27.97
CA THR A 448 0.97 1.62 -28.39
C THR A 448 1.15 1.73 -29.91
N LYS A 449 0.05 1.81 -30.67
CA LYS A 449 0.13 1.90 -32.13
C LYS A 449 0.61 3.28 -32.58
N ALA A 450 1.69 3.30 -33.36
CA ALA A 450 2.33 4.53 -33.83
C ALA A 450 1.38 5.47 -34.57
N GLU A 451 0.60 4.88 -35.48
CA GLU A 451 -0.37 5.62 -36.30
C GLU A 451 -1.59 6.16 -35.52
N GLY A 452 -1.87 5.59 -34.34
CA GLY A 452 -3.01 6.00 -33.52
C GLY A 452 -4.23 5.15 -33.76
N THR A 453 -5.17 5.15 -32.81
CA THR A 453 -6.48 4.51 -32.97
C THR A 453 -7.57 5.29 -32.26
N THR A 454 -8.82 4.98 -32.60
CA THR A 454 -9.99 5.49 -31.93
C THR A 454 -10.63 4.36 -31.13
N ILE A 455 -11.02 4.65 -29.88
CA ILE A 455 -11.80 3.71 -29.06
C ILE A 455 -13.00 4.41 -28.43
N ARG A 456 -13.95 3.59 -27.99
CA ARG A 456 -15.15 4.06 -27.32
C ARG A 456 -15.20 3.45 -25.94
N VAL A 457 -15.01 4.27 -24.91
CA VAL A 457 -15.03 3.83 -23.51
C VAL A 457 -16.34 4.29 -22.92
N LYS A 458 -17.06 3.38 -22.24
CA LYS A 458 -18.30 3.76 -21.55
C LYS A 458 -17.98 4.76 -20.45
N ALA A 459 -18.77 5.84 -20.39
CA ALA A 459 -18.55 6.94 -19.45
C ALA A 459 -18.57 6.45 -17.99
N PRO A 460 -17.39 6.35 -17.34
CA PRO A 460 -17.32 5.77 -16.00
C PRO A 460 -17.89 6.68 -14.90
N THR A 461 -17.65 7.98 -15.04
CA THR A 461 -18.31 9.02 -14.25
C THR A 461 -19.29 9.73 -15.20
N ASP A 462 -20.19 10.55 -14.66
CA ASP A 462 -21.07 11.39 -15.49
C ASP A 462 -20.27 12.35 -16.36
N VAL A 463 -20.84 12.70 -17.51
CA VAL A 463 -20.12 13.48 -18.53
C VAL A 463 -19.84 14.92 -18.09
N ASP A 464 -20.80 15.53 -17.39
CA ASP A 464 -20.61 16.88 -16.82
C ASP A 464 -19.57 16.96 -15.70
N LYS A 465 -19.18 15.81 -15.12
CA LYS A 465 -18.09 15.75 -14.12
C LYS A 465 -16.73 15.35 -14.70
N LEU A 466 -16.54 15.50 -16.02
CA LEU A 466 -15.28 15.12 -16.67
C LEU A 466 -14.69 16.26 -17.51
N ARG A 467 -13.37 16.41 -17.43
CA ARG A 467 -12.59 17.27 -18.32
C ARG A 467 -11.57 16.41 -19.05
N LEU A 468 -11.38 16.65 -20.34
CA LEU A 468 -10.39 15.94 -21.14
C LEU A 468 -9.15 16.81 -21.35
N ILE A 469 -8.00 16.32 -20.90
CA ILE A 469 -6.71 17.01 -21.05
C ILE A 469 -5.79 16.11 -21.88
N ASP A 470 -5.04 16.70 -22.81
CA ASP A 470 -4.07 15.94 -23.61
C ASP A 470 -2.69 15.93 -22.92
N TRP A 471 -1.69 15.34 -23.57
CA TRP A 471 -0.30 15.26 -23.03
C TRP A 471 0.35 16.61 -22.69
N GLN A 472 -0.25 17.68 -23.22
CA GLN A 472 0.32 19.01 -23.32
C GLN A 472 -0.23 19.98 -22.26
N GLY A 473 -1.32 19.57 -21.60
CA GLY A 473 -2.10 20.46 -20.74
C GLY A 473 -3.28 21.12 -21.43
N CYS A 474 -3.37 20.98 -22.76
CA CYS A 474 -4.45 21.58 -23.54
C CYS A 474 -5.77 20.87 -23.26
N GLU A 475 -6.81 21.65 -22.98
CA GLU A 475 -8.15 21.11 -22.72
C GLU A 475 -8.90 20.89 -24.03
N MET A 476 -9.60 19.76 -24.10
CA MET A 476 -10.39 19.38 -25.27
C MET A 476 -11.83 19.10 -24.84
N PRO A 477 -12.81 19.33 -25.74
CA PRO A 477 -14.17 18.88 -25.43
C PRO A 477 -14.31 17.37 -25.53
N LEU A 478 -15.34 16.82 -24.90
CA LEU A 478 -15.64 15.39 -24.98
C LEU A 478 -16.50 15.10 -26.21
N THR A 479 -16.34 13.91 -26.78
CA THR A 479 -17.20 13.42 -27.86
C THR A 479 -17.98 12.25 -27.32
N VAL A 480 -19.30 12.39 -27.23
CA VAL A 480 -20.17 11.41 -26.60
C VAL A 480 -21.05 10.72 -27.62
N ASP A 481 -20.79 9.43 -27.85
CA ASP A 481 -21.58 8.60 -28.77
C ASP A 481 -22.44 7.64 -27.98
N ASN A 482 -23.64 8.08 -27.62
CA ASN A 482 -24.67 7.24 -26.98
C ASN A 482 -24.16 6.59 -25.68
N GLY A 483 -23.67 7.43 -24.77
CA GLY A 483 -23.15 6.98 -23.48
C GLY A 483 -21.71 6.46 -23.48
N TYR A 484 -21.00 6.62 -24.61
CA TYR A 484 -19.58 6.23 -24.73
C TYR A 484 -18.75 7.43 -25.09
N LEU A 485 -17.61 7.59 -24.43
CA LEU A 485 -16.65 8.63 -24.77
C LEU A 485 -15.80 8.15 -25.94
N VAL A 486 -15.82 8.89 -27.05
CA VAL A 486 -15.02 8.57 -28.24
C VAL A 486 -13.65 9.21 -28.05
N LEU A 487 -12.62 8.39 -27.83
CA LEU A 487 -11.25 8.87 -27.58
C LEU A 487 -10.34 8.55 -28.76
N ASN A 488 -9.66 9.59 -29.27
CA ASN A 488 -8.70 9.45 -30.36
C ASN A 488 -7.31 9.29 -29.76
N LEU A 489 -6.91 8.04 -29.58
CA LEU A 489 -5.67 7.72 -28.87
C LEU A 489 -4.44 7.93 -29.74
N SER A 490 -3.38 8.43 -29.11
CA SER A 490 -2.04 8.48 -29.70
C SER A 490 -1.06 7.82 -28.73
N ILE A 491 0.20 7.76 -29.16
CA ILE A 491 1.30 7.33 -28.28
C ILE A 491 1.42 8.22 -27.04
N LEU A 492 1.07 9.50 -27.17
CA LEU A 492 1.08 10.46 -26.08
C LEU A 492 -0.17 10.27 -25.21
N PRO A 493 0.00 10.01 -23.91
CA PRO A 493 -1.19 9.83 -23.08
C PRO A 493 -2.08 11.08 -22.96
N GLN A 494 -3.39 10.85 -22.92
CA GLN A 494 -4.35 11.89 -22.59
C GLN A 494 -5.05 11.47 -21.30
N TYR A 495 -5.76 12.42 -20.69
CA TYR A 495 -6.27 12.28 -19.34
C TYR A 495 -7.70 12.77 -19.20
N LEU A 496 -8.53 11.98 -18.51
CA LEU A 496 -9.90 12.38 -18.15
C LEU A 496 -9.95 12.67 -16.65
N VAL A 497 -9.96 13.94 -16.29
CA VAL A 497 -9.96 14.38 -14.89
C VAL A 497 -11.39 14.41 -14.34
N VAL A 498 -11.55 14.06 -13.06
CA VAL A 498 -12.85 14.06 -12.38
C VAL A 498 -13.10 15.42 -11.70
N LYS A 499 -14.33 15.93 -11.85
CA LYS A 499 -14.77 17.24 -11.32
C LYS A 499 -13.86 18.39 -11.72
N LYS B 10 -11.56 45.38 14.75
CA LYS B 10 -11.95 44.11 15.43
C LYS B 10 -10.77 43.43 16.14
N ILE B 11 -11.07 42.64 17.17
CA ILE B 11 -10.06 41.93 17.95
C ILE B 11 -9.69 40.60 17.28
N GLN B 12 -8.47 40.52 16.75
CA GLN B 12 -7.90 39.26 16.24
C GLN B 12 -7.10 38.57 17.35
N LEU B 13 -7.64 37.48 17.88
CA LEU B 13 -6.91 36.65 18.85
C LEU B 13 -5.80 35.89 18.15
N ASN B 14 -4.75 35.56 18.90
CA ASN B 14 -3.73 34.62 18.43
C ASN B 14 -4.39 33.23 18.43
N PRO B 15 -4.31 32.49 17.30
CA PRO B 15 -4.84 31.11 17.31
C PRO B 15 -4.18 30.19 18.36
N VAL B 16 -2.87 30.37 18.56
CA VAL B 16 -2.15 29.68 19.63
C VAL B 16 -2.31 30.50 20.90
N LEU B 17 -3.14 30.00 21.83
CA LEU B 17 -3.38 30.65 23.12
C LEU B 17 -2.60 29.99 24.26
N VAL B 18 -1.39 29.49 23.93
CA VAL B 18 -0.48 28.88 24.89
C VAL B 18 0.93 29.33 24.52
N SER B 19 1.78 29.55 25.52
CA SER B 19 3.17 29.91 25.28
C SER B 19 4.09 29.36 26.36
N THR B 20 5.24 28.84 25.96
CA THR B 20 6.23 28.32 26.91
C THR B 20 7.06 29.45 27.50
N ASP B 21 7.46 29.27 28.76
CA ASP B 21 8.43 30.15 29.44
C ASP B 21 7.83 31.52 29.80
N ILE B 22 8.55 32.25 30.65
CA ILE B 22 8.29 33.68 30.86
C ILE B 22 8.90 34.51 29.73
N GLY B 23 8.35 35.70 29.49
CA GLY B 23 8.86 36.63 28.47
C GLY B 23 7.78 37.43 27.77
N LYS B 24 8.09 37.91 26.56
CA LYS B 24 7.12 38.66 25.75
C LYS B 24 6.09 37.72 25.13
N LYS B 25 4.81 38.07 25.26
CA LYS B 25 3.70 37.25 24.77
C LYS B 25 2.85 38.05 23.78
N ASN B 26 2.87 37.63 22.51
CA ASN B 26 2.06 38.25 21.45
C ASN B 26 0.65 37.63 21.45
N VAL B 27 -0.27 38.24 22.22
CA VAL B 27 -1.60 37.67 22.46
C VAL B 27 -2.70 38.03 21.44
N ALA B 28 -2.59 39.19 20.80
CA ALA B 28 -3.65 39.64 19.88
C ALA B 28 -3.16 40.69 18.87
N LYS B 29 -4.07 41.13 18.00
CA LYS B 29 -3.83 42.26 17.10
C LYS B 29 -5.08 43.14 17.01
N ASN B 30 -4.87 44.45 17.03
CA ASN B 30 -5.94 45.45 16.89
C ASN B 30 -6.13 45.75 15.41
N LEU B 31 -7.31 45.43 14.87
CA LEU B 31 -7.63 45.65 13.45
C LEU B 31 -8.48 46.92 13.19
N GLY B 32 -8.61 47.78 14.20
CA GLY B 32 -9.43 48.99 14.09
C GLY B 32 -8.77 50.12 13.30
N GLU B 33 -9.21 51.35 13.56
CA GLU B 33 -8.77 52.54 12.82
C GLU B 33 -8.53 53.74 13.74
N GLY B 34 -7.45 54.48 13.46
CA GLY B 34 -7.16 55.76 14.12
C GLY B 34 -7.04 55.72 15.63
N ASN B 35 -8.11 56.13 16.32
CA ASN B 35 -8.10 56.31 17.79
C ASN B 35 -8.52 55.08 18.59
N MET B 36 -8.77 53.95 17.92
CA MET B 36 -9.14 52.71 18.61
C MET B 36 -7.90 52.06 19.26
N ARG B 37 -8.00 51.79 20.56
CA ARG B 37 -6.91 51.20 21.34
C ARG B 37 -7.35 49.88 21.97
N LEU B 38 -6.58 48.82 21.71
CA LEU B 38 -6.81 47.50 22.29
C LEU B 38 -6.00 47.38 23.58
N THR B 39 -6.66 46.91 24.64
CA THR B 39 -6.06 46.84 25.98
C THR B 39 -6.23 45.43 26.57
N GLY B 40 -5.11 44.71 26.67
CA GLY B 40 -5.09 43.35 27.23
C GLY B 40 -4.76 43.34 28.71
N LYS B 41 -5.38 42.41 29.44
CA LYS B 41 -5.12 42.23 30.88
C LYS B 41 -5.09 40.74 31.22
N LEU B 42 -3.90 40.17 31.28
CA LEU B 42 -3.71 38.76 31.67
C LEU B 42 -3.74 38.64 33.18
N VAL B 43 -4.88 38.17 33.71
CA VAL B 43 -5.09 38.04 35.16
C VAL B 43 -5.05 36.57 35.54
N ARG B 44 -4.24 36.24 36.56
CA ARG B 44 -3.95 34.85 36.92
C ARG B 44 -5.03 34.20 37.81
N TYR B 45 -5.10 32.88 37.76
CA TYR B 45 -5.95 32.09 38.65
C TYR B 45 -5.40 32.14 40.08
N GLY B 46 -6.31 32.23 41.06
CA GLY B 46 -5.95 32.16 42.48
C GLY B 46 -5.67 33.52 43.09
N ASP B 47 -4.55 34.13 42.70
CA ASP B 47 -4.08 35.41 43.29
C ASP B 47 -4.29 36.67 42.43
N ASN B 48 -4.77 36.49 41.19
CA ASN B 48 -5.08 37.59 40.27
C ASN B 48 -3.89 38.49 39.91
N LEU B 49 -2.69 37.90 39.86
CA LEU B 49 -1.49 38.61 39.41
C LEU B 49 -1.70 39.07 37.96
N THR B 50 -1.66 40.38 37.73
CA THR B 50 -2.05 40.96 36.45
C THR B 50 -0.86 41.55 35.69
N PHE B 51 -0.76 41.21 34.41
CA PHE B 51 0.13 41.87 33.46
C PHE B 51 -0.75 42.47 32.37
N SER B 52 -0.27 43.54 31.75
CA SER B 52 -1.06 44.27 30.75
C SER B 52 -0.24 45.01 29.72
N GLY B 53 -0.90 45.32 28.60
CA GLY B 53 -0.28 46.04 27.49
C GLY B 53 -1.34 46.71 26.63
N VAL B 54 -0.90 47.65 25.80
CA VAL B 54 -1.80 48.41 24.92
C VAL B 54 -1.25 48.39 23.49
N ALA B 55 -2.17 48.34 22.52
CA ALA B 55 -1.83 48.34 21.10
C ALA B 55 -2.67 49.35 20.33
N ASN B 56 -2.03 50.18 19.51
CA ASN B 56 -2.72 51.14 18.64
C ASN B 56 -3.27 50.41 17.41
N ALA B 57 -4.07 51.13 16.62
CA ALA B 57 -4.74 50.57 15.44
C ALA B 57 -3.75 49.96 14.44
N GLY B 58 -3.99 48.69 14.08
CA GLY B 58 -3.18 47.98 13.09
C GLY B 58 -1.85 47.45 13.59
N LYS B 59 -1.76 47.16 14.89
CA LYS B 59 -0.49 46.74 15.51
C LYS B 59 -0.67 45.61 16.52
N GLU B 60 0.43 44.92 16.79
CA GLU B 60 0.43 43.70 17.60
C GLU B 60 0.41 44.05 19.08
N LEU B 61 -0.50 43.41 19.83
CA LEU B 61 -0.57 43.54 21.28
C LEU B 61 0.42 42.56 21.92
N VAL B 62 1.47 43.10 22.55
CA VAL B 62 2.49 42.30 23.22
C VAL B 62 2.49 42.65 24.71
N ILE B 63 2.54 41.62 25.57
CA ILE B 63 2.53 41.80 27.03
C ILE B 63 3.68 41.04 27.67
N ASP B 64 4.44 41.72 28.53
CA ASP B 64 5.53 41.12 29.28
C ASP B 64 4.97 40.35 30.47
N VAL B 65 5.19 39.05 30.48
CA VAL B 65 4.73 38.17 31.55
C VAL B 65 5.96 37.55 32.23
N THR B 66 6.19 37.95 33.47
CA THR B 66 7.39 37.56 34.24
C THR B 66 7.19 36.34 35.15
N GLU B 67 5.99 35.75 35.14
CA GLU B 67 5.69 34.55 35.94
C GLU B 67 4.77 33.60 35.17
N LEU B 68 4.94 32.29 35.42
CA LEU B 68 4.11 31.25 34.81
C LEU B 68 2.73 31.24 35.46
N GLY B 69 1.72 30.73 34.73
CA GLY B 69 0.36 30.60 35.28
C GLY B 69 -0.75 30.40 34.26
N TYR B 70 -1.88 29.91 34.74
CA TYR B 70 -3.15 29.92 34.02
C TYR B 70 -3.78 31.32 34.11
N TYR B 71 -3.80 32.04 32.98
CA TYR B 71 -4.30 33.42 32.94
C TYR B 71 -5.64 33.52 32.22
N THR B 72 -6.40 34.56 32.57
CA THR B 72 -7.61 34.96 31.84
C THR B 72 -7.24 36.24 31.10
N LEU B 73 -7.33 36.21 29.77
CA LEU B 73 -6.99 37.35 28.92
C LEU B 73 -8.22 38.23 28.70
N GLU B 74 -8.29 39.35 29.43
CA GLU B 74 -9.38 40.34 29.26
C GLU B 74 -8.97 41.40 28.25
N LEU B 75 -9.57 41.34 27.07
CA LEU B 75 -9.31 42.31 25.99
C LEU B 75 -10.45 43.33 25.90
N THR B 76 -10.10 44.59 25.66
CA THR B 76 -11.07 45.68 25.55
C THR B 76 -10.64 46.66 24.46
N LEU B 77 -11.34 46.64 23.33
CA LEU B 77 -11.16 47.63 22.26
C LEU B 77 -12.04 48.84 22.57
N ALA B 78 -11.49 50.04 22.41
CA ALA B 78 -12.21 51.27 22.73
C ALA B 78 -11.62 52.50 22.03
N ASP B 79 -12.49 53.44 21.68
CA ASP B 79 -12.11 54.74 21.13
C ASP B 79 -12.29 55.77 22.25
N ASN B 80 -11.18 56.31 22.74
CA ASN B 80 -11.14 57.24 23.88
C ASN B 80 -11.83 56.68 25.15
N GLU B 81 -13.14 56.85 25.28
CA GLU B 81 -13.88 56.46 26.48
C GLU B 81 -15.22 55.76 26.18
N ASN B 82 -15.32 55.12 25.00
CA ASN B 82 -16.50 54.36 24.58
C ASN B 82 -16.08 52.94 24.20
N ILE B 83 -16.65 51.95 24.89
CA ILE B 83 -16.31 50.53 24.68
C ILE B 83 -16.98 50.03 23.40
N ILE B 84 -16.18 49.41 22.52
CA ILE B 84 -16.65 48.90 21.23
C ILE B 84 -16.86 47.38 21.28
N GLN B 85 -15.82 46.66 21.71
CA GLN B 85 -15.83 45.20 21.70
C GLN B 85 -14.98 44.64 22.85
N THR B 86 -15.54 43.69 23.59
CA THR B 86 -14.81 42.96 24.64
C THR B 86 -14.70 41.48 24.26
N ALA B 87 -13.62 40.86 24.71
CA ALA B 87 -13.36 39.44 24.45
C ALA B 87 -12.59 38.85 25.62
N VAL B 88 -13.06 37.71 26.12
CA VAL B 88 -12.44 37.02 27.26
C VAL B 88 -12.14 35.58 26.87
N VAL B 89 -10.85 35.22 26.92
CA VAL B 89 -10.40 33.84 26.71
C VAL B 89 -9.28 33.51 27.70
N ASN B 90 -9.12 32.23 28.00
CA ASN B 90 -8.01 31.79 28.84
C ASN B 90 -6.73 31.73 28.00
N TYR B 91 -5.60 31.91 28.68
CA TYR B 91 -4.28 31.92 28.04
C TYR B 91 -3.27 31.25 28.97
N ALA B 92 -2.58 30.22 28.47
CA ALA B 92 -1.71 29.37 29.30
C ALA B 92 -0.23 29.71 29.11
N VAL B 93 0.42 30.18 30.18
CA VAL B 93 1.87 30.39 30.20
C VAL B 93 2.50 29.23 30.97
N VAL B 94 3.02 28.27 30.22
CA VAL B 94 3.48 26.99 30.79
C VAL B 94 5.01 26.92 30.87
N PRO B 95 5.55 26.08 31.78
CA PRO B 95 7.01 25.93 31.83
C PRO B 95 7.56 25.22 30.60
N GLU B 96 8.65 25.76 30.05
CA GLU B 96 9.33 25.14 28.91
C GLU B 96 10.06 23.89 29.38
N ILE B 97 10.00 22.84 28.57
CA ILE B 97 10.59 21.55 28.90
C ILE B 97 11.60 21.19 27.81
N ILE B 98 12.79 20.79 28.24
CA ILE B 98 13.85 20.33 27.33
C ILE B 98 13.42 18.98 26.75
N ASP B 99 13.78 18.75 25.48
CA ASP B 99 13.36 17.56 24.73
C ASP B 99 13.68 16.24 25.44
N GLU B 100 14.94 16.09 25.86
CA GLU B 100 15.39 14.88 26.57
C GLU B 100 14.67 14.66 27.93
N GLU B 101 14.27 15.76 28.58
CA GLU B 101 13.60 15.71 29.89
C GLU B 101 12.07 15.53 29.87
N ARG B 102 11.45 15.37 28.69
CA ARG B 102 10.00 15.17 28.61
C ARG B 102 9.61 13.76 29.09
N PRO B 103 8.49 13.65 29.84
CA PRO B 103 8.04 12.33 30.33
C PRO B 103 7.74 11.32 29.22
N LEU B 104 8.50 10.22 29.20
CA LEU B 104 8.33 9.16 28.20
C LEU B 104 7.04 8.36 28.35
N ASP B 105 6.45 8.36 29.55
CA ASP B 105 5.20 7.66 29.85
C ASP B 105 3.91 8.50 29.72
N MET B 106 4.04 9.79 29.43
CA MET B 106 2.87 10.67 29.28
C MET B 106 2.40 10.70 27.82
N GLY B 107 1.17 10.25 27.61
CA GLY B 107 0.52 10.30 26.30
C GLY B 107 -0.82 11.00 26.35
N VAL B 108 -1.44 11.17 25.18
CA VAL B 108 -2.76 11.80 25.09
C VAL B 108 -3.50 11.33 23.84
N CYS B 109 -4.81 11.16 23.97
CA CYS B 109 -5.67 10.72 22.86
C CYS B 109 -6.02 11.92 21.99
N VAL B 110 -5.72 11.84 20.70
CA VAL B 110 -5.89 12.97 19.78
C VAL B 110 -6.77 12.57 18.59
N HIS B 111 -7.88 13.27 18.43
CA HIS B 111 -8.74 13.14 17.24
C HIS B 111 -8.28 14.14 16.19
N PRO B 112 -8.73 13.98 14.92
CA PRO B 112 -8.35 14.95 13.89
C PRO B 112 -8.74 16.39 14.26
N PRO B 113 -7.82 17.36 14.09
CA PRO B 113 -8.16 18.76 14.35
C PRO B 113 -9.35 19.22 13.52
N LYS B 114 -10.26 19.96 14.13
CA LYS B 114 -11.50 20.38 13.46
C LYS B 114 -11.26 21.49 12.43
N ASP B 115 -10.12 22.20 12.56
CA ASP B 115 -9.66 23.17 11.55
C ASP B 115 -8.57 22.61 10.62
N ASN B 116 -8.35 21.29 10.64
CA ASN B 116 -7.35 20.60 9.79
C ASN B 116 -5.90 21.10 9.89
N ASP B 117 -5.56 21.85 10.94
CA ASP B 117 -4.22 22.39 11.12
C ASP B 117 -3.46 21.45 12.07
N TYR B 118 -2.71 20.53 11.48
CA TYR B 118 -2.02 19.49 12.24
C TYR B 118 -0.81 20.00 13.01
N SER B 119 -0.01 20.87 12.38
CA SER B 119 1.18 21.43 13.02
C SER B 119 0.80 22.32 14.22
N LYS B 120 -0.29 23.09 14.10
CA LYS B 120 -0.79 23.91 15.21
C LYS B 120 -1.20 23.07 16.40
N THR B 121 -2.04 22.07 16.15
CA THR B 121 -2.49 21.13 17.18
C THR B 121 -1.30 20.44 17.86
N PHE B 122 -0.30 20.04 17.08
CA PHE B 122 0.87 19.33 17.63
C PHE B 122 1.89 20.22 18.34
N ARG B 123 1.92 21.52 18.03
CA ARG B 123 2.62 22.50 18.87
C ARG B 123 1.98 22.56 20.26
N LEU B 124 0.65 22.64 20.28
CA LEU B 124 -0.11 22.65 21.53
C LEU B 124 0.04 21.36 22.34
N ILE B 125 0.12 20.21 21.66
CA ILE B 125 0.39 18.92 22.33
C ILE B 125 1.81 18.91 22.91
N ARG B 126 2.78 19.40 22.14
CA ARG B 126 4.19 19.48 22.58
C ARG B 126 4.36 20.33 23.85
N MET B 127 3.73 21.50 23.88
CA MET B 127 3.85 22.43 25.02
C MET B 127 3.20 21.91 26.31
N ALA B 128 2.26 20.97 26.19
CA ALA B 128 1.66 20.30 27.36
C ALA B 128 2.56 19.20 27.97
N GLY B 129 3.64 18.83 27.28
CA GLY B 129 4.64 17.90 27.83
C GLY B 129 4.56 16.46 27.37
N PHE B 130 3.60 16.14 26.50
CA PHE B 130 3.39 14.76 26.05
C PHE B 130 4.45 14.33 25.03
N THR B 131 4.88 13.07 25.14
CA THR B 131 5.80 12.44 24.20
C THR B 131 5.13 11.35 23.35
N ARG B 132 3.84 11.11 23.58
CA ARG B 132 3.07 10.09 22.86
C ARG B 132 1.70 10.62 22.49
N ILE B 133 1.15 10.12 21.39
CA ILE B 133 -0.25 10.39 21.03
C ILE B 133 -0.95 9.10 20.59
N ARG B 134 -2.26 9.07 20.77
CA ARG B 134 -3.08 7.93 20.36
C ARG B 134 -4.20 8.41 19.43
N THR B 135 -4.34 7.74 18.28
CA THR B 135 -5.43 8.05 17.35
C THR B 135 -5.91 6.79 16.62
N ASP B 136 -7.08 6.90 16.00
CA ASP B 136 -7.74 5.77 15.34
C ASP B 136 -7.30 5.61 13.89
N LEU B 137 -7.17 4.35 13.47
CA LEU B 137 -7.04 4.00 12.06
C LEU B 137 -8.11 2.96 11.73
N ALA B 138 -9.18 3.39 11.07
CA ALA B 138 -10.27 2.50 10.71
C ALA B 138 -9.85 1.53 9.61
N TRP B 139 -10.24 0.26 9.75
CA TRP B 139 -10.03 -0.78 8.74
C TRP B 139 -10.73 -0.41 7.42
N GLU B 140 -11.91 0.22 7.51
CA GLU B 140 -12.61 0.78 6.35
C GLU B 140 -11.74 1.71 5.48
N HIS B 141 -10.89 2.52 6.11
CA HIS B 141 -10.05 3.48 5.38
C HIS B 141 -8.76 2.88 4.84
N VAL B 142 -8.25 1.82 5.48
CA VAL B 142 -7.11 1.10 4.93
C VAL B 142 -7.55 0.24 3.72
N GLU B 143 -8.72 -0.38 3.82
CA GLU B 143 -9.25 -1.26 2.76
C GLU B 143 -10.68 -0.80 2.36
N PRO B 144 -10.78 0.33 1.64
CA PRO B 144 -12.10 0.86 1.22
C PRO B 144 -12.81 0.02 0.15
N ALA B 145 -12.04 -0.76 -0.61
CA ALA B 145 -12.58 -1.80 -1.49
C ALA B 145 -11.78 -3.09 -1.26
N LYS B 146 -12.44 -4.22 -1.50
CA LYS B 146 -11.85 -5.54 -1.25
C LYS B 146 -10.49 -5.70 -1.96
N GLY B 147 -9.44 -5.96 -1.18
CA GLY B 147 -8.10 -6.19 -1.73
C GLY B 147 -7.28 -4.96 -2.13
N LYS B 148 -7.88 -3.77 -2.05
CA LYS B 148 -7.23 -2.51 -2.46
C LYS B 148 -6.78 -1.73 -1.23
N TYR B 149 -5.50 -1.86 -0.87
CA TYR B 149 -4.96 -1.22 0.32
C TYR B 149 -4.44 0.20 0.05
N VAL B 150 -4.74 1.12 0.96
CA VAL B 150 -4.22 2.50 0.92
C VAL B 150 -3.93 2.98 2.34
N MET B 151 -2.97 3.89 2.48
CA MET B 151 -2.72 4.58 3.74
C MET B 151 -3.40 5.95 3.65
N PRO B 152 -4.51 6.17 4.41
CA PRO B 152 -5.24 7.43 4.27
C PRO B 152 -4.43 8.67 4.68
N GLU B 153 -4.84 9.83 4.16
CA GLU B 153 -4.05 11.06 4.27
C GLU B 153 -3.82 11.48 5.73
N HIS B 154 -4.89 11.44 6.54
CA HIS B 154 -4.79 11.83 7.95
C HIS B 154 -3.74 11.04 8.76
N MET B 155 -3.49 9.79 8.40
CA MET B 155 -2.42 8.99 9.02
C MET B 155 -1.03 9.53 8.72
N TYR B 156 -0.79 9.91 7.47
CA TYR B 156 0.48 10.57 7.10
C TYR B 156 0.64 11.90 7.84
N GLN B 157 -0.44 12.64 8.00
CA GLN B 157 -0.43 13.91 8.73
C GLN B 157 -0.20 13.74 10.23
N PHE B 158 -0.79 12.71 10.82
CA PHE B 158 -0.57 12.40 12.25
C PHE B 158 0.88 12.03 12.53
N VAL B 159 1.42 11.11 11.73
CA VAL B 159 2.79 10.62 11.93
C VAL B 159 3.84 11.68 11.58
N SER B 160 3.56 12.52 10.57
CA SER B 160 4.45 13.64 10.22
C SER B 160 4.50 14.70 11.31
N ALA B 161 3.32 15.12 11.78
CA ALA B 161 3.22 16.11 12.85
C ALA B 161 3.82 15.62 14.16
N SER B 162 3.68 14.31 14.43
CA SER B 162 4.31 13.67 15.57
C SER B 162 5.83 13.71 15.48
N GLU B 163 6.38 13.35 14.32
CA GLU B 163 7.84 13.35 14.10
C GLU B 163 8.49 14.72 14.25
N LYS B 164 7.80 15.77 13.83
CA LYS B 164 8.31 17.15 13.96
C LYS B 164 8.40 17.62 15.42
N GLU B 165 7.55 17.09 16.29
CA GLU B 165 7.54 17.44 17.71
C GLU B 165 8.11 16.34 18.63
N GLY B 166 8.83 15.37 18.07
CA GLY B 166 9.45 14.29 18.84
C GLY B 166 8.50 13.38 19.58
N ILE B 167 7.33 13.13 18.99
CA ILE B 167 6.25 12.35 19.62
C ILE B 167 6.13 10.98 18.97
N LYS B 168 5.96 9.94 19.79
CA LYS B 168 5.78 8.56 19.32
C LYS B 168 4.30 8.25 19.13
N PRO B 169 3.83 8.05 17.88
CA PRO B 169 2.40 7.74 17.71
C PRO B 169 2.06 6.30 18.09
N LEU B 170 0.95 6.13 18.83
CA LEU B 170 0.33 4.84 19.07
C LEU B 170 -0.97 4.82 18.27
N ILE B 171 -1.22 3.77 17.51
CA ILE B 171 -2.39 3.70 16.63
C ILE B 171 -3.30 2.55 17.03
N VAL B 172 -4.59 2.84 17.19
CA VAL B 172 -5.59 1.83 17.52
C VAL B 172 -6.34 1.44 16.23
N PHE B 173 -5.99 0.27 15.69
CA PHE B 173 -6.57 -0.24 14.44
C PHE B 173 -7.81 -1.07 14.75
N GLY B 174 -8.92 -0.78 14.07
CA GLY B 174 -10.13 -1.56 14.28
C GLY B 174 -11.36 -1.07 13.52
N TYR B 175 -12.52 -1.34 14.12
CA TYR B 175 -13.86 -1.15 13.54
C TYR B 175 -14.15 -2.04 12.33
N ALA B 176 -15.36 -2.61 12.31
CA ALA B 176 -15.76 -3.60 11.31
C ALA B 176 -15.81 -3.02 9.90
N ASN B 177 -15.10 -3.67 8.98
CA ASN B 177 -15.09 -3.31 7.56
C ASN B 177 -16.14 -4.15 6.81
N ALA B 178 -17.40 -3.75 6.94
CA ALA B 178 -18.51 -4.41 6.25
C ALA B 178 -18.52 -4.14 4.75
N ILE B 179 -17.85 -3.07 4.33
CA ILE B 179 -17.76 -2.70 2.91
C ILE B 179 -17.03 -3.79 2.14
N ALA B 180 -15.82 -4.13 2.59
CA ALA B 180 -15.00 -5.18 1.95
C ALA B 180 -15.42 -6.60 2.34
N TYR B 181 -15.85 -6.78 3.59
CA TYR B 181 -16.22 -8.11 4.13
C TYR B 181 -17.63 -8.07 4.70
N PRO B 182 -18.66 -8.05 3.83
CA PRO B 182 -20.04 -8.09 4.31
C PRO B 182 -20.48 -9.42 4.95
N ASN B 183 -19.74 -10.50 4.70
CA ASN B 183 -19.98 -11.80 5.33
C ASN B 183 -19.08 -12.08 6.56
N GLY B 184 -18.27 -11.11 6.98
CA GLY B 184 -17.27 -11.32 8.03
C GLY B 184 -17.69 -11.07 9.47
N PHE B 185 -18.93 -10.61 9.69
CA PHE B 185 -19.39 -10.17 11.01
C PHE B 185 -20.82 -10.65 11.29
N PRO B 186 -21.02 -11.98 11.38
CA PRO B 186 -22.36 -12.55 11.54
C PRO B 186 -23.03 -12.32 12.91
N THR B 187 -22.27 -12.44 13.99
CA THR B 187 -22.80 -12.34 15.36
C THR B 187 -22.53 -10.98 16.03
N ILE B 188 -21.29 -10.51 15.95
CA ILE B 188 -20.84 -9.26 16.61
C ILE B 188 -20.04 -8.38 15.64
N PRO B 189 -19.97 -7.06 15.91
CA PRO B 189 -19.15 -6.17 15.05
C PRO B 189 -17.65 -6.38 15.32
N PHE B 190 -17.16 -7.54 14.87
CA PHE B 190 -15.83 -8.03 15.19
C PHE B 190 -15.57 -9.28 14.32
N PRO B 191 -14.40 -9.39 13.69
CA PRO B 191 -14.18 -10.50 12.75
C PRO B 191 -14.16 -11.87 13.44
N THR B 192 -15.12 -12.74 13.10
CA THR B 192 -15.22 -14.09 13.68
C THR B 192 -15.13 -15.27 12.69
N THR B 193 -15.06 -15.01 11.38
CA THR B 193 -14.80 -16.06 10.38
C THR B 193 -13.30 -16.10 10.06
N GLU B 194 -12.84 -17.21 9.49
CA GLU B 194 -11.42 -17.39 9.13
C GLU B 194 -10.90 -16.30 8.19
N GLU B 195 -11.73 -15.94 7.21
CA GLU B 195 -11.35 -14.97 6.19
C GLU B 195 -11.27 -13.54 6.76
N SER B 196 -12.30 -13.14 7.51
CA SER B 196 -12.35 -11.79 8.09
C SER B 196 -11.25 -11.54 9.14
N ARG B 197 -10.88 -12.57 9.90
CA ARG B 197 -9.72 -12.51 10.79
C ARG B 197 -8.44 -12.29 10.01
N LEU B 198 -8.29 -13.03 8.91
CA LEU B 198 -7.14 -12.91 8.02
C LEU B 198 -7.14 -11.55 7.30
N GLY B 199 -8.32 -11.07 6.93
CA GLY B 199 -8.48 -9.75 6.31
C GLY B 199 -8.07 -8.62 7.23
N CYS B 200 -8.48 -8.71 8.50
CA CYS B 200 -8.08 -7.76 9.54
C CYS B 200 -6.58 -7.77 9.77
N ALA B 201 -5.99 -8.96 9.79
CA ALA B 201 -4.54 -9.13 9.94
C ALA B 201 -3.76 -8.52 8.78
N ASN B 202 -4.20 -8.82 7.56
CA ASN B 202 -3.52 -8.35 6.35
C ASN B 202 -3.65 -6.84 6.15
N ALA B 203 -4.82 -6.29 6.48
CA ALA B 203 -5.03 -4.84 6.44
C ALA B 203 -4.15 -4.10 7.45
N LEU B 204 -4.04 -4.63 8.67
CA LEU B 204 -3.15 -4.08 9.69
C LEU B 204 -1.69 -4.27 9.30
N ALA B 205 -1.36 -5.46 8.79
CA ALA B 205 0.01 -5.78 8.36
C ALA B 205 0.51 -4.80 7.29
N TYR B 206 -0.38 -4.43 6.36
CA TYR B 206 -0.06 -3.42 5.34
C TYR B 206 0.33 -2.08 5.98
N ALA B 207 -0.50 -1.61 6.91
CA ALA B 207 -0.26 -0.35 7.63
C ALA B 207 1.02 -0.39 8.46
N VAL B 208 1.29 -1.54 9.08
CA VAL B 208 2.51 -1.75 9.86
C VAL B 208 3.76 -1.68 8.97
N LYS B 209 3.70 -2.37 7.83
CA LYS B 209 4.79 -2.41 6.85
C LYS B 209 5.04 -1.03 6.25
N GLU B 210 3.97 -0.35 5.86
CA GLU B 210 4.01 0.99 5.27
C GLU B 210 4.63 2.03 6.20
N MET B 211 4.30 1.98 7.49
CA MET B 211 4.86 2.91 8.48
C MET B 211 6.23 2.49 8.97
N GLY B 212 6.45 1.19 9.17
CA GLY B 212 7.72 0.68 9.69
C GLY B 212 7.92 1.11 11.14
N ASN B 213 9.11 1.63 11.44
CA ASN B 213 9.44 2.13 12.78
C ASN B 213 9.08 3.60 13.02
N ARG B 214 8.30 4.19 12.10
CA ARG B 214 7.64 5.48 12.36
C ARG B 214 6.50 5.31 13.38
N VAL B 215 5.93 4.10 13.43
CA VAL B 215 4.92 3.72 14.42
C VAL B 215 5.33 2.39 15.05
N THR B 216 5.77 2.42 16.32
CA THR B 216 6.21 1.21 17.04
C THR B 216 5.18 0.63 18.02
N GLU B 217 4.06 1.32 18.24
CA GLU B 217 2.99 0.82 19.12
C GLU B 217 1.68 0.72 18.34
N TRP B 218 1.21 -0.52 18.13
CA TRP B 218 -0.03 -0.80 17.42
C TRP B 218 -0.98 -1.52 18.36
N GLU B 219 -2.17 -0.94 18.56
CA GLU B 219 -3.20 -1.48 19.44
C GLU B 219 -4.31 -2.10 18.59
N LEU B 220 -4.69 -3.34 18.90
CA LEU B 220 -5.67 -4.09 18.11
C LEU B 220 -7.10 -3.93 18.65
N TRP B 221 -7.87 -3.05 17.99
CA TRP B 221 -9.29 -2.82 18.25
C TRP B 221 -9.55 -1.97 19.50
N ASN B 222 -10.54 -1.09 19.43
CA ASN B 222 -10.88 -0.21 20.55
C ASN B 222 -12.10 -0.73 21.30
N GLU B 223 -11.92 -0.98 22.60
CA GLU B 223 -12.96 -1.50 23.49
C GLU B 223 -13.86 -2.57 22.85
N PRO B 224 -13.28 -3.73 22.48
CA PRO B 224 -14.07 -4.86 21.99
C PRO B 224 -14.74 -5.63 23.14
N ASN B 225 -15.73 -5.00 23.78
CA ASN B 225 -16.45 -5.60 24.91
C ASN B 225 -17.33 -6.74 24.44
N TYR B 226 -18.04 -6.51 23.33
CA TYR B 226 -18.78 -7.54 22.57
C TYR B 226 -18.00 -8.83 22.24
N ALA B 227 -16.68 -8.75 22.11
CA ALA B 227 -15.84 -9.93 21.84
C ALA B 227 -15.39 -10.61 23.14
N ASP B 228 -15.70 -11.89 23.28
CA ASP B 228 -15.20 -12.71 24.38
C ASP B 228 -13.68 -12.85 24.24
N PRO B 229 -12.91 -12.60 25.32
CA PRO B 229 -11.44 -12.71 25.26
C PRO B 229 -10.90 -14.04 24.70
N VAL B 230 -11.53 -15.16 25.08
CA VAL B 230 -11.03 -16.50 24.74
C VAL B 230 -11.62 -16.97 23.40
N LYS B 231 -12.94 -16.82 23.24
CA LYS B 231 -13.65 -17.36 22.07
C LYS B 231 -13.54 -16.47 20.83
N ASP B 232 -13.71 -15.16 21.01
CA ASP B 232 -13.71 -14.21 19.89
C ASP B 232 -12.34 -13.56 19.66
N TYR B 233 -11.79 -12.95 20.70
CA TYR B 233 -10.58 -12.13 20.54
C TYR B 233 -9.30 -12.94 20.26
N LEU B 234 -9.10 -14.06 20.97
CA LEU B 234 -7.83 -14.82 20.87
C LEU B 234 -7.60 -15.47 19.49
N PRO B 235 -8.63 -16.06 18.87
CA PRO B 235 -8.48 -16.54 17.48
C PRO B 235 -8.12 -15.44 16.47
N LEU B 236 -8.72 -14.26 16.63
CA LEU B 236 -8.34 -13.08 15.83
C LEU B 236 -6.88 -12.73 16.08
N LEU B 237 -6.50 -12.63 17.35
CA LEU B 237 -5.12 -12.32 17.77
C LEU B 237 -4.10 -13.35 17.28
N LYS B 238 -4.47 -14.63 17.29
CA LYS B 238 -3.60 -15.71 16.80
C LYS B 238 -3.28 -15.62 15.30
N VAL B 239 -4.15 -14.99 14.52
CA VAL B 239 -3.88 -14.70 13.11
C VAL B 239 -3.10 -13.38 12.99
N VAL B 240 -3.57 -12.33 13.67
CA VAL B 240 -3.01 -10.98 13.55
C VAL B 240 -1.54 -10.89 13.99
N TYR B 241 -1.22 -11.45 15.16
CA TYR B 241 0.12 -11.33 15.73
C TYR B 241 1.25 -11.87 14.85
N PRO B 242 1.17 -13.15 14.42
CA PRO B 242 2.26 -13.64 13.55
C PRO B 242 2.35 -12.92 12.19
N THR B 243 1.22 -12.54 11.61
CA THR B 243 1.19 -11.79 10.35
C THR B 243 1.88 -10.44 10.47
N VAL B 244 1.56 -9.71 11.53
CA VAL B 244 2.08 -8.36 11.76
C VAL B 244 3.55 -8.38 12.18
N LYS B 245 3.93 -9.31 13.07
CA LYS B 245 5.32 -9.41 13.54
C LYS B 245 6.30 -9.90 12.47
N LYS B 246 5.80 -10.72 11.55
CA LYS B 246 6.57 -11.20 10.39
C LYS B 246 7.07 -10.05 9.50
N VAL B 247 6.28 -8.98 9.38
CA VAL B 247 6.61 -7.83 8.52
C VAL B 247 7.27 -6.67 9.30
N ASN B 248 7.02 -6.57 10.61
CA ASN B 248 7.78 -5.68 11.49
C ASN B 248 7.87 -6.25 12.92
N PRO B 249 9.01 -6.89 13.27
CA PRO B 249 9.17 -7.46 14.61
C PRO B 249 9.51 -6.44 15.69
N ASP B 250 9.97 -5.24 15.30
CA ASP B 250 10.36 -4.21 16.27
C ASP B 250 9.20 -3.54 17.01
N ILE B 251 7.96 -3.76 16.56
CA ILE B 251 6.79 -3.14 17.21
C ILE B 251 6.40 -3.81 18.53
N THR B 252 5.52 -3.13 19.25
CA THR B 252 4.81 -3.71 20.39
C THR B 252 3.34 -3.82 19.97
N LEU B 253 2.88 -5.05 19.74
CA LEU B 253 1.47 -5.30 19.42
C LEU B 253 0.66 -5.38 20.71
N ILE B 254 -0.26 -4.44 20.89
CA ILE B 254 -1.06 -4.31 22.11
C ILE B 254 -2.43 -4.96 21.90
N SER B 255 -2.75 -5.98 22.69
CA SER B 255 -4.07 -6.61 22.66
C SER B 255 -5.02 -5.94 23.66
N GLY B 256 -6.21 -6.51 23.84
CA GLY B 256 -7.15 -6.03 24.86
C GLY B 256 -8.01 -4.88 24.38
N GLY B 257 -7.37 -3.74 24.10
CA GLY B 257 -8.08 -2.56 23.61
C GLY B 257 -8.93 -1.87 24.67
N GLY B 258 -8.61 -2.09 25.94
CA GLY B 258 -9.47 -1.63 27.03
C GLY B 258 -10.80 -2.36 27.11
N SER B 259 -10.79 -3.66 26.82
CA SER B 259 -11.95 -4.53 26.98
C SER B 259 -11.88 -5.21 28.34
N GLY B 260 -12.99 -5.81 28.74
CA GLY B 260 -13.18 -6.36 30.09
C GLY B 260 -14.06 -5.44 30.92
N ALA B 261 -14.43 -5.91 32.11
CA ALA B 261 -15.25 -5.13 33.05
C ALA B 261 -14.50 -3.89 33.56
N GLY B 262 -15.10 -2.72 33.37
CA GLY B 262 -14.49 -1.44 33.75
C GLY B 262 -13.22 -1.08 33.00
N GLY B 263 -13.06 -1.60 31.79
CA GLY B 263 -11.86 -1.39 30.99
C GLY B 263 -10.67 -2.29 31.31
N GLY B 264 -10.89 -3.33 32.12
CA GLY B 264 -9.85 -4.32 32.44
C GLY B 264 -8.84 -4.07 33.56
N PRO B 265 -9.13 -3.20 34.56
CA PRO B 265 -8.17 -3.03 35.66
C PRO B 265 -8.05 -4.26 36.58
N GLY B 266 -9.14 -5.02 36.74
CA GLY B 266 -9.11 -6.31 37.45
C GLY B 266 -8.46 -7.47 36.69
N GLY B 267 -8.16 -7.27 35.42
CA GLY B 267 -7.54 -8.29 34.57
C GLY B 267 -8.55 -9.13 33.81
N ALA B 268 -9.70 -8.55 33.50
CA ALA B 268 -10.82 -9.30 32.92
C ALA B 268 -10.56 -9.80 31.50
N PHE B 269 -9.79 -9.04 30.72
CA PHE B 269 -9.38 -9.47 29.38
C PHE B 269 -8.19 -10.42 29.45
N ILE B 270 -7.12 -9.99 30.10
CA ILE B 270 -5.82 -10.68 30.03
C ILE B 270 -5.79 -12.04 30.74
N ILE B 271 -6.49 -12.18 31.87
CA ILE B 271 -6.43 -13.42 32.67
C ILE B 271 -7.01 -14.64 31.93
N PRO B 272 -8.23 -14.53 31.34
CA PRO B 272 -8.73 -15.60 30.46
C PRO B 272 -7.79 -15.97 29.31
N VAL B 273 -7.16 -14.96 28.69
CA VAL B 273 -6.22 -15.18 27.58
C VAL B 273 -4.98 -15.94 28.05
N LEU B 274 -4.44 -15.57 29.22
CA LEU B 274 -3.30 -16.26 29.82
C LEU B 274 -3.63 -17.70 30.23
N ASP B 275 -4.82 -17.91 30.80
CA ASP B 275 -5.31 -19.26 31.14
C ASP B 275 -5.45 -20.14 29.90
N ALA B 276 -5.91 -19.56 28.80
CA ALA B 276 -6.06 -20.27 27.52
C ALA B 276 -4.74 -20.54 26.78
N GLY B 277 -3.60 -20.09 27.32
CA GLY B 277 -2.28 -20.38 26.76
C GLY B 277 -1.86 -19.40 25.67
N GLY B 278 -2.35 -18.16 25.75
CA GLY B 278 -2.12 -17.16 24.71
C GLY B 278 -1.17 -16.03 25.08
N VAL B 279 -0.21 -16.30 25.96
CA VAL B 279 0.77 -15.28 26.41
C VAL B 279 1.70 -14.81 25.27
N ASP B 280 2.10 -15.74 24.41
CA ASP B 280 3.05 -15.43 23.32
C ASP B 280 2.45 -14.63 22.15
N PHE B 281 1.13 -14.53 22.07
CA PHE B 281 0.46 -13.80 20.98
C PHE B 281 0.21 -12.31 21.28
N GLN B 282 0.86 -11.77 22.32
CA GLN B 282 1.02 -10.33 22.53
C GLN B 282 2.46 -9.98 22.86
N ASP B 283 2.79 -8.71 22.62
CA ASP B 283 3.91 -8.06 23.27
C ASP B 283 3.41 -7.31 24.51
N GLY B 284 2.16 -6.87 24.49
CA GLY B 284 1.49 -6.27 25.64
C GLY B 284 -0.02 -6.20 25.48
N TYR B 285 -0.72 -5.69 26.49
CA TYR B 285 -2.18 -5.45 26.42
C TYR B 285 -2.51 -4.08 26.99
N SER B 286 -3.76 -3.66 26.81
CA SER B 286 -4.20 -2.32 27.22
C SER B 286 -5.46 -2.32 28.08
N ILE B 287 -5.53 -1.34 28.98
CA ILE B 287 -6.68 -1.13 29.86
C ILE B 287 -7.22 0.29 29.76
N HIS B 288 -8.53 0.45 29.97
CA HIS B 288 -9.21 1.75 29.97
C HIS B 288 -9.86 2.00 31.35
N PRO B 289 -9.04 2.14 32.42
CA PRO B 289 -9.59 2.15 33.76
C PRO B 289 -10.20 3.49 34.17
N TYR B 290 -11.34 3.84 33.56
CA TYR B 290 -12.05 5.07 33.87
C TYR B 290 -12.59 5.04 35.30
N MET B 291 -12.26 6.06 36.08
CA MET B 291 -12.71 6.19 37.47
C MET B 291 -13.65 7.38 37.68
N ALA B 292 -13.96 8.14 36.63
CA ALA B 292 -14.74 9.37 36.78
C ALA B 292 -16.16 9.08 37.28
N PRO B 293 -16.73 9.92 38.15
CA PRO B 293 -16.14 11.18 38.60
C PRO B 293 -15.31 11.10 39.89
N ASN B 294 -14.88 9.90 40.28
CA ASN B 294 -14.15 9.71 41.55
C ASN B 294 -12.67 10.06 41.39
N THR B 295 -11.97 10.14 42.52
CA THR B 295 -10.55 10.48 42.53
C THR B 295 -9.70 9.33 41.99
N PRO B 296 -8.49 9.63 41.47
CA PRO B 296 -7.54 8.55 41.13
C PRO B 296 -6.94 7.86 42.36
N ASP B 297 -6.98 8.53 43.51
CA ASP B 297 -6.43 8.00 44.76
C ASP B 297 -7.28 6.83 45.28
N PHE B 298 -8.59 7.02 45.30
CA PHE B 298 -9.55 6.05 45.87
C PHE B 298 -10.43 5.37 44.84
N GLY B 299 -10.99 6.14 43.91
CA GLY B 299 -11.78 5.59 42.80
C GLY B 299 -13.13 5.01 43.23
N TYR B 300 -13.41 3.78 42.81
CA TYR B 300 -14.69 3.11 43.11
C TYR B 300 -14.49 1.66 43.57
N ALA B 301 -15.52 1.12 44.22
CA ALA B 301 -15.48 -0.24 44.78
C ALA B 301 -15.78 -1.28 43.70
N GLY B 302 -14.94 -2.32 43.64
CA GLY B 302 -15.11 -3.40 42.67
C GLY B 302 -16.24 -4.34 43.05
N THR B 303 -16.84 -4.98 42.05
CA THR B 303 -17.97 -5.89 42.27
C THR B 303 -17.54 -7.21 42.91
N GLY B 304 -16.84 -8.05 42.14
CA GLY B 304 -16.37 -9.36 42.63
C GLY B 304 -15.19 -9.93 41.87
N GLY B 305 -14.21 -9.08 41.59
CA GLY B 305 -12.96 -9.49 40.95
C GLY B 305 -11.87 -9.71 41.99
N PRO B 306 -10.62 -9.92 41.53
CA PRO B 306 -9.47 -9.99 42.46
C PRO B 306 -9.12 -8.65 43.14
N ILE B 307 -9.62 -7.53 42.62
CA ILE B 307 -9.38 -6.20 43.17
C ILE B 307 -10.54 -5.78 44.09
N PRO B 308 -10.23 -5.25 45.29
CA PRO B 308 -11.29 -4.70 46.15
C PRO B 308 -11.79 -3.31 45.72
N ALA B 309 -10.88 -2.45 45.26
CA ALA B 309 -11.23 -1.10 44.81
C ALA B 309 -10.41 -0.70 43.58
N VAL B 310 -11.09 -0.20 42.54
CA VAL B 310 -10.43 0.24 41.30
C VAL B 310 -9.83 1.64 41.51
N ASN B 311 -8.53 1.67 41.77
CA ASN B 311 -7.77 2.93 41.84
C ASN B 311 -6.31 2.68 41.45
N ILE B 312 -5.58 3.77 41.22
CA ILE B 312 -4.20 3.68 40.74
C ILE B 312 -3.27 2.97 41.74
N PRO B 313 -3.39 3.28 43.06
CA PRO B 313 -2.57 2.55 44.04
C PRO B 313 -2.83 1.04 44.15
N THR B 314 -4.05 0.60 43.86
CA THR B 314 -4.39 -0.84 43.84
C THR B 314 -4.10 -1.50 42.49
N VAL B 315 -4.54 -0.86 41.41
CA VAL B 315 -4.51 -1.45 40.07
C VAL B 315 -3.11 -1.58 39.47
N TRP B 316 -2.28 -0.55 39.62
CA TRP B 316 -0.95 -0.53 38.98
C TRP B 316 -0.03 -1.67 39.48
N PRO B 317 0.18 -1.78 40.80
CA PRO B 317 1.03 -2.89 41.28
C PRO B 317 0.42 -4.30 41.14
N TYR B 318 -0.90 -4.40 40.97
CA TYR B 318 -1.57 -5.67 40.72
C TYR B 318 -1.22 -6.25 39.35
N LEU B 319 -1.45 -5.44 38.31
CA LEU B 319 -1.19 -5.85 36.92
C LEU B 319 0.30 -5.98 36.62
N LYS B 320 1.11 -5.23 37.36
CA LYS B 320 2.57 -5.37 37.35
C LYS B 320 3.00 -6.78 37.77
N LYS B 321 2.39 -7.29 38.83
CA LYS B 321 2.66 -8.65 39.31
C LYS B 321 2.15 -9.75 38.37
N ILE B 322 1.05 -9.48 37.67
CA ILE B 322 0.53 -10.40 36.64
C ILE B 322 1.57 -10.56 35.53
N SER B 323 2.15 -9.45 35.09
CA SER B 323 3.17 -9.45 34.03
C SER B 323 4.50 -10.08 34.47
N GLU B 324 4.89 -9.87 35.73
CA GLU B 324 6.10 -10.48 36.30
C GLU B 324 5.98 -12.01 36.45
N GLU B 325 4.81 -12.48 36.88
CA GLU B 325 4.58 -13.90 37.15
C GLU B 325 4.25 -14.73 35.88
N ASN B 326 3.56 -14.12 34.93
CA ASN B 326 3.18 -14.80 33.67
C ASN B 326 3.99 -14.26 32.49
N LEU B 327 5.24 -14.74 32.40
CA LEU B 327 6.16 -14.35 31.33
C LEU B 327 5.87 -15.07 30.02
N ARG B 328 6.45 -14.55 28.94
CA ARG B 328 6.40 -15.18 27.61
C ARG B 328 7.43 -16.30 27.54
N SER B 329 7.39 -17.08 26.46
CA SER B 329 8.34 -18.17 26.24
C SER B 329 9.79 -17.70 26.06
N ASP B 330 9.98 -16.45 25.64
CA ASP B 330 11.32 -15.84 25.51
C ASP B 330 11.67 -14.88 26.68
N LYS B 331 11.04 -15.08 27.85
CA LYS B 331 11.38 -14.41 29.12
C LYS B 331 10.96 -12.94 29.29
N LYS B 332 10.35 -12.32 28.26
CA LYS B 332 9.95 -10.90 28.32
C LYS B 332 8.56 -10.76 28.96
N GLU B 333 8.39 -9.70 29.75
CA GLU B 333 7.08 -9.39 30.35
C GLU B 333 6.14 -8.80 29.30
N LEU B 334 4.84 -9.02 29.49
CA LEU B 334 3.83 -8.29 28.72
C LEU B 334 3.76 -6.87 29.28
N SER B 335 3.99 -5.88 28.42
CA SER B 335 3.82 -4.48 28.81
C SER B 335 2.33 -4.15 28.97
N VAL B 336 2.02 -3.23 29.88
CA VAL B 336 0.65 -2.84 30.20
C VAL B 336 0.46 -1.38 29.80
N TRP B 337 -0.45 -1.12 28.86
CA TRP B 337 -0.63 0.22 28.28
C TRP B 337 -1.96 0.81 28.70
N VAL B 338 -1.94 1.92 29.43
CA VAL B 338 -3.16 2.60 29.84
C VAL B 338 -3.56 3.55 28.72
N THR B 339 -4.24 3.00 27.72
CA THR B 339 -4.50 3.73 26.46
C THR B 339 -5.65 4.74 26.52
N GLU B 340 -6.47 4.69 27.57
CA GLU B 340 -7.44 5.75 27.86
C GLU B 340 -7.66 5.87 29.37
N ILE B 341 -7.56 7.10 29.88
CA ILE B 341 -7.98 7.43 31.25
C ILE B 341 -8.27 8.92 31.30
N GLY B 342 -9.36 9.29 31.97
CA GLY B 342 -9.74 10.69 32.02
C GLY B 342 -10.96 11.05 32.82
N TRP B 343 -11.13 12.35 33.02
CA TRP B 343 -12.27 12.95 33.68
C TRP B 343 -12.76 14.06 32.77
N ASN B 344 -14.02 14.46 32.94
CA ASN B 344 -14.64 15.47 32.08
C ASN B 344 -15.26 16.60 32.90
N SER B 345 -15.50 17.72 32.24
CA SER B 345 -16.07 18.91 32.87
C SER B 345 -17.61 18.91 33.03
N THR B 346 -18.27 17.80 32.71
CA THR B 346 -19.71 17.63 32.97
C THR B 346 -19.96 17.01 34.35
N THR B 347 -19.37 15.84 34.59
CA THR B 347 -19.48 15.15 35.87
C THR B 347 -18.49 15.66 36.96
N ASN B 348 -17.53 16.51 36.56
CA ASN B 348 -16.64 17.20 37.50
C ASN B 348 -16.52 18.68 37.14
N LEU B 349 -15.91 19.44 38.04
CA LEU B 349 -15.54 20.83 37.79
C LEU B 349 -14.25 20.87 36.95
N ASP B 350 -14.04 21.96 36.21
CA ASP B 350 -12.80 22.17 35.44
C ASP B 350 -11.58 21.93 36.33
N ILE B 351 -11.57 22.58 37.50
CA ILE B 351 -10.43 22.50 38.42
C ILE B 351 -10.18 21.08 38.98
N GLU B 352 -11.24 20.29 39.12
CA GLU B 352 -11.11 18.88 39.55
C GLU B 352 -10.46 18.01 38.48
N GLN B 353 -10.82 18.24 37.22
CA GLN B 353 -10.19 17.56 36.08
C GLN B 353 -8.67 17.78 36.08
N ALA B 354 -8.27 19.04 36.33
CA ALA B 354 -6.86 19.43 36.41
C ALA B 354 -6.15 18.75 37.59
N ALA B 355 -6.80 18.78 38.75
CA ALA B 355 -6.29 18.11 39.95
C ALA B 355 -6.09 16.62 39.71
N TYR B 356 -7.12 15.97 39.17
CA TYR B 356 -7.07 14.52 38.92
C TYR B 356 -6.10 14.12 37.81
N LEU B 357 -5.89 15.01 36.83
CA LEU B 357 -4.86 14.78 35.80
C LEU B 357 -3.47 14.72 36.43
N ALA B 358 -3.12 15.74 37.22
CA ALA B 358 -1.82 15.80 37.87
C ALA B 358 -1.61 14.63 38.82
N ARG B 359 -2.62 14.34 39.63
CA ARG B 359 -2.58 13.22 40.58
C ARG B 359 -2.47 11.84 39.90
N THR B 360 -3.10 11.69 38.74
CA THR B 360 -2.99 10.46 37.93
C THR B 360 -1.53 10.16 37.58
N TYR B 361 -0.86 11.13 36.95
CA TYR B 361 0.52 10.93 36.49
C TYR B 361 1.55 10.85 37.63
N LEU B 362 1.28 11.54 38.73
CA LEU B 362 2.11 11.44 39.94
C LEU B 362 1.95 10.06 40.59
N LEU B 363 0.71 9.63 40.78
CA LEU B 363 0.43 8.28 41.31
C LEU B 363 0.89 7.16 40.35
N SER B 364 0.78 7.40 39.05
CA SER B 364 1.22 6.44 38.03
C SER B 364 2.73 6.19 38.10
N ARG B 365 3.50 7.27 38.25
CA ARG B 365 4.96 7.19 38.37
C ARG B 365 5.40 6.60 39.71
N ARG B 366 4.64 6.88 40.78
CA ARG B 366 4.86 6.28 42.09
C ARG B 366 4.82 4.76 41.98
N HIS B 367 3.75 4.25 41.37
CA HIS B 367 3.56 2.82 41.17
C HIS B 367 3.93 2.46 39.73
N TYR B 368 5.14 2.84 39.31
CA TYR B 368 5.54 2.74 37.89
C TYR B 368 5.47 1.31 37.35
N MET B 369 4.59 1.13 36.37
CA MET B 369 4.46 -0.14 35.63
C MET B 369 4.23 0.06 34.13
N SER B 370 3.38 1.02 33.75
CA SER B 370 3.04 1.28 32.36
C SER B 370 4.08 2.16 31.66
N PRO B 371 4.50 1.77 30.43
CA PRO B 371 5.35 2.67 29.63
C PRO B 371 4.59 3.80 28.91
N GLY B 372 3.26 3.81 28.97
CA GLY B 372 2.46 4.85 28.31
C GLY B 372 1.05 4.97 28.85
N VAL B 373 0.79 6.05 29.59
CA VAL B 373 -0.53 6.36 30.12
C VAL B 373 -1.09 7.53 29.31
N PHE B 374 -2.25 7.31 28.67
CA PHE B 374 -2.80 8.23 27.69
C PHE B 374 -4.07 8.91 28.18
N TRP B 375 -4.01 10.24 28.33
CA TRP B 375 -5.17 11.04 28.72
C TRP B 375 -6.22 11.06 27.61
N TYR B 376 -7.47 10.78 27.96
CA TYR B 376 -8.59 10.99 27.03
C TYR B 376 -9.30 12.28 27.41
N ASP B 377 -9.33 13.30 26.55
CA ASP B 377 -8.60 13.39 25.28
C ASP B 377 -8.01 14.80 25.14
N PHE B 378 -7.38 15.13 24.01
CA PHE B 378 -6.69 16.41 23.89
C PHE B 378 -7.63 17.60 23.77
N GLN B 379 -8.50 17.59 22.76
CA GLN B 379 -9.47 18.67 22.54
C GLN B 379 -10.90 18.21 22.91
N ASN B 380 -11.72 19.18 23.32
CA ASN B 380 -13.16 18.95 23.50
C ASN B 380 -13.81 18.65 22.16
N ASP B 381 -14.67 17.63 22.15
CA ASP B 381 -15.31 17.17 20.92
C ASP B 381 -16.53 17.99 20.50
N GLY B 382 -17.06 18.82 21.40
CA GLY B 382 -18.13 19.76 21.05
C GLY B 382 -18.40 20.81 22.11
N ASP B 383 -19.46 21.59 21.89
CA ASP B 383 -19.79 22.78 22.69
C ASP B 383 -21.02 22.59 23.58
N THR B 384 -21.26 21.36 24.02
CA THR B 384 -22.46 20.99 24.77
C THR B 384 -22.00 20.65 26.19
N PRO B 385 -22.35 21.51 27.18
CA PRO B 385 -21.82 21.32 28.54
C PRO B 385 -22.31 20.06 29.28
N ASP B 386 -23.51 19.58 28.96
CA ASP B 386 -24.11 18.39 29.61
C ASP B 386 -23.79 17.04 28.92
N ASN B 387 -23.11 17.08 27.78
CA ASN B 387 -22.64 15.86 27.08
C ASN B 387 -21.23 15.52 27.59
N ILE B 388 -21.08 14.38 28.26
CA ILE B 388 -19.78 14.02 28.86
C ILE B 388 -18.66 13.86 27.82
N GLU B 389 -19.02 13.41 26.61
CA GLU B 389 -18.05 13.17 25.53
C GLU B 389 -17.51 14.47 24.91
N HIS B 390 -18.24 15.57 25.08
CA HIS B 390 -17.81 16.89 24.59
C HIS B 390 -16.91 17.67 25.55
N ASN B 391 -16.56 17.10 26.71
CA ASN B 391 -15.88 17.83 27.78
C ASN B 391 -14.70 17.09 28.45
N PHE B 392 -14.13 16.10 27.77
CA PHE B 392 -12.94 15.39 28.28
C PHE B 392 -11.62 16.11 27.96
N GLY B 393 -11.67 17.20 27.19
CA GLY B 393 -10.47 17.83 26.64
C GLY B 393 -9.61 18.65 27.58
N LEU B 394 -8.36 18.86 27.17
CA LEU B 394 -7.45 19.83 27.77
C LEU B 394 -7.65 21.21 27.14
N LEU B 395 -8.00 21.23 25.84
CA LEU B 395 -8.43 22.43 25.14
C LEU B 395 -9.93 22.36 24.86
N ARG B 396 -10.52 23.54 24.62
CA ARG B 396 -11.89 23.64 24.15
C ARG B 396 -11.88 23.55 22.62
N SER B 397 -13.06 23.43 22.02
CA SER B 397 -13.19 23.50 20.54
C SER B 397 -12.74 24.86 20.01
N ASP B 398 -12.89 25.88 20.87
CA ASP B 398 -12.31 27.22 20.71
C ASP B 398 -10.76 27.25 20.53
N PHE B 399 -10.08 26.17 20.93
CA PHE B 399 -8.60 26.07 21.04
C PHE B 399 -8.02 26.82 22.25
N SER B 400 -8.89 27.32 23.14
CA SER B 400 -8.46 27.97 24.38
C SER B 400 -8.20 26.89 25.42
N PRO B 401 -7.15 27.06 26.26
CA PRO B 401 -6.83 26.03 27.24
C PRO B 401 -7.76 26.04 28.46
N LYS B 402 -8.00 24.85 29.00
CA LYS B 402 -8.69 24.66 30.26
C LYS B 402 -7.62 24.49 31.35
N PRO B 403 -8.00 24.56 32.64
CA PRO B 403 -7.04 24.34 33.74
C PRO B 403 -6.22 23.05 33.66
N SER B 404 -6.81 21.98 33.14
CA SER B 404 -6.13 20.69 32.98
C SER B 404 -4.92 20.76 32.04
N TYR B 405 -4.96 21.64 31.05
CA TYR B 405 -3.80 21.88 30.18
C TYR B 405 -2.60 22.36 30.98
N GLN B 406 -2.82 23.38 31.81
CA GLN B 406 -1.78 23.93 32.68
C GLN B 406 -1.21 22.91 33.64
N ALA B 407 -2.11 22.11 34.23
CA ALA B 407 -1.71 21.05 35.15
C ALA B 407 -0.82 19.99 34.48
N ALA B 408 -1.13 19.66 33.24
CA ALA B 408 -0.38 18.65 32.47
C ALA B 408 1.04 19.13 32.15
N ALA B 409 1.16 20.36 31.69
CA ALA B 409 2.47 20.95 31.35
C ALA B 409 3.36 21.08 32.59
N VAL B 410 2.77 21.51 33.71
CA VAL B 410 3.51 21.71 34.95
C VAL B 410 3.98 20.37 35.53
N VAL B 411 3.04 19.42 35.66
CA VAL B 411 3.38 18.11 36.23
C VAL B 411 4.39 17.34 35.36
N ALA B 412 4.33 17.55 34.04
CA ALA B 412 5.31 16.97 33.11
C ALA B 412 6.71 17.56 33.32
N SER B 413 6.78 18.89 33.47
CA SER B 413 8.05 19.58 33.74
C SER B 413 8.70 19.15 35.07
N LEU B 414 7.87 18.84 36.07
CA LEU B 414 8.36 18.35 37.36
C LEU B 414 8.68 16.86 37.36
N LEU B 415 7.80 16.04 36.77
CA LEU B 415 8.00 14.58 36.72
C LEU B 415 9.25 14.17 35.94
N LYS B 416 9.45 14.81 34.78
CA LYS B 416 10.54 14.47 33.86
C LYS B 416 10.59 12.95 33.67
N ASN B 417 11.73 12.31 33.94
CA ASN B 417 11.82 10.85 34.02
C ASN B 417 12.42 10.40 35.35
N TYR B 418 12.08 11.13 36.42
CA TYR B 418 12.52 10.79 37.77
C TYR B 418 11.79 9.54 38.26
N THR B 419 12.52 8.64 38.91
CA THR B 419 11.94 7.46 39.53
C THR B 419 11.42 7.79 40.91
N PHE B 420 10.48 6.97 41.39
CA PHE B 420 9.90 7.15 42.72
C PHE B 420 10.90 6.76 43.81
N GLN B 421 10.93 7.56 44.88
CA GLN B 421 11.90 7.39 45.97
C GLN B 421 11.24 6.87 47.24
N GLU B 422 10.27 7.62 47.77
CA GLU B 422 9.81 7.46 49.15
C GLU B 422 8.43 8.07 49.37
N THR B 423 7.65 7.46 50.27
CA THR B 423 6.39 8.00 50.77
C THR B 423 6.66 8.61 52.14
N LEU B 424 6.38 9.91 52.28
CA LEU B 424 6.48 10.59 53.57
C LEU B 424 5.15 10.48 54.31
N LEU B 425 4.07 10.85 53.63
CA LEU B 425 2.71 10.73 54.15
C LEU B 425 1.80 10.08 53.11
N ASP B 426 0.85 9.27 53.57
CA ASP B 426 -0.09 8.55 52.70
C ASP B 426 -1.51 8.66 53.25
N GLY B 427 -2.50 8.33 52.42
CA GLY B 427 -3.89 8.25 52.84
C GLY B 427 -4.71 9.45 52.38
N VAL B 428 -5.29 10.17 53.32
CA VAL B 428 -6.17 11.31 53.03
C VAL B 428 -5.33 12.45 52.47
N ASN B 429 -4.21 12.72 53.13
CA ASN B 429 -3.19 13.64 52.65
C ASN B 429 -2.00 12.83 52.16
N LYS B 430 -1.38 13.27 51.07
CA LYS B 430 -0.24 12.58 50.49
C LYS B 430 0.95 13.52 50.35
N VAL B 431 2.14 13.00 50.67
CA VAL B 431 3.40 13.70 50.45
C VAL B 431 4.38 12.68 49.88
N LEU B 432 4.73 12.84 48.60
CA LEU B 432 5.54 11.85 47.87
C LEU B 432 6.87 12.45 47.46
N ALA B 433 7.86 11.59 47.23
CA ALA B 433 9.22 12.01 46.86
C ALA B 433 9.69 11.30 45.58
N PHE B 434 10.16 12.08 44.62
CA PHE B 434 10.70 11.58 43.36
C PHE B 434 12.12 12.09 43.15
N GLY B 435 12.92 11.32 42.43
CA GLY B 435 14.31 11.68 42.19
C GLY B 435 15.07 10.78 41.23
N GLN B 436 16.37 10.62 41.48
CA GLN B 436 17.29 9.98 40.54
C GLN B 436 18.52 9.44 41.27
N ASP B 437 18.91 8.20 40.97
CA ASP B 437 20.08 7.53 41.59
C ASP B 437 20.06 7.58 43.13
N GLY B 438 18.90 7.30 43.72
CA GLY B 438 18.75 7.28 45.18
C GLY B 438 18.78 8.62 45.91
N GLU B 439 18.74 9.73 45.16
CA GLU B 439 18.74 11.08 45.74
C GLU B 439 17.46 11.80 45.28
N THR B 440 16.85 12.54 46.20
CA THR B 440 15.54 13.17 45.96
C THR B 440 15.67 14.52 45.26
N THR B 441 14.88 14.71 44.20
CA THR B 441 14.88 15.94 43.39
C THR B 441 13.69 16.84 43.70
N PHE B 442 12.50 16.27 43.89
CA PHE B 442 11.34 17.06 44.31
C PHE B 442 10.33 16.24 45.11
N TYR B 443 9.58 16.94 45.95
CA TYR B 443 8.47 16.36 46.69
C TYR B 443 7.19 16.96 46.12
N THR B 444 6.11 16.18 46.15
CA THR B 444 4.78 16.69 45.80
C THR B 444 3.83 16.41 46.96
N ALA B 445 2.81 17.25 47.10
CA ALA B 445 1.85 17.13 48.19
C ALA B 445 0.46 17.66 47.82
N TRP B 446 -0.55 16.87 48.16
CA TRP B 446 -1.96 17.25 47.97
C TRP B 446 -2.84 16.56 49.04
N THR B 447 -4.11 16.97 49.09
CA THR B 447 -5.10 16.36 49.97
C THR B 447 -6.32 15.93 49.16
N THR B 448 -6.92 14.80 49.54
CA THR B 448 -8.13 14.31 48.90
C THR B 448 -9.40 15.03 49.37
N LYS B 449 -9.31 15.76 50.48
CA LYS B 449 -10.43 16.56 51.00
C LYS B 449 -10.60 17.84 50.17
N ALA B 450 -11.84 18.12 49.76
CA ALA B 450 -12.14 19.12 48.73
C ALA B 450 -11.89 20.56 49.17
N GLU B 451 -12.34 20.89 50.39
CA GLU B 451 -12.13 22.23 50.97
C GLU B 451 -10.67 22.53 51.35
N GLY B 452 -9.84 21.49 51.50
CA GLY B 452 -8.41 21.65 51.76
C GLY B 452 -8.07 21.55 53.24
N THR B 453 -6.81 21.22 53.53
CA THR B 453 -6.31 21.11 54.91
C THR B 453 -4.89 21.68 55.02
N THR B 454 -4.40 21.77 56.26
CA THR B 454 -3.02 22.17 56.56
C THR B 454 -2.35 21.06 57.35
N ILE B 455 -1.06 20.83 57.10
CA ILE B 455 -0.27 19.82 57.82
C ILE B 455 1.14 20.30 58.15
N ARG B 456 1.76 19.65 59.14
CA ARG B 456 3.15 19.86 59.51
C ARG B 456 3.97 18.69 58.98
N VAL B 457 5.05 19.00 58.25
CA VAL B 457 5.96 17.99 57.70
C VAL B 457 7.38 18.38 58.08
N LYS B 458 8.12 17.45 58.70
CA LYS B 458 9.53 17.68 59.02
C LYS B 458 10.33 17.81 57.73
N ALA B 459 11.12 18.88 57.63
CA ALA B 459 11.93 19.15 56.44
C ALA B 459 12.96 18.02 56.22
N PRO B 460 12.81 17.22 55.14
CA PRO B 460 13.76 16.12 54.92
C PRO B 460 15.17 16.56 54.49
N THR B 461 15.24 17.61 53.68
CA THR B 461 16.50 18.32 53.37
C THR B 461 16.45 19.71 54.02
N ASP B 462 17.54 20.47 53.88
CA ASP B 462 17.62 21.84 54.42
C ASP B 462 16.55 22.74 53.79
N VAL B 463 16.02 23.67 54.59
CA VAL B 463 14.91 24.54 54.17
C VAL B 463 15.31 25.55 53.09
N ASP B 464 16.54 26.05 53.17
CA ASP B 464 17.05 27.02 52.18
C ASP B 464 17.13 26.45 50.76
N LYS B 465 17.36 25.13 50.66
CA LYS B 465 17.42 24.44 49.36
C LYS B 465 16.06 24.34 48.64
N LEU B 466 14.98 24.21 49.40
CA LEU B 466 13.65 23.96 48.81
C LEU B 466 13.02 25.20 48.18
N ARG B 467 12.22 24.99 47.12
CA ARG B 467 11.43 26.05 46.49
C ARG B 467 10.01 25.53 46.24
N LEU B 468 9.01 26.30 46.66
CA LEU B 468 7.61 25.88 46.64
C LEU B 468 6.90 26.33 45.35
N ILE B 469 6.51 25.35 44.53
CA ILE B 469 5.77 25.59 43.27
C ILE B 469 4.37 24.99 43.40
N ASP B 470 3.34 25.70 42.91
CA ASP B 470 1.96 25.18 42.92
C ASP B 470 1.61 24.50 41.58
N TRP B 471 0.36 24.04 41.46
CA TRP B 471 -0.12 23.30 40.27
C TRP B 471 0.06 24.01 38.92
N GLN B 472 -0.02 25.35 38.92
CA GLN B 472 0.07 26.16 37.70
C GLN B 472 1.49 26.69 37.38
N GLY B 473 2.50 26.16 38.07
CA GLY B 473 3.89 26.57 37.85
C GLY B 473 4.31 27.86 38.57
N CYS B 474 3.44 28.42 39.40
CA CYS B 474 3.69 29.66 40.10
C CYS B 474 4.41 29.38 41.42
N GLU B 475 5.40 30.22 41.74
CA GLU B 475 6.17 30.06 42.98
C GLU B 475 5.46 30.71 44.16
N MET B 476 5.39 30.01 45.29
CA MET B 476 4.73 30.50 46.51
C MET B 476 5.75 30.69 47.65
N PRO B 477 5.42 31.54 48.64
CA PRO B 477 6.26 31.64 49.84
C PRO B 477 6.13 30.41 50.74
N LEU B 478 7.27 29.89 51.21
CA LEU B 478 7.31 28.69 52.04
C LEU B 478 7.32 29.08 53.52
N THR B 479 6.32 28.60 54.27
CA THR B 479 6.17 28.89 55.70
C THR B 479 6.79 27.77 56.54
N VAL B 480 7.47 28.15 57.62
CA VAL B 480 8.16 27.20 58.51
C VAL B 480 7.82 27.51 59.98
N ASP B 481 7.83 26.47 60.81
CA ASP B 481 7.54 26.60 62.23
C ASP B 481 8.28 25.52 63.02
N ASN B 482 9.43 25.90 63.60
CA ASN B 482 10.26 25.02 64.44
C ASN B 482 10.83 23.81 63.66
N GLY B 483 11.34 24.09 62.45
CA GLY B 483 11.88 23.04 61.58
C GLY B 483 10.85 22.10 60.97
N TYR B 484 9.59 22.55 60.89
CA TYR B 484 8.50 21.79 60.29
C TYR B 484 7.83 22.68 59.23
N LEU B 485 7.69 22.13 58.02
CA LEU B 485 7.07 22.85 56.91
C LEU B 485 5.55 22.88 57.07
N VAL B 486 4.97 24.08 57.03
CA VAL B 486 3.53 24.27 57.17
C VAL B 486 2.90 24.44 55.77
N LEU B 487 2.52 23.30 55.17
CA LEU B 487 2.00 23.26 53.81
C LEU B 487 0.48 23.39 53.79
N ASN B 488 -0.04 24.31 52.99
CA ASN B 488 -1.48 24.49 52.80
C ASN B 488 -1.94 23.65 51.60
N LEU B 489 -2.35 22.41 51.87
CA LEU B 489 -2.70 21.45 50.83
C LEU B 489 -4.10 21.70 50.25
N SER B 490 -4.26 21.36 48.97
CA SER B 490 -5.58 21.32 48.31
C SER B 490 -5.64 20.09 47.40
N ILE B 491 -6.75 19.94 46.68
CA ILE B 491 -6.90 18.87 45.65
C ILE B 491 -5.85 19.01 44.55
N LEU B 492 -5.52 20.25 44.19
CA LEU B 492 -4.47 20.57 43.23
C LEU B 492 -3.11 20.37 43.90
N PRO B 493 -2.25 19.47 43.35
CA PRO B 493 -0.94 19.28 44.00
C PRO B 493 0.00 20.49 43.91
N GLN B 494 0.82 20.64 44.94
CA GLN B 494 1.92 21.59 44.97
C GLN B 494 3.23 20.80 45.04
N TYR B 495 4.35 21.49 44.83
CA TYR B 495 5.66 20.83 44.65
C TYR B 495 6.76 21.54 45.44
N LEU B 496 7.72 20.76 45.93
CA LEU B 496 8.88 21.28 46.64
C LEU B 496 10.16 20.88 45.90
N VAL B 497 10.67 21.81 45.08
CA VAL B 497 11.80 21.53 44.20
C VAL B 497 13.12 21.72 44.96
N VAL B 498 13.96 20.69 44.97
CA VAL B 498 15.25 20.72 45.67
C VAL B 498 16.27 21.54 44.85
N LYS B 499 16.69 22.67 45.40
CA LYS B 499 17.78 23.50 44.88
C LYS B 499 17.45 24.17 43.55
N LYS C 10 5.13 -30.67 18.03
CA LYS C 10 4.27 -29.95 17.06
C LYS C 10 3.05 -30.79 16.66
N ILE C 11 2.18 -30.20 15.84
CA ILE C 11 1.01 -30.90 15.29
C ILE C 11 1.28 -31.17 13.81
N GLN C 12 1.30 -32.46 13.43
CA GLN C 12 1.52 -32.86 12.04
C GLN C 12 0.18 -33.08 11.32
N LEU C 13 -0.02 -32.36 10.21
CA LEU C 13 -1.21 -32.49 9.37
C LEU C 13 -0.97 -33.53 8.28
N ASN C 14 -2.03 -33.95 7.60
CA ASN C 14 -1.95 -34.80 6.42
C ASN C 14 -1.52 -33.90 5.25
N PRO C 15 -0.58 -34.36 4.39
CA PRO C 15 -0.30 -33.61 3.15
C PRO C 15 -1.54 -33.42 2.26
N VAL C 16 -2.33 -34.48 2.10
CA VAL C 16 -3.58 -34.46 1.34
C VAL C 16 -4.74 -34.11 2.27
N LEU C 17 -5.24 -32.88 2.17
CA LEU C 17 -6.39 -32.41 2.97
C LEU C 17 -7.72 -32.46 2.20
N VAL C 18 -7.82 -33.40 1.24
CA VAL C 18 -9.03 -33.61 0.47
C VAL C 18 -9.31 -35.11 0.43
N SER C 19 -10.59 -35.48 0.53
CA SER C 19 -10.99 -36.88 0.49
C SER C 19 -12.37 -37.03 -0.13
N THR C 20 -12.53 -38.06 -0.96
CA THR C 20 -13.81 -38.35 -1.61
C THR C 20 -14.71 -39.17 -0.67
N ASP C 21 -16.02 -38.88 -0.72
CA ASP C 21 -17.07 -39.62 0.00
C ASP C 21 -17.02 -39.56 1.54
N ILE C 22 -18.10 -40.03 2.15
CA ILE C 22 -18.20 -40.15 3.61
C ILE C 22 -17.34 -41.33 4.12
N GLY C 23 -16.82 -41.21 5.34
CA GLY C 23 -16.01 -42.26 5.95
C GLY C 23 -15.05 -41.76 7.01
N LYS C 24 -14.13 -42.64 7.40
CA LYS C 24 -13.04 -42.28 8.33
C LYS C 24 -12.01 -41.44 7.57
N LYS C 25 -11.54 -40.37 8.20
CA LYS C 25 -10.61 -39.43 7.57
C LYS C 25 -9.39 -39.22 8.46
N ASN C 26 -8.22 -39.72 8.03
CA ASN C 26 -6.97 -39.56 8.78
C ASN C 26 -6.38 -38.17 8.53
N VAL C 27 -6.82 -37.21 9.34
CA VAL C 27 -6.46 -35.79 9.15
C VAL C 27 -5.08 -35.40 9.68
N ALA C 28 -4.60 -36.07 10.73
CA ALA C 28 -3.41 -35.60 11.45
C ALA C 28 -2.72 -36.72 12.26
N LYS C 29 -1.59 -36.36 12.88
CA LYS C 29 -0.87 -37.23 13.81
C LYS C 29 -0.28 -36.40 14.95
N ASN C 30 -0.36 -36.94 16.17
CA ASN C 30 0.18 -36.28 17.37
C ASN C 30 1.66 -36.58 17.51
N LEU C 31 2.49 -35.53 17.48
CA LEU C 31 3.95 -35.64 17.71
C LEU C 31 4.35 -35.40 19.18
N GLY C 32 3.38 -35.11 20.06
CA GLY C 32 3.65 -34.89 21.48
C GLY C 32 3.95 -36.16 22.26
N GLU C 33 4.27 -35.99 23.54
CA GLU C 33 4.58 -37.12 24.44
C GLU C 33 4.02 -36.91 25.84
N GLY C 34 3.70 -38.01 26.52
CA GLY C 34 3.12 -37.99 27.87
C GLY C 34 1.61 -37.95 27.84
N ASN C 35 1.03 -36.98 28.56
CA ASN C 35 -0.43 -36.81 28.69
C ASN C 35 -0.98 -35.67 27.80
N MET C 36 -0.32 -35.43 26.66
CA MET C 36 -0.77 -34.41 25.71
C MET C 36 -1.82 -35.02 24.79
N ARG C 37 -3.09 -34.63 25.00
CA ARG C 37 -4.21 -35.08 24.17
C ARG C 37 -4.42 -34.08 23.02
N LEU C 38 -4.79 -34.58 21.85
CA LEU C 38 -5.08 -33.75 20.67
C LEU C 38 -6.54 -33.92 20.25
N THR C 39 -7.37 -32.93 20.62
CA THR C 39 -8.77 -32.87 20.18
C THR C 39 -8.82 -32.37 18.73
N GLY C 40 -9.76 -32.89 17.96
CA GLY C 40 -9.91 -32.53 16.54
C GLY C 40 -11.36 -32.40 16.11
N LYS C 41 -11.84 -31.16 16.01
CA LYS C 41 -13.20 -30.87 15.54
C LYS C 41 -13.20 -30.48 14.06
N LEU C 42 -14.02 -31.16 13.26
CA LEU C 42 -14.27 -30.78 11.86
C LEU C 42 -15.63 -30.09 11.76
N VAL C 43 -15.62 -28.78 11.58
CA VAL C 43 -16.83 -27.95 11.58
C VAL C 43 -17.19 -27.51 10.16
N ARG C 44 -18.34 -27.95 9.66
CA ARG C 44 -18.79 -27.66 8.29
C ARG C 44 -19.18 -26.20 8.12
N TYR C 45 -18.87 -25.64 6.94
CA TYR C 45 -19.27 -24.27 6.59
C TYR C 45 -20.80 -24.19 6.52
N GLY C 46 -21.35 -23.06 6.94
CA GLY C 46 -22.79 -22.81 6.92
C GLY C 46 -23.50 -23.22 8.19
N ASP C 47 -23.75 -24.52 8.34
CA ASP C 47 -24.57 -25.05 9.44
C ASP C 47 -23.78 -25.52 10.69
N ASN C 48 -22.46 -25.53 10.61
CA ASN C 48 -21.58 -25.91 11.73
C ASN C 48 -21.77 -27.36 12.23
N LEU C 49 -22.06 -28.27 11.31
CA LEU C 49 -22.15 -29.70 11.65
C LEU C 49 -20.77 -30.19 12.06
N THR C 50 -20.64 -30.64 13.30
CA THR C 50 -19.34 -30.95 13.91
C THR C 50 -19.12 -32.46 14.04
N PHE C 51 -17.88 -32.89 13.80
CA PHE C 51 -17.45 -34.28 14.02
C PHE C 51 -16.16 -34.26 14.83
N SER C 52 -16.09 -35.09 15.88
CA SER C 52 -15.01 -35.05 16.86
C SER C 52 -14.12 -36.29 16.82
N GLY C 53 -12.88 -36.13 17.28
CA GLY C 53 -11.92 -37.21 17.43
C GLY C 53 -10.84 -36.83 18.43
N VAL C 54 -10.23 -37.84 19.05
CA VAL C 54 -9.17 -37.64 20.04
C VAL C 54 -7.96 -38.48 19.65
N ALA C 55 -6.76 -37.89 19.82
CA ALA C 55 -5.50 -38.56 19.54
C ALA C 55 -4.50 -38.27 20.65
N ASN C 56 -4.26 -39.27 21.51
CA ASN C 56 -3.30 -39.15 22.61
C ASN C 56 -1.86 -39.20 22.08
N ALA C 57 -0.91 -38.91 22.98
CA ALA C 57 0.53 -38.87 22.66
C ALA C 57 1.00 -39.98 21.71
N GLY C 58 1.40 -39.59 20.50
CA GLY C 58 1.94 -40.52 19.49
C GLY C 58 0.96 -41.07 18.47
N LYS C 59 -0.33 -41.10 18.81
CA LYS C 59 -1.34 -41.79 18.00
C LYS C 59 -1.79 -40.98 16.78
N GLU C 60 -2.48 -41.66 15.85
CA GLU C 60 -3.14 -41.02 14.71
C GLU C 60 -4.47 -40.40 15.13
N LEU C 61 -4.89 -39.35 14.43
CA LEU C 61 -6.17 -38.69 14.66
C LEU C 61 -7.10 -38.99 13.48
N VAL C 62 -8.10 -39.82 13.73
CA VAL C 62 -9.06 -40.28 12.70
C VAL C 62 -10.46 -39.87 13.14
N ILE C 63 -11.17 -39.16 12.26
CA ILE C 63 -12.53 -38.66 12.53
C ILE C 63 -13.48 -39.22 11.47
N ASP C 64 -14.59 -39.80 11.91
CA ASP C 64 -15.62 -40.31 11.00
C ASP C 64 -16.51 -39.14 10.56
N VAL C 65 -16.63 -38.97 9.25
CA VAL C 65 -17.43 -37.91 8.64
C VAL C 65 -18.58 -38.55 7.87
N THR C 66 -19.81 -38.31 8.34
CA THR C 66 -21.02 -38.92 7.81
C THR C 66 -21.79 -38.08 6.77
N GLU C 67 -21.24 -36.92 6.39
CA GLU C 67 -21.83 -36.07 5.35
C GLU C 67 -20.76 -35.31 4.57
N LEU C 68 -21.05 -35.00 3.31
CA LEU C 68 -20.14 -34.23 2.45
C LEU C 68 -20.08 -32.77 2.88
N GLY C 69 -18.98 -32.10 2.53
CA GLY C 69 -18.85 -30.66 2.75
C GLY C 69 -17.43 -30.14 2.93
N TYR C 70 -17.36 -28.82 3.10
CA TYR C 70 -16.12 -28.08 3.27
C TYR C 70 -15.96 -27.75 4.75
N TYR C 71 -14.98 -28.39 5.40
CA TYR C 71 -14.84 -28.34 6.86
C TYR C 71 -13.68 -27.46 7.31
N THR C 72 -13.90 -26.73 8.42
CA THR C 72 -12.82 -26.03 9.13
C THR C 72 -12.32 -26.97 10.22
N LEU C 73 -11.07 -27.43 10.08
CA LEU C 73 -10.47 -28.38 11.03
C LEU C 73 -9.79 -27.64 12.19
N GLU C 74 -10.44 -27.64 13.36
CA GLU C 74 -9.88 -27.03 14.58
C GLU C 74 -9.13 -28.08 15.41
N LEU C 75 -7.83 -27.86 15.61
CA LEU C 75 -6.99 -28.75 16.41
C LEU C 75 -6.51 -28.05 17.69
N THR C 76 -6.49 -28.78 18.80
CA THR C 76 -6.08 -28.24 20.10
C THR C 76 -5.26 -29.29 20.85
N LEU C 77 -3.95 -29.05 20.96
CA LEU C 77 -3.04 -29.88 21.76
C LEU C 77 -2.95 -29.30 23.16
N ALA C 78 -3.29 -30.11 24.17
CA ALA C 78 -3.36 -29.66 25.56
C ALA C 78 -3.09 -30.77 26.56
N ASP C 79 -2.35 -30.43 27.62
CA ASP C 79 -2.08 -31.33 28.75
C ASP C 79 -3.05 -30.97 29.88
N ASN C 80 -4.19 -31.67 29.91
CA ASN C 80 -5.32 -31.36 30.79
C ASN C 80 -5.85 -29.92 30.55
N GLU C 81 -5.39 -28.96 31.36
CA GLU C 81 -5.86 -27.56 31.28
C GLU C 81 -4.88 -26.64 30.52
N ASN C 82 -3.58 -26.97 30.55
CA ASN C 82 -2.56 -26.19 29.84
C ASN C 82 -2.63 -26.45 28.33
N ILE C 83 -3.13 -25.46 27.58
CA ILE C 83 -3.20 -25.54 26.12
C ILE C 83 -1.80 -25.24 25.56
N ILE C 84 -1.24 -26.22 24.85
CA ILE C 84 0.14 -26.17 24.36
C ILE C 84 0.22 -25.46 23.01
N GLN C 85 -0.67 -25.84 22.09
CA GLN C 85 -0.64 -25.38 20.71
C GLN C 85 -2.01 -25.52 20.05
N THR C 86 -2.29 -24.65 19.09
CA THR C 86 -3.54 -24.70 18.30
C THR C 86 -3.26 -24.49 16.83
N ALA C 87 -4.08 -25.09 15.98
CA ALA C 87 -3.94 -25.00 14.52
C ALA C 87 -5.31 -25.02 13.84
N VAL C 88 -5.46 -24.23 12.78
CA VAL C 88 -6.69 -24.15 12.01
C VAL C 88 -6.36 -24.37 10.53
N VAL C 89 -6.95 -25.41 9.94
CA VAL C 89 -6.85 -25.65 8.49
C VAL C 89 -8.21 -26.05 7.93
N ASN C 90 -8.31 -26.07 6.61
CA ASN C 90 -9.53 -26.49 5.93
C ASN C 90 -9.38 -27.91 5.38
N TYR C 91 -10.52 -28.59 5.21
CA TYR C 91 -10.54 -29.98 4.78
C TYR C 91 -11.80 -30.24 3.94
N ALA C 92 -11.59 -30.67 2.69
CA ALA C 92 -12.68 -30.80 1.72
C ALA C 92 -13.12 -32.26 1.60
N VAL C 93 -14.35 -32.54 2.03
CA VAL C 93 -14.98 -33.85 1.84
C VAL C 93 -15.90 -33.73 0.62
N VAL C 94 -15.39 -34.20 -0.52
CA VAL C 94 -16.04 -34.00 -1.83
C VAL C 94 -16.74 -35.26 -2.31
N PRO C 95 -17.73 -35.12 -3.22
CA PRO C 95 -18.30 -36.32 -3.83
C PRO C 95 -17.32 -37.02 -4.76
N GLU C 96 -17.46 -38.34 -4.87
CA GLU C 96 -16.63 -39.13 -5.77
C GLU C 96 -17.25 -39.08 -7.17
N ILE C 97 -16.43 -38.82 -8.17
CA ILE C 97 -16.87 -38.74 -9.57
C ILE C 97 -16.26 -39.92 -10.33
N ILE C 98 -17.07 -40.56 -11.18
CA ILE C 98 -16.62 -41.69 -12.00
C ILE C 98 -15.80 -41.10 -13.15
N ASP C 99 -14.71 -41.78 -13.54
CA ASP C 99 -13.79 -41.29 -14.58
C ASP C 99 -14.50 -40.89 -15.86
N GLU C 100 -15.36 -41.77 -16.37
CA GLU C 100 -16.10 -41.51 -17.61
C GLU C 100 -17.18 -40.42 -17.47
N GLU C 101 -17.63 -40.14 -16.25
CA GLU C 101 -18.61 -39.09 -15.98
C GLU C 101 -18.03 -37.68 -15.75
N ARG C 102 -16.71 -37.56 -15.62
CA ARG C 102 -16.08 -36.24 -15.42
C ARG C 102 -16.34 -35.30 -16.61
N PRO C 103 -16.54 -33.99 -16.35
CA PRO C 103 -16.76 -33.04 -17.45
C PRO C 103 -15.56 -32.86 -18.38
N LEU C 104 -15.76 -33.14 -19.66
CA LEU C 104 -14.71 -33.06 -20.67
C LEU C 104 -14.29 -31.62 -20.99
N ASP C 105 -15.20 -30.67 -20.75
CA ASP C 105 -14.92 -29.24 -20.93
C ASP C 105 -14.32 -28.52 -19.71
N MET C 106 -14.14 -29.22 -18.58
CA MET C 106 -13.54 -28.62 -17.39
C MET C 106 -12.03 -28.82 -17.37
N GLY C 107 -11.29 -27.71 -17.47
CA GLY C 107 -9.85 -27.70 -17.36
C GLY C 107 -9.38 -26.79 -16.23
N VAL C 108 -8.08 -26.80 -15.97
CA VAL C 108 -7.50 -25.92 -14.96
C VAL C 108 -6.03 -25.63 -15.28
N CYS C 109 -5.61 -24.38 -15.08
CA CYS C 109 -4.23 -23.97 -15.34
C CYS C 109 -3.35 -24.39 -14.17
N VAL C 110 -2.27 -25.12 -14.47
CA VAL C 110 -1.39 -25.68 -13.44
C VAL C 110 0.05 -25.26 -13.69
N HIS C 111 0.68 -24.72 -12.65
CA HIS C 111 2.11 -24.40 -12.65
C HIS C 111 2.86 -25.52 -11.95
N PRO C 112 4.18 -25.66 -12.20
CA PRO C 112 4.92 -26.74 -11.55
C PRO C 112 4.86 -26.62 -10.02
N PRO C 113 4.50 -27.71 -9.32
CA PRO C 113 4.37 -27.63 -7.87
C PRO C 113 5.72 -27.45 -7.20
N LYS C 114 5.77 -26.64 -6.14
CA LYS C 114 7.01 -26.34 -5.44
C LYS C 114 7.54 -27.51 -4.61
N ASP C 115 6.68 -28.50 -4.35
CA ASP C 115 7.10 -29.80 -3.80
C ASP C 115 7.97 -30.62 -4.76
N ASN C 116 7.80 -30.41 -6.06
CA ASN C 116 8.27 -31.32 -7.10
C ASN C 116 7.53 -32.68 -7.01
N ASP C 117 6.33 -32.64 -6.43
CA ASP C 117 5.54 -33.84 -6.15
C ASP C 117 4.28 -33.78 -7.01
N TYR C 118 4.39 -34.38 -8.20
CA TYR C 118 3.35 -34.25 -9.22
C TYR C 118 2.14 -35.14 -8.93
N SER C 119 2.40 -36.37 -8.48
CA SER C 119 1.32 -37.32 -8.14
C SER C 119 0.36 -36.78 -7.06
N LYS C 120 0.90 -36.07 -6.07
CA LYS C 120 0.08 -35.43 -5.04
C LYS C 120 -0.78 -34.30 -5.62
N THR C 121 -0.17 -33.44 -6.44
CA THR C 121 -0.90 -32.35 -7.10
C THR C 121 -1.98 -32.87 -8.04
N PHE C 122 -1.65 -33.91 -8.82
CA PHE C 122 -2.60 -34.48 -9.79
C PHE C 122 -3.69 -35.36 -9.16
N ARG C 123 -3.44 -35.91 -7.98
CA ARG C 123 -4.50 -36.52 -7.17
C ARG C 123 -5.52 -35.45 -6.75
N LEU C 124 -5.02 -34.32 -6.29
CA LEU C 124 -5.87 -33.18 -5.90
C LEU C 124 -6.62 -32.58 -7.09
N ILE C 125 -5.99 -32.52 -8.26
CA ILE C 125 -6.66 -32.07 -9.49
C ILE C 125 -7.80 -33.01 -9.87
N ARG C 126 -7.51 -34.31 -9.88
CA ARG C 126 -8.50 -35.36 -10.20
C ARG C 126 -9.76 -35.27 -9.33
N MET C 127 -9.57 -35.13 -8.01
CA MET C 127 -10.68 -35.09 -7.06
C MET C 127 -11.58 -33.85 -7.19
N ALA C 128 -11.07 -32.79 -7.80
CA ALA C 128 -11.87 -31.59 -8.13
C ALA C 128 -12.66 -31.74 -9.45
N GLY C 129 -12.43 -32.83 -10.19
CA GLY C 129 -13.24 -33.18 -11.36
C GLY C 129 -12.71 -32.77 -12.73
N PHE C 130 -11.50 -32.21 -12.77
CA PHE C 130 -10.94 -31.70 -14.03
C PHE C 130 -10.46 -32.82 -14.96
N THR C 131 -10.77 -32.68 -16.25
CA THR C 131 -10.29 -33.60 -17.29
C THR C 131 -9.15 -33.03 -18.14
N ARG C 132 -8.87 -31.73 -18.00
CA ARG C 132 -7.80 -31.08 -18.75
C ARG C 132 -6.93 -30.24 -17.84
N ILE C 133 -5.67 -30.06 -18.22
CA ILE C 133 -4.77 -29.13 -17.56
C ILE C 133 -4.03 -28.29 -18.59
N ARG C 134 -3.64 -27.09 -18.19
CA ARG C 134 -2.88 -26.19 -19.05
C ARG C 134 -1.61 -25.77 -18.32
N THR C 135 -0.47 -25.90 -18.99
CA THR C 135 0.81 -25.44 -18.46
C THR C 135 1.74 -24.99 -19.59
N ASP C 136 2.74 -24.21 -19.23
CA ASP C 136 3.64 -23.56 -20.19
C ASP C 136 4.81 -24.43 -20.61
N LEU C 137 5.29 -24.19 -21.84
CA LEU C 137 6.56 -24.73 -22.31
C LEU C 137 7.30 -23.58 -23.00
N ALA C 138 8.44 -23.19 -22.43
CA ALA C 138 9.23 -22.09 -23.00
C ALA C 138 10.05 -22.58 -24.20
N TRP C 139 9.97 -21.82 -25.29
CA TRP C 139 10.84 -22.01 -26.47
C TRP C 139 12.32 -22.05 -26.06
N GLU C 140 12.71 -21.13 -25.19
CA GLU C 140 14.07 -21.07 -24.60
C GLU C 140 14.53 -22.41 -24.01
N HIS C 141 13.62 -23.10 -23.32
CA HIS C 141 13.93 -24.38 -22.69
C HIS C 141 13.93 -25.57 -23.65
N VAL C 142 13.19 -25.46 -24.76
CA VAL C 142 13.22 -26.48 -25.81
C VAL C 142 14.48 -26.34 -26.68
N GLU C 143 14.83 -25.11 -27.05
CA GLU C 143 15.94 -24.83 -27.96
C GLU C 143 16.97 -23.91 -27.32
N PRO C 144 17.84 -24.45 -26.44
CA PRO C 144 18.87 -23.62 -25.79
C PRO C 144 19.99 -23.14 -26.72
N ALA C 145 20.21 -23.87 -27.81
CA ALA C 145 21.11 -23.45 -28.89
C ALA C 145 20.38 -23.65 -30.22
N LYS C 146 20.69 -22.83 -31.22
CA LYS C 146 20.00 -22.86 -32.49
C LYS C 146 20.06 -24.27 -33.09
N GLY C 147 18.89 -24.89 -33.27
CA GLY C 147 18.78 -26.24 -33.83
C GLY C 147 18.97 -27.41 -32.88
N LYS C 148 19.36 -27.12 -31.62
CA LYS C 148 19.59 -28.16 -30.62
C LYS C 148 18.36 -28.27 -29.73
N TYR C 149 17.65 -29.40 -29.83
CA TYR C 149 16.38 -29.57 -29.13
C TYR C 149 16.49 -30.48 -27.90
N VAL C 150 15.76 -30.12 -26.85
CA VAL C 150 15.70 -30.88 -25.60
C VAL C 150 14.31 -30.73 -25.00
N MET C 151 13.71 -31.85 -24.57
CA MET C 151 12.46 -31.79 -23.82
C MET C 151 12.82 -31.65 -22.34
N PRO C 152 12.38 -30.56 -21.67
CA PRO C 152 12.72 -30.42 -20.25
C PRO C 152 12.08 -31.48 -19.35
N GLU C 153 12.64 -31.66 -18.17
CA GLU C 153 12.16 -32.67 -17.23
C GLU C 153 10.72 -32.40 -16.80
N HIS C 154 10.39 -31.15 -16.48
CA HIS C 154 9.04 -30.79 -16.02
C HIS C 154 7.92 -31.19 -16.99
N MET C 155 8.20 -31.21 -18.29
CA MET C 155 7.20 -31.64 -19.28
C MET C 155 6.84 -33.12 -19.16
N TYR C 156 7.85 -33.98 -19.10
CA TYR C 156 7.64 -35.43 -18.91
C TYR C 156 6.85 -35.71 -17.63
N GLN C 157 7.14 -34.95 -16.58
CA GLN C 157 6.44 -35.08 -15.29
C GLN C 157 4.96 -34.68 -15.37
N PHE C 158 4.66 -33.61 -16.12
CA PHE C 158 3.27 -33.18 -16.34
C PHE C 158 2.45 -34.21 -17.14
N VAL C 159 3.03 -34.73 -18.21
CA VAL C 159 2.33 -35.66 -19.12
C VAL C 159 2.14 -37.05 -18.49
N SER C 160 3.12 -37.52 -17.72
CA SER C 160 3.00 -38.79 -16.97
C SER C 160 1.91 -38.71 -15.91
N ALA C 161 1.98 -37.66 -15.10
CA ALA C 161 0.99 -37.39 -14.05
C ALA C 161 -0.42 -37.20 -14.59
N SER C 162 -0.53 -36.54 -15.76
CA SER C 162 -1.82 -36.33 -16.43
C SER C 162 -2.41 -37.65 -16.92
N GLU C 163 -1.58 -38.47 -17.56
CA GLU C 163 -2.01 -39.77 -18.10
C GLU C 163 -2.50 -40.75 -17.03
N LYS C 164 -1.87 -40.72 -15.85
CA LYS C 164 -2.29 -41.59 -14.75
C LYS C 164 -3.65 -41.20 -14.15
N GLU C 165 -4.05 -39.94 -14.30
CA GLU C 165 -5.36 -39.46 -13.87
C GLU C 165 -6.37 -39.26 -15.01
N GLY C 166 -6.06 -39.77 -16.19
CA GLY C 166 -6.93 -39.64 -17.36
C GLY C 166 -7.19 -38.20 -17.79
N ILE C 167 -6.15 -37.38 -17.72
CA ILE C 167 -6.25 -35.94 -18.00
C ILE C 167 -5.54 -35.60 -19.32
N LYS C 168 -6.23 -34.87 -20.19
CA LYS C 168 -5.67 -34.42 -21.47
C LYS C 168 -4.94 -33.08 -21.29
N PRO C 169 -3.58 -33.09 -21.37
CA PRO C 169 -2.86 -31.83 -21.16
C PRO C 169 -2.86 -30.94 -22.40
N LEU C 170 -3.10 -29.65 -22.19
CA LEU C 170 -2.99 -28.61 -23.22
C LEU C 170 -1.72 -27.83 -22.92
N ILE C 171 -0.90 -27.57 -23.94
CA ILE C 171 0.39 -26.91 -23.73
C ILE C 171 0.44 -25.60 -24.49
N VAL C 172 0.87 -24.54 -23.79
CA VAL C 172 1.02 -23.21 -24.37
C VAL C 172 2.51 -22.93 -24.59
N PHE C 173 2.90 -22.86 -25.86
CA PHE C 173 4.31 -22.76 -26.25
C PHE C 173 4.66 -21.35 -26.68
N GLY C 174 5.71 -20.79 -26.09
CA GLY C 174 6.19 -19.49 -26.54
C GLY C 174 7.21 -18.82 -25.64
N TYR C 175 7.07 -17.49 -25.55
CA TYR C 175 8.11 -16.58 -25.04
C TYR C 175 9.38 -16.61 -25.88
N ALA C 176 10.07 -15.48 -25.90
CA ALA C 176 11.21 -15.26 -26.80
C ALA C 176 12.42 -16.11 -26.42
N ASN C 177 13.21 -16.44 -27.43
CA ASN C 177 14.45 -17.18 -27.29
C ASN C 177 15.59 -16.31 -27.83
N ALA C 178 15.85 -15.21 -27.13
CA ALA C 178 16.86 -14.23 -27.54
C ALA C 178 18.30 -14.72 -27.46
N ILE C 179 18.57 -15.77 -26.68
CA ILE C 179 19.92 -16.32 -26.59
C ILE C 179 20.30 -17.02 -27.90
N ALA C 180 19.44 -17.91 -28.37
CA ALA C 180 19.67 -18.62 -29.64
C ALA C 180 19.41 -17.74 -30.88
N TYR C 181 18.44 -16.82 -30.78
CA TYR C 181 18.06 -15.93 -31.88
C TYR C 181 18.21 -14.46 -31.47
N PRO C 182 19.45 -13.98 -31.30
CA PRO C 182 19.68 -12.61 -30.80
C PRO C 182 19.22 -11.47 -31.72
N ASN C 183 19.08 -11.74 -33.03
CA ASN C 183 18.51 -10.77 -33.98
C ASN C 183 17.11 -11.16 -34.45
N GLY C 184 16.42 -12.00 -33.68
CA GLY C 184 15.08 -12.47 -34.03
C GLY C 184 13.94 -11.61 -33.53
N PHE C 185 14.23 -10.64 -32.66
CA PHE C 185 13.21 -9.88 -31.92
C PHE C 185 13.51 -8.38 -31.96
N PRO C 186 13.61 -7.80 -33.17
CA PRO C 186 14.05 -6.40 -33.30
C PRO C 186 13.09 -5.37 -32.71
N THR C 187 11.78 -5.51 -32.97
CA THR C 187 10.78 -4.51 -32.60
C THR C 187 9.89 -4.89 -31.41
N ILE C 188 9.57 -6.18 -31.26
CA ILE C 188 8.73 -6.68 -30.15
C ILE C 188 9.30 -8.00 -29.60
N PRO C 189 8.93 -8.38 -28.35
CA PRO C 189 9.41 -9.65 -27.80
C PRO C 189 8.61 -10.84 -28.36
N PHE C 190 8.81 -11.08 -29.65
CA PHE C 190 7.98 -11.96 -30.47
C PHE C 190 8.71 -12.10 -31.82
N PRO C 191 8.79 -13.31 -32.40
CA PRO C 191 9.60 -13.47 -33.62
C PRO C 191 8.97 -12.80 -34.83
N THR C 192 9.69 -11.85 -35.44
CA THR C 192 9.22 -11.09 -36.60
C THR C 192 10.18 -11.11 -37.81
N THR C 193 11.19 -11.98 -37.80
CA THR C 193 12.03 -12.21 -38.97
C THR C 193 11.72 -13.57 -39.56
N GLU C 194 12.06 -13.76 -40.83
CA GLU C 194 11.90 -15.05 -41.51
C GLU C 194 12.64 -16.18 -40.77
N GLU C 195 13.81 -15.87 -40.21
CA GLU C 195 14.64 -16.84 -39.48
C GLU C 195 14.05 -17.21 -38.12
N SER C 196 13.57 -16.23 -37.36
CA SER C 196 13.03 -16.49 -36.01
C SER C 196 11.64 -17.15 -36.03
N ARG C 197 10.83 -16.86 -37.05
CA ARG C 197 9.56 -17.57 -37.26
C ARG C 197 9.81 -19.05 -37.53
N LEU C 198 10.73 -19.33 -38.43
CA LEU C 198 11.12 -20.69 -38.79
C LEU C 198 11.69 -21.45 -37.58
N GLY C 199 12.54 -20.77 -36.81
CA GLY C 199 13.09 -21.31 -35.56
C GLY C 199 12.03 -21.67 -34.54
N CYS C 200 11.05 -20.78 -34.37
CA CYS C 200 9.91 -21.03 -33.49
C CYS C 200 9.10 -22.23 -33.96
N ALA C 201 8.82 -22.28 -35.26
CA ALA C 201 8.04 -23.37 -35.87
C ALA C 201 8.72 -24.74 -35.71
N ASN C 202 10.02 -24.81 -36.00
CA ASN C 202 10.78 -26.06 -35.89
C ASN C 202 10.96 -26.53 -34.46
N ALA C 203 11.05 -25.58 -33.52
CA ALA C 203 11.15 -25.90 -32.09
C ALA C 203 9.86 -26.51 -31.57
N LEU C 204 8.73 -25.88 -31.91
CA LEU C 204 7.41 -26.41 -31.55
C LEU C 204 7.16 -27.76 -32.23
N ALA C 205 7.58 -27.88 -33.48
CA ALA C 205 7.45 -29.13 -34.24
C ALA C 205 8.21 -30.30 -33.58
N TYR C 206 9.40 -30.02 -33.06
CA TYR C 206 10.13 -31.02 -32.27
C TYR C 206 9.29 -31.48 -31.08
N ALA C 207 8.79 -30.53 -30.30
CA ALA C 207 7.98 -30.80 -29.10
C ALA C 207 6.71 -31.59 -29.42
N VAL C 208 6.08 -31.26 -30.55
CA VAL C 208 4.89 -31.98 -31.04
C VAL C 208 5.24 -33.42 -31.45
N LYS C 209 6.38 -33.58 -32.14
CA LYS C 209 6.89 -34.91 -32.55
C LYS C 209 7.18 -35.80 -31.35
N GLU C 210 7.92 -35.25 -30.39
CA GLU C 210 8.37 -35.97 -29.19
C GLU C 210 7.20 -36.48 -28.34
N MET C 211 6.15 -35.66 -28.21
CA MET C 211 4.96 -36.03 -27.44
C MET C 211 3.97 -36.87 -28.23
N GLY C 212 3.81 -36.57 -29.52
CA GLY C 212 2.84 -37.27 -30.35
C GLY C 212 1.44 -37.03 -29.83
N ASN C 213 0.62 -38.09 -29.80
CA ASN C 213 -0.76 -38.00 -29.31
C ASN C 213 -0.91 -38.03 -27.78
N ARG C 214 0.20 -37.97 -27.04
CA ARG C 214 0.18 -37.72 -25.60
C ARG C 214 -0.26 -36.26 -25.29
N VAL C 215 -0.06 -35.36 -26.25
CA VAL C 215 -0.53 -33.97 -26.17
C VAL C 215 -1.18 -33.60 -27.51
N THR C 216 -2.49 -33.41 -27.50
CA THR C 216 -3.25 -33.11 -28.74
C THR C 216 -3.72 -31.65 -28.88
N GLU C 217 -3.52 -30.83 -27.85
CA GLU C 217 -3.86 -29.40 -27.88
C GLU C 217 -2.59 -28.58 -27.65
N TRP C 218 -2.20 -27.81 -28.67
CA TRP C 218 -1.04 -26.92 -28.59
C TRP C 218 -1.47 -25.48 -28.88
N GLU C 219 -1.17 -24.58 -27.93
CA GLU C 219 -1.53 -23.16 -28.01
C GLU C 219 -0.27 -22.34 -28.32
N LEU C 220 -0.29 -21.60 -29.43
CA LEU C 220 0.89 -20.87 -29.88
C LEU C 220 0.95 -19.49 -29.20
N TRP C 221 1.79 -19.41 -28.17
CA TRP C 221 2.14 -18.16 -27.47
C TRP C 221 1.06 -17.70 -26.49
N ASN C 222 1.48 -17.23 -25.32
CA ASN C 222 0.57 -16.73 -24.30
C ASN C 222 0.45 -15.20 -24.35
N GLU C 223 -0.79 -14.72 -24.48
CA GLU C 223 -1.13 -13.30 -24.53
C GLU C 223 -0.13 -12.39 -25.29
N PRO C 224 0.08 -12.65 -26.60
CA PRO C 224 0.92 -11.79 -27.42
C PRO C 224 0.20 -10.50 -27.85
N ASN C 225 -0.15 -9.64 -26.90
CA ASN C 225 -0.85 -8.39 -27.20
C ASN C 225 0.03 -7.45 -28.01
N TYR C 226 1.32 -7.46 -27.67
CA TYR C 226 2.39 -6.78 -28.45
C TYR C 226 2.49 -7.16 -29.94
N ALA C 227 2.05 -8.36 -30.30
CA ALA C 227 2.04 -8.80 -31.69
C ALA C 227 0.70 -8.47 -32.34
N ASP C 228 0.74 -7.66 -33.40
CA ASP C 228 -0.43 -7.34 -34.19
C ASP C 228 -0.93 -8.62 -34.87
N PRO C 229 -2.25 -8.91 -34.79
CA PRO C 229 -2.79 -10.14 -35.39
C PRO C 229 -2.39 -10.39 -36.84
N VAL C 230 -2.50 -9.36 -37.68
CA VAL C 230 -2.26 -9.49 -39.12
C VAL C 230 -0.80 -9.31 -39.48
N LYS C 231 -0.17 -8.25 -38.98
CA LYS C 231 1.20 -7.90 -39.36
C LYS C 231 2.28 -8.75 -38.70
N ASP C 232 2.02 -9.24 -37.48
CA ASP C 232 3.03 -9.96 -36.69
C ASP C 232 2.66 -11.41 -36.42
N TYR C 233 1.49 -11.64 -35.83
CA TYR C 233 1.09 -13.00 -35.45
C TYR C 233 0.87 -13.92 -36.66
N LEU C 234 0.13 -13.45 -37.65
CA LEU C 234 -0.25 -14.30 -38.79
C LEU C 234 0.94 -14.80 -39.62
N PRO C 235 1.95 -13.94 -39.92
CA PRO C 235 3.17 -14.43 -40.58
C PRO C 235 3.89 -15.57 -39.86
N LEU C 236 3.94 -15.53 -38.53
CA LEU C 236 4.45 -16.64 -37.72
C LEU C 236 3.57 -17.88 -37.88
N LEU C 237 2.26 -17.67 -37.77
CA LEU C 237 1.28 -18.76 -37.87
C LEU C 237 1.31 -19.49 -39.22
N LYS C 238 1.55 -18.76 -40.30
CA LYS C 238 1.68 -19.35 -41.64
C LYS C 238 2.87 -20.30 -41.81
N VAL C 239 3.92 -20.10 -41.01
CA VAL C 239 5.07 -20.99 -40.97
C VAL C 239 4.86 -22.12 -39.94
N VAL C 240 4.33 -21.76 -38.77
CA VAL C 240 4.15 -22.71 -37.67
C VAL C 240 3.13 -23.80 -38.00
N TYR C 241 1.98 -23.41 -38.55
CA TYR C 241 0.88 -24.34 -38.77
C TYR C 241 1.24 -25.53 -39.70
N PRO C 242 1.69 -25.26 -40.95
CA PRO C 242 2.07 -26.40 -41.82
C PRO C 242 3.23 -27.24 -41.29
N THR C 243 4.23 -26.60 -40.68
CA THR C 243 5.39 -27.31 -40.12
C THR C 243 4.98 -28.29 -39.02
N VAL C 244 4.11 -27.83 -38.13
CA VAL C 244 3.66 -28.61 -36.99
C VAL C 244 2.66 -29.71 -37.39
N LYS C 245 1.75 -29.38 -38.30
CA LYS C 245 0.72 -30.34 -38.73
C LYS C 245 1.26 -31.48 -39.60
N LYS C 246 2.35 -31.25 -40.31
CA LYS C 246 3.05 -32.32 -41.02
C LYS C 246 3.58 -33.38 -40.04
N VAL C 247 4.13 -32.91 -38.94
CA VAL C 247 4.68 -33.79 -37.89
C VAL C 247 3.58 -34.57 -37.12
N ASN C 248 2.43 -33.94 -36.90
CA ASN C 248 1.30 -34.60 -36.24
C ASN C 248 -0.02 -33.97 -36.73
N PRO C 249 -0.71 -34.60 -37.71
CA PRO C 249 -1.96 -34.02 -38.22
C PRO C 249 -3.16 -34.06 -37.26
N ASP C 250 -3.07 -34.86 -36.20
CA ASP C 250 -4.19 -35.05 -35.27
C ASP C 250 -4.35 -33.93 -34.24
N ILE C 251 -3.34 -33.09 -34.05
CA ILE C 251 -3.41 -32.04 -33.02
C ILE C 251 -4.36 -30.91 -33.39
N THR C 252 -4.80 -30.19 -32.37
CA THR C 252 -5.55 -28.94 -32.52
C THR C 252 -4.56 -27.82 -32.22
N LEU C 253 -4.06 -27.17 -33.27
CA LEU C 253 -3.18 -26.01 -33.13
C LEU C 253 -4.05 -24.78 -32.83
N ILE C 254 -3.88 -24.21 -31.64
CA ILE C 254 -4.71 -23.10 -31.15
C ILE C 254 -3.93 -21.79 -31.28
N SER C 255 -4.50 -20.83 -32.01
CA SER C 255 -3.90 -19.49 -32.19
C SER C 255 -4.42 -18.51 -31.14
N GLY C 256 -3.97 -17.26 -31.20
CA GLY C 256 -4.47 -16.19 -30.35
C GLY C 256 -3.74 -16.03 -29.02
N GLY C 257 -3.78 -17.09 -28.20
CA GLY C 257 -3.17 -17.05 -26.88
C GLY C 257 -3.91 -16.18 -25.87
N GLY C 258 -5.17 -15.91 -26.14
CA GLY C 258 -5.94 -14.94 -25.36
C GLY C 258 -5.48 -13.50 -25.53
N SER C 259 -4.93 -13.18 -26.70
CA SER C 259 -4.55 -11.80 -27.02
C SER C 259 -5.76 -11.04 -27.57
N GLY C 260 -5.58 -9.75 -27.84
CA GLY C 260 -6.67 -8.86 -28.22
C GLY C 260 -7.31 -8.16 -27.04
N ALA C 261 -8.09 -7.13 -27.35
CA ALA C 261 -8.81 -6.34 -26.35
C ALA C 261 -9.69 -7.22 -25.46
N GLY C 262 -9.48 -7.12 -24.15
CA GLY C 262 -10.24 -7.90 -23.16
C GLY C 262 -9.84 -9.36 -23.04
N GLY C 263 -8.74 -9.75 -23.68
CA GLY C 263 -8.39 -11.15 -23.84
C GLY C 263 -9.10 -11.82 -25.01
N GLY C 264 -9.65 -11.02 -25.91
CA GLY C 264 -10.31 -11.50 -27.13
C GLY C 264 -11.79 -11.88 -27.15
N PRO C 265 -12.57 -11.56 -26.09
CA PRO C 265 -13.97 -12.03 -26.11
C PRO C 265 -14.86 -11.38 -27.18
N GLY C 266 -14.50 -10.18 -27.65
CA GLY C 266 -15.17 -9.53 -28.77
C GLY C 266 -14.62 -9.91 -30.14
N GLY C 267 -13.69 -10.88 -30.18
CA GLY C 267 -13.07 -11.32 -31.43
C GLY C 267 -11.97 -10.40 -31.95
N ALA C 268 -11.28 -9.69 -31.05
CA ALA C 268 -10.27 -8.71 -31.47
C ALA C 268 -8.98 -9.33 -32.03
N PHE C 269 -8.72 -10.61 -31.74
CA PHE C 269 -7.65 -11.35 -32.39
C PHE C 269 -8.14 -11.99 -33.69
N ILE C 270 -9.19 -12.80 -33.57
CA ILE C 270 -9.62 -13.68 -34.67
C ILE C 270 -10.22 -12.93 -35.87
N ILE C 271 -11.03 -11.90 -35.62
CA ILE C 271 -11.70 -11.18 -36.72
C ILE C 271 -10.71 -10.58 -37.74
N PRO C 272 -9.69 -9.81 -37.26
CA PRO C 272 -8.64 -9.35 -38.18
C PRO C 272 -7.93 -10.46 -38.96
N VAL C 273 -7.71 -11.61 -38.31
CA VAL C 273 -7.11 -12.78 -38.97
C VAL C 273 -8.03 -13.33 -40.06
N LEU C 274 -9.33 -13.40 -39.77
CA LEU C 274 -10.32 -13.85 -40.76
C LEU C 274 -10.47 -12.88 -41.94
N ASP C 275 -10.46 -11.58 -41.66
CA ASP C 275 -10.54 -10.56 -42.71
C ASP C 275 -9.32 -10.59 -43.65
N ALA C 276 -8.16 -10.97 -43.13
CA ALA C 276 -6.94 -11.12 -43.93
C ALA C 276 -6.82 -12.47 -44.65
N GLY C 277 -7.82 -13.33 -44.54
CA GLY C 277 -7.85 -14.62 -45.23
C GLY C 277 -7.02 -15.70 -44.56
N GLY C 278 -6.87 -15.62 -43.24
CA GLY C 278 -6.03 -16.56 -42.49
C GLY C 278 -6.76 -17.67 -41.76
N VAL C 279 -8.02 -17.94 -42.11
CA VAL C 279 -8.84 -18.95 -41.42
C VAL C 279 -8.22 -20.36 -41.40
N ASP C 280 -7.56 -20.76 -42.49
CA ASP C 280 -7.01 -22.13 -42.61
C ASP C 280 -5.72 -22.39 -41.84
N PHE C 281 -5.09 -21.36 -41.28
CA PHE C 281 -3.82 -21.51 -40.55
C PHE C 281 -3.98 -21.74 -39.03
N GLN C 282 -5.19 -22.09 -38.58
CA GLN C 282 -5.36 -22.64 -37.25
C GLN C 282 -6.54 -23.61 -37.20
N ASP C 283 -6.49 -24.52 -36.23
CA ASP C 283 -7.62 -25.42 -35.95
C ASP C 283 -8.60 -24.77 -34.96
N GLY C 284 -8.09 -23.90 -34.11
CA GLY C 284 -8.93 -23.09 -33.22
C GLY C 284 -8.16 -21.88 -32.72
N TYR C 285 -8.77 -21.15 -31.79
CA TYR C 285 -8.10 -20.01 -31.15
C TYR C 285 -8.58 -19.89 -29.70
N SER C 286 -7.81 -19.16 -28.90
CA SER C 286 -8.06 -19.05 -27.47
C SER C 286 -8.36 -17.63 -27.01
N ILE C 287 -9.27 -17.53 -26.02
CA ILE C 287 -9.63 -16.26 -25.38
C ILE C 287 -9.37 -16.35 -23.87
N HIS C 288 -9.01 -15.21 -23.27
CA HIS C 288 -8.84 -15.09 -21.81
C HIS C 288 -9.85 -14.05 -21.28
N PRO C 289 -11.15 -14.36 -21.31
CA PRO C 289 -12.16 -13.36 -21.01
C PRO C 289 -12.34 -13.09 -19.50
N TYR C 290 -11.32 -12.51 -18.86
CA TYR C 290 -11.36 -12.21 -17.43
C TYR C 290 -12.43 -11.16 -17.14
N MET C 291 -13.32 -11.46 -16.18
CA MET C 291 -14.38 -10.54 -15.77
C MET C 291 -14.23 -10.09 -14.30
N ALA C 292 -13.19 -10.56 -13.62
CA ALA C 292 -13.00 -10.27 -12.20
C ALA C 292 -12.76 -8.78 -11.98
N PRO C 293 -13.32 -8.16 -10.92
CA PRO C 293 -14.04 -8.86 -9.84
C PRO C 293 -15.56 -9.06 -10.05
N ASN C 294 -16.08 -8.73 -11.23
CA ASN C 294 -17.54 -8.79 -11.46
C ASN C 294 -18.04 -10.22 -11.71
N THR C 295 -19.36 -10.38 -11.75
CA THR C 295 -20.00 -11.68 -11.90
C THR C 295 -19.81 -12.26 -13.30
N PRO C 296 -19.82 -13.60 -13.43
CA PRO C 296 -19.86 -14.20 -14.78
C PRO C 296 -21.18 -13.95 -15.52
N ASP C 297 -22.26 -13.71 -14.77
CA ASP C 297 -23.58 -13.46 -15.34
C ASP C 297 -23.64 -12.15 -16.12
N PHE C 298 -23.20 -11.07 -15.48
CA PHE C 298 -23.29 -9.72 -16.03
C PHE C 298 -21.95 -9.10 -16.45
N GLY C 299 -20.86 -9.49 -15.80
CA GLY C 299 -19.53 -9.05 -16.20
C GLY C 299 -19.35 -7.54 -16.17
N TYR C 300 -18.76 -6.99 -17.23
CA TYR C 300 -18.56 -5.55 -17.36
C TYR C 300 -18.89 -5.07 -18.78
N ALA C 301 -19.25 -3.81 -18.88
CA ALA C 301 -19.46 -3.16 -20.17
C ALA C 301 -18.09 -2.85 -20.75
N GLY C 302 -17.74 -3.53 -21.83
CA GLY C 302 -16.46 -3.30 -22.49
C GLY C 302 -16.49 -2.05 -23.36
N THR C 303 -15.35 -1.75 -23.96
CA THR C 303 -15.26 -0.72 -25.01
C THR C 303 -16.23 -1.01 -26.15
N GLY C 304 -16.78 0.05 -26.74
CA GLY C 304 -17.77 -0.04 -27.80
C GLY C 304 -17.28 -0.89 -28.95
N GLY C 305 -18.11 -1.85 -29.36
CA GLY C 305 -17.69 -2.81 -30.38
C GLY C 305 -18.78 -3.81 -30.72
N PRO C 306 -18.41 -5.03 -31.15
CA PRO C 306 -19.41 -6.00 -31.61
C PRO C 306 -20.41 -6.49 -30.55
N ILE C 307 -20.00 -6.50 -29.28
CA ILE C 307 -20.83 -6.99 -28.18
C ILE C 307 -21.08 -5.90 -27.14
N PRO C 308 -22.31 -5.81 -26.59
CA PRO C 308 -22.62 -4.76 -25.61
C PRO C 308 -21.91 -4.90 -24.26
N ALA C 309 -21.66 -6.13 -23.82
CA ALA C 309 -21.00 -6.38 -22.55
C ALA C 309 -20.15 -7.66 -22.60
N VAL C 310 -19.15 -7.74 -21.74
CA VAL C 310 -18.29 -8.92 -21.62
C VAL C 310 -18.79 -9.76 -20.45
N ASN C 311 -19.65 -10.73 -20.77
CA ASN C 311 -20.09 -11.76 -19.82
C ASN C 311 -20.33 -13.06 -20.57
N ILE C 312 -20.56 -14.15 -19.82
CA ILE C 312 -20.71 -15.47 -20.44
C ILE C 312 -21.94 -15.57 -21.36
N PRO C 313 -23.12 -15.10 -20.90
CA PRO C 313 -24.29 -15.17 -21.77
C PRO C 313 -24.21 -14.37 -23.09
N THR C 314 -23.43 -13.29 -23.10
CA THR C 314 -23.22 -12.50 -24.31
C THR C 314 -22.10 -13.08 -25.19
N VAL C 315 -20.96 -13.37 -24.57
CA VAL C 315 -19.74 -13.74 -25.30
C VAL C 315 -19.81 -15.12 -25.94
N TRP C 316 -20.35 -16.11 -25.22
CA TRP C 316 -20.35 -17.51 -25.70
C TRP C 316 -21.13 -17.68 -27.03
N PRO C 317 -22.40 -17.23 -27.08
CA PRO C 317 -23.14 -17.34 -28.35
C PRO C 317 -22.57 -16.51 -29.50
N TYR C 318 -21.97 -15.37 -29.17
CA TYR C 318 -21.35 -14.48 -30.17
C TYR C 318 -20.17 -15.16 -30.90
N LEU C 319 -19.26 -15.75 -30.15
CA LEU C 319 -18.08 -16.43 -30.74
C LEU C 319 -18.43 -17.76 -31.39
N LYS C 320 -19.39 -18.48 -30.80
CA LYS C 320 -19.98 -19.67 -31.43
C LYS C 320 -20.48 -19.36 -32.84
N LYS C 321 -21.18 -18.23 -32.97
CA LYS C 321 -21.74 -17.79 -34.25
C LYS C 321 -20.67 -17.35 -35.26
N ILE C 322 -19.59 -16.72 -34.77
CA ILE C 322 -18.45 -16.34 -35.62
C ILE C 322 -17.82 -17.60 -36.24
N SER C 323 -17.65 -18.66 -35.44
CA SER C 323 -17.12 -19.94 -35.93
C SER C 323 -18.04 -20.64 -36.93
N GLU C 324 -19.36 -20.56 -36.70
CA GLU C 324 -20.35 -21.11 -37.63
C GLU C 324 -20.34 -20.42 -39.01
N GLU C 325 -20.19 -19.09 -39.00
CA GLU C 325 -20.31 -18.27 -40.21
C GLU C 325 -18.99 -18.04 -40.97
N ASN C 326 -17.86 -18.46 -40.41
CA ASN C 326 -16.53 -18.26 -41.02
C ASN C 326 -15.73 -19.56 -40.98
N LEU C 327 -16.21 -20.54 -41.75
CA LEU C 327 -15.61 -21.88 -41.77
C LEU C 327 -14.25 -21.90 -42.46
N ARG C 328 -13.49 -22.96 -42.20
CA ARG C 328 -12.27 -23.26 -42.95
C ARG C 328 -12.64 -23.68 -44.39
N SER C 329 -11.63 -23.82 -45.24
CA SER C 329 -11.82 -24.33 -46.61
C SER C 329 -12.33 -25.76 -46.61
N ASP C 330 -11.85 -26.57 -45.66
CA ASP C 330 -12.31 -27.95 -45.47
C ASP C 330 -13.64 -28.09 -44.67
N LYS C 331 -14.34 -26.97 -44.47
CA LYS C 331 -15.68 -26.93 -43.84
C LYS C 331 -15.73 -27.19 -42.32
N LYS C 332 -14.57 -27.34 -41.67
CA LYS C 332 -14.53 -27.49 -40.21
C LYS C 332 -14.59 -26.11 -39.55
N GLU C 333 -15.29 -26.03 -38.41
CA GLU C 333 -15.32 -24.80 -37.61
C GLU C 333 -14.03 -24.63 -36.85
N LEU C 334 -13.65 -23.39 -36.58
CA LEU C 334 -12.59 -23.09 -35.63
C LEU C 334 -13.16 -23.29 -34.22
N SER C 335 -12.49 -24.13 -33.43
CA SER C 335 -12.86 -24.34 -32.03
C SER C 335 -12.41 -23.13 -31.19
N VAL C 336 -13.19 -22.83 -30.15
CA VAL C 336 -12.92 -21.68 -29.27
C VAL C 336 -12.52 -22.21 -27.90
N TRP C 337 -11.28 -21.96 -27.51
CA TRP C 337 -10.76 -22.47 -26.24
C TRP C 337 -10.65 -21.34 -25.21
N VAL C 338 -11.36 -21.46 -24.10
CA VAL C 338 -11.26 -20.49 -23.00
C VAL C 338 -10.08 -20.94 -22.12
N THR C 339 -8.86 -20.61 -22.56
CA THR C 339 -7.65 -21.14 -21.95
C THR C 339 -7.29 -20.49 -20.61
N GLU C 340 -7.90 -19.35 -20.28
CA GLU C 340 -7.84 -18.79 -18.92
C GLU C 340 -9.13 -18.05 -18.57
N ILE C 341 -9.66 -18.33 -17.39
CA ILE C 341 -10.72 -17.53 -16.79
C ILE C 341 -10.72 -17.79 -15.29
N GLY C 342 -10.83 -16.73 -14.50
CA GLY C 342 -10.75 -16.89 -13.06
C GLY C 342 -10.94 -15.63 -12.24
N TRP C 343 -11.18 -15.86 -10.96
CA TRP C 343 -11.33 -14.82 -9.96
C TRP C 343 -10.33 -15.14 -8.85
N ASN C 344 -9.92 -14.11 -8.12
CA ASN C 344 -8.91 -14.25 -7.06
C ASN C 344 -9.46 -13.82 -5.71
N SER C 345 -8.87 -14.36 -4.64
CA SER C 345 -9.26 -14.03 -3.27
C SER C 345 -8.69 -12.69 -2.74
N THR C 346 -7.92 -11.97 -3.55
CA THR C 346 -7.53 -10.60 -3.22
C THR C 346 -8.71 -9.65 -3.45
N THR C 347 -9.14 -9.50 -4.71
CA THR C 347 -10.23 -8.58 -5.08
C THR C 347 -11.66 -9.12 -4.89
N ASN C 348 -11.80 -10.42 -4.60
CA ASN C 348 -13.08 -11.00 -4.18
C ASN C 348 -12.91 -11.75 -2.87
N LEU C 349 -14.06 -12.12 -2.30
CA LEU C 349 -14.11 -13.01 -1.15
C LEU C 349 -13.90 -14.44 -1.64
N ASP C 350 -13.44 -15.31 -0.74
CA ASP C 350 -13.30 -16.75 -1.01
C ASP C 350 -14.60 -17.37 -1.50
N ILE C 351 -15.71 -17.02 -0.84
CA ILE C 351 -17.03 -17.56 -1.18
C ILE C 351 -17.51 -17.06 -2.56
N GLU C 352 -17.15 -15.83 -2.92
CA GLU C 352 -17.45 -15.28 -4.25
C GLU C 352 -16.67 -16.03 -5.33
N GLN C 353 -15.39 -16.30 -5.07
CA GLN C 353 -14.54 -17.07 -5.98
C GLN C 353 -15.16 -18.46 -6.25
N ALA C 354 -15.63 -19.09 -5.18
CA ALA C 354 -16.32 -20.38 -5.28
C ALA C 354 -17.62 -20.28 -6.06
N ALA C 355 -18.44 -19.30 -5.71
CA ALA C 355 -19.71 -19.04 -6.39
C ALA C 355 -19.55 -18.81 -7.89
N TYR C 356 -18.58 -17.96 -8.25
CA TYR C 356 -18.36 -17.60 -9.65
C TYR C 356 -17.74 -18.74 -10.46
N LEU C 357 -16.95 -19.60 -9.82
CA LEU C 357 -16.42 -20.81 -10.46
C LEU C 357 -17.55 -21.73 -10.89
N ALA C 358 -18.45 -22.02 -9.94
CA ALA C 358 -19.63 -22.86 -10.21
C ALA C 358 -20.49 -22.23 -11.30
N ARG C 359 -20.83 -20.96 -11.13
CA ARG C 359 -21.62 -20.22 -12.12
C ARG C 359 -20.97 -20.11 -13.51
N THR C 360 -19.64 -20.08 -13.56
CA THR C 360 -18.90 -20.06 -14.83
C THR C 360 -19.14 -21.34 -15.64
N TYR C 361 -18.92 -22.48 -15.01
CA TYR C 361 -19.08 -23.77 -15.71
C TYR C 361 -20.53 -24.12 -16.02
N LEU C 362 -21.46 -23.73 -15.15
CA LEU C 362 -22.89 -23.91 -15.41
C LEU C 362 -23.37 -23.04 -16.57
N LEU C 363 -23.01 -21.76 -16.57
CA LEU C 363 -23.35 -20.86 -17.67
C LEU C 363 -22.63 -21.24 -18.96
N SER C 364 -21.40 -21.72 -18.85
CA SER C 364 -20.64 -22.21 -20.01
C SER C 364 -21.33 -23.39 -20.69
N ARG C 365 -21.82 -24.34 -19.89
CA ARG C 365 -22.58 -25.47 -20.41
C ARG C 365 -23.95 -25.06 -20.94
N ARG C 366 -24.57 -24.07 -20.29
CA ARG C 366 -25.85 -23.52 -20.76
C ARG C 366 -25.73 -22.97 -22.18
N HIS C 367 -24.67 -22.19 -22.41
CA HIS C 367 -24.40 -21.59 -23.72
C HIS C 367 -23.29 -22.37 -24.41
N TYR C 368 -23.41 -23.69 -24.47
CA TYR C 368 -22.29 -24.55 -24.88
C TYR C 368 -21.66 -24.16 -26.23
N MET C 369 -20.33 -24.03 -26.21
CA MET C 369 -19.54 -23.78 -27.42
C MET C 369 -18.05 -24.14 -27.29
N SER C 370 -17.43 -23.85 -26.14
CA SER C 370 -16.03 -24.21 -25.91
C SER C 370 -15.87 -25.66 -25.45
N PRO C 371 -14.98 -26.43 -26.11
CA PRO C 371 -14.66 -27.78 -25.64
C PRO C 371 -13.65 -27.83 -24.46
N GLY C 372 -13.17 -26.68 -24.00
CA GLY C 372 -12.25 -26.63 -22.87
C GLY C 372 -12.20 -25.26 -22.23
N VAL C 373 -12.82 -25.13 -21.06
CA VAL C 373 -12.79 -23.90 -20.28
C VAL C 373 -11.87 -24.13 -19.08
N PHE C 374 -10.73 -23.44 -19.08
CA PHE C 374 -9.67 -23.67 -18.11
C PHE C 374 -9.69 -22.62 -17.00
N TRP C 375 -9.86 -23.08 -15.76
CA TRP C 375 -9.79 -22.20 -14.60
C TRP C 375 -8.36 -21.73 -14.37
N TYR C 376 -8.17 -20.43 -14.14
CA TYR C 376 -6.88 -19.91 -13.69
C TYR C 376 -6.96 -19.56 -12.20
N ASP C 377 -6.21 -20.24 -11.32
CA ASP C 377 -5.35 -21.41 -11.61
C ASP C 377 -5.51 -22.42 -10.46
N PHE C 378 -4.77 -23.52 -10.48
CA PHE C 378 -5.00 -24.61 -9.52
C PHE C 378 -4.58 -24.25 -8.10
N GLN C 379 -3.31 -23.88 -7.93
CA GLN C 379 -2.75 -23.55 -6.62
C GLN C 379 -2.36 -22.08 -6.55
N ASN C 380 -2.53 -21.49 -5.37
CA ASN C 380 -2.05 -20.11 -5.12
C ASN C 380 -0.55 -20.04 -5.40
N ASP C 381 -0.15 -19.00 -6.12
CA ASP C 381 1.23 -18.86 -6.56
C ASP C 381 2.19 -18.40 -5.45
N GLY C 382 1.64 -17.77 -4.41
CA GLY C 382 2.39 -17.48 -3.19
C GLY C 382 1.51 -17.03 -2.03
N ASP C 383 2.07 -16.25 -1.11
CA ASP C 383 1.41 -15.88 0.15
C ASP C 383 1.08 -14.39 0.33
N THR C 384 1.54 -13.53 -0.57
CA THR C 384 1.22 -12.10 -0.51
C THR C 384 -0.30 -11.89 -0.66
N PRO C 385 -0.95 -11.25 0.33
CA PRO C 385 -2.42 -11.10 0.29
C PRO C 385 -2.95 -10.15 -0.79
N ASP C 386 -2.29 -9.01 -1.00
CA ASP C 386 -2.75 -7.99 -1.96
C ASP C 386 -2.25 -8.18 -3.40
N ASN C 387 -1.37 -9.17 -3.62
CA ASN C 387 -0.97 -9.56 -4.97
C ASN C 387 -2.02 -10.51 -5.54
N ILE C 388 -2.80 -10.03 -6.51
CA ILE C 388 -3.87 -10.85 -7.13
C ILE C 388 -3.33 -12.16 -7.73
N GLU C 389 -2.11 -12.13 -8.26
CA GLU C 389 -1.48 -13.30 -8.89
C GLU C 389 -1.25 -14.46 -7.90
N HIS C 390 -1.14 -14.15 -6.62
CA HIS C 390 -0.92 -15.16 -5.59
C HIS C 390 -2.21 -15.73 -4.98
N ASN C 391 -3.37 -15.29 -5.46
CA ASN C 391 -4.67 -15.65 -4.86
C ASN C 391 -5.74 -16.17 -5.84
N PHE C 392 -5.33 -16.59 -7.03
CA PHE C 392 -6.25 -17.20 -8.02
C PHE C 392 -6.55 -18.68 -7.76
N GLY C 393 -5.87 -19.31 -6.81
CA GLY C 393 -5.91 -20.77 -6.64
C GLY C 393 -7.19 -21.37 -6.05
N LEU C 394 -7.34 -22.68 -6.26
CA LEU C 394 -8.32 -23.50 -5.57
C LEU C 394 -7.73 -24.02 -4.25
N LEU C 395 -6.44 -24.36 -4.30
CA LEU C 395 -5.65 -24.66 -3.11
C LEU C 395 -4.78 -23.47 -2.72
N ARG C 396 -4.44 -23.39 -1.43
CA ARG C 396 -3.45 -22.43 -0.93
C ARG C 396 -2.03 -22.99 -1.14
N SER C 397 -1.02 -22.18 -0.85
CA SER C 397 0.39 -22.57 -1.02
C SER C 397 0.81 -23.77 -0.14
N ASP C 398 0.14 -23.93 1.00
CA ASP C 398 0.31 -25.13 1.85
C ASP C 398 -0.61 -26.31 1.48
N PHE C 399 -1.17 -26.29 0.26
CA PHE C 399 -2.08 -27.32 -0.27
C PHE C 399 -3.41 -27.45 0.50
N SER C 400 -3.80 -26.38 1.19
CA SER C 400 -5.05 -26.35 1.94
C SER C 400 -6.15 -25.94 0.96
N PRO C 401 -7.29 -26.68 0.93
CA PRO C 401 -8.35 -26.32 -0.01
C PRO C 401 -9.10 -25.05 0.40
N LYS C 402 -9.39 -24.19 -0.58
CA LYS C 402 -10.25 -23.03 -0.40
C LYS C 402 -11.68 -23.47 -0.75
N PRO C 403 -12.70 -22.64 -0.40
CA PRO C 403 -14.09 -22.98 -0.76
C PRO C 403 -14.30 -23.27 -2.26
N SER C 404 -13.56 -22.58 -3.13
CA SER C 404 -13.64 -22.80 -4.58
C SER C 404 -13.29 -24.22 -5.02
N TYR C 405 -12.45 -24.92 -4.24
CA TYR C 405 -12.13 -26.32 -4.51
C TYR C 405 -13.36 -27.21 -4.32
N GLN C 406 -14.07 -27.01 -3.21
CA GLN C 406 -15.30 -27.74 -2.91
C GLN C 406 -16.34 -27.49 -3.99
N ALA C 407 -16.52 -26.21 -4.35
CA ALA C 407 -17.48 -25.80 -5.38
C ALA C 407 -17.19 -26.42 -6.74
N ALA C 408 -15.91 -26.56 -7.08
CA ALA C 408 -15.47 -27.18 -8.34
C ALA C 408 -15.75 -28.68 -8.38
N ALA C 409 -15.43 -29.37 -7.29
CA ALA C 409 -15.69 -30.81 -7.18
C ALA C 409 -17.18 -31.13 -7.29
N VAL C 410 -18.00 -30.31 -6.63
CA VAL C 410 -19.44 -30.51 -6.59
C VAL C 410 -20.08 -30.20 -7.95
N VAL C 411 -19.77 -29.03 -8.53
CA VAL C 411 -20.36 -28.65 -9.82
C VAL C 411 -19.99 -29.64 -10.94
N ALA C 412 -18.77 -30.17 -10.88
CA ALA C 412 -18.31 -31.22 -11.80
C ALA C 412 -19.10 -32.51 -11.62
N SER C 413 -19.33 -32.89 -10.35
CA SER C 413 -20.07 -34.11 -10.02
C SER C 413 -21.55 -34.07 -10.43
N LEU C 414 -22.10 -32.88 -10.67
CA LEU C 414 -23.47 -32.74 -11.14
C LEU C 414 -23.60 -32.42 -12.62
N LEU C 415 -22.72 -31.56 -13.15
CA LEU C 415 -22.71 -31.25 -14.59
C LEU C 415 -22.46 -32.49 -15.44
N LYS C 416 -21.49 -33.30 -15.01
CA LYS C 416 -21.02 -34.46 -15.76
C LYS C 416 -20.83 -34.06 -17.24
N ASN C 417 -21.56 -34.68 -18.16
CA ASN C 417 -21.54 -34.27 -19.56
C ASN C 417 -22.95 -34.04 -20.08
N TYR C 418 -23.85 -33.63 -19.18
CA TYR C 418 -25.24 -33.37 -19.53
C TYR C 418 -25.36 -32.11 -20.37
N THR C 419 -26.31 -32.11 -21.30
CA THR C 419 -26.57 -30.96 -22.14
C THR C 419 -27.61 -30.07 -21.49
N PHE C 420 -27.65 -28.81 -21.89
CA PHE C 420 -28.61 -27.85 -21.37
C PHE C 420 -30.01 -28.14 -21.95
N GLN C 421 -31.02 -28.16 -21.09
CA GLN C 421 -32.40 -28.45 -21.48
C GLN C 421 -33.23 -27.19 -21.67
N GLU C 422 -33.36 -26.41 -20.59
CA GLU C 422 -34.42 -25.41 -20.47
C GLU C 422 -34.09 -24.32 -19.45
N THR C 423 -34.60 -23.11 -19.70
CA THR C 423 -34.59 -22.03 -18.73
C THR C 423 -35.97 -21.93 -18.09
N LEU C 424 -36.05 -22.19 -16.78
CA LEU C 424 -37.29 -22.03 -16.01
C LEU C 424 -37.42 -20.62 -15.41
N LEU C 425 -36.30 -19.96 -15.17
CA LEU C 425 -36.27 -18.57 -14.71
C LEU C 425 -34.95 -17.93 -15.12
N ASP C 426 -35.00 -16.65 -15.51
CA ASP C 426 -33.81 -15.94 -16.00
C ASP C 426 -33.77 -14.52 -15.46
N GLY C 427 -32.58 -13.91 -15.54
CA GLY C 427 -32.37 -12.51 -15.15
C GLY C 427 -31.55 -12.44 -13.89
N VAL C 428 -32.04 -11.68 -12.90
CA VAL C 428 -31.37 -11.54 -11.60
C VAL C 428 -31.28 -12.89 -10.90
N ASN C 429 -32.40 -13.62 -10.89
CA ASN C 429 -32.46 -14.99 -10.38
C ASN C 429 -32.52 -15.94 -11.56
N LYS C 430 -31.76 -17.04 -11.48
CA LYS C 430 -31.71 -18.02 -12.55
C LYS C 430 -32.07 -19.42 -12.05
N VAL C 431 -32.84 -20.14 -12.86
CA VAL C 431 -33.17 -21.54 -12.60
C VAL C 431 -33.07 -22.28 -13.93
N LEU C 432 -32.13 -23.23 -14.02
CA LEU C 432 -31.76 -23.87 -15.28
C LEU C 432 -31.88 -25.38 -15.17
N ALA C 433 -32.37 -26.01 -16.24
CA ALA C 433 -32.49 -27.47 -16.32
C ALA C 433 -31.41 -28.07 -17.24
N PHE C 434 -30.77 -29.13 -16.76
CA PHE C 434 -29.79 -29.89 -17.53
C PHE C 434 -30.17 -31.37 -17.52
N GLY C 435 -29.76 -32.10 -18.55
CA GLY C 435 -30.04 -33.54 -18.61
C GLY C 435 -29.46 -34.25 -19.81
N GLN C 436 -30.08 -35.38 -20.16
CA GLN C 436 -29.61 -36.22 -21.27
C GLN C 436 -30.78 -36.63 -22.17
N ASP C 437 -30.64 -36.34 -23.47
CA ASP C 437 -31.59 -36.75 -24.51
C ASP C 437 -33.03 -36.28 -24.25
N GLY C 438 -33.17 -35.00 -23.87
CA GLY C 438 -34.48 -34.40 -23.60
C GLY C 438 -35.12 -34.72 -22.24
N GLU C 439 -34.43 -35.51 -21.40
CA GLU C 439 -34.91 -35.85 -20.06
C GLU C 439 -34.03 -35.17 -19.01
N THR C 440 -34.64 -34.38 -18.13
CA THR C 440 -33.91 -33.58 -17.14
C THR C 440 -33.31 -34.46 -16.05
N THR C 441 -32.04 -34.21 -15.72
CA THR C 441 -31.32 -34.90 -14.65
C THR C 441 -31.19 -34.06 -13.38
N PHE C 442 -30.98 -32.75 -13.54
CA PHE C 442 -30.95 -31.84 -12.40
C PHE C 442 -31.25 -30.39 -12.80
N TYR C 443 -31.72 -29.61 -11.83
CA TYR C 443 -31.91 -28.17 -11.98
C TYR C 443 -30.88 -27.45 -11.10
N THR C 444 -30.33 -26.34 -11.59
CA THR C 444 -29.52 -25.42 -10.78
C THR C 444 -30.32 -24.17 -10.50
N ALA C 445 -30.02 -23.52 -9.38
CA ALA C 445 -30.69 -22.28 -8.99
C ALA C 445 -29.75 -21.36 -8.22
N TRP C 446 -29.68 -20.10 -8.65
CA TRP C 446 -28.92 -19.07 -7.93
C TRP C 446 -29.48 -17.67 -8.19
N THR C 447 -29.00 -16.73 -7.36
CA THR C 447 -29.29 -15.31 -7.53
C THR C 447 -27.98 -14.55 -7.69
N THR C 448 -28.06 -13.45 -8.43
CA THR C 448 -26.94 -12.52 -8.57
C THR C 448 -26.92 -11.49 -7.44
N LYS C 449 -28.01 -11.38 -6.67
CA LYS C 449 -28.09 -10.43 -5.55
C LYS C 449 -27.21 -10.92 -4.40
N ALA C 450 -26.30 -10.06 -3.94
CA ALA C 450 -25.32 -10.42 -2.91
C ALA C 450 -25.98 -10.90 -1.60
N GLU C 451 -27.03 -10.21 -1.19
CA GLU C 451 -27.76 -10.51 0.06
C GLU C 451 -28.63 -11.80 0.02
N GLY C 452 -28.93 -12.31 -1.16
CA GLY C 452 -29.80 -13.49 -1.32
C GLY C 452 -31.26 -13.10 -1.49
N THR C 453 -32.04 -14.02 -2.06
CA THR C 453 -33.49 -13.86 -2.23
C THR C 453 -34.21 -15.17 -2.02
N THR C 454 -35.54 -15.10 -1.93
CA THR C 454 -36.41 -16.27 -1.88
C THR C 454 -37.39 -16.23 -3.05
N ILE C 455 -37.53 -17.36 -3.74
CA ILE C 455 -38.45 -17.49 -4.89
C ILE C 455 -39.30 -18.74 -4.78
N ARG C 456 -40.36 -18.76 -5.59
CA ARG C 456 -41.25 -19.90 -5.69
C ARG C 456 -41.26 -20.43 -7.12
N VAL C 457 -40.68 -21.60 -7.32
CA VAL C 457 -40.63 -22.27 -8.63
C VAL C 457 -41.64 -23.40 -8.60
N LYS C 458 -42.47 -23.49 -9.64
CA LYS C 458 -43.43 -24.59 -9.76
C LYS C 458 -42.66 -25.89 -9.99
N ALA C 459 -43.00 -26.91 -9.21
CA ALA C 459 -42.28 -28.19 -9.21
C ALA C 459 -42.39 -28.89 -10.58
N PRO C 460 -41.31 -28.87 -11.39
CA PRO C 460 -41.44 -29.40 -12.77
C PRO C 460 -41.49 -30.94 -12.90
N THR C 461 -41.04 -31.64 -11.86
CA THR C 461 -41.32 -33.07 -11.67
C THR C 461 -41.88 -33.26 -10.27
N ASP C 462 -42.26 -34.49 -9.92
CA ASP C 462 -42.84 -34.79 -8.61
C ASP C 462 -41.82 -34.57 -7.50
N VAL C 463 -42.33 -34.11 -6.35
CA VAL C 463 -41.49 -33.71 -5.21
C VAL C 463 -40.75 -34.90 -4.60
N ASP C 464 -41.41 -36.05 -4.52
CA ASP C 464 -40.78 -37.28 -4.00
C ASP C 464 -39.59 -37.79 -4.84
N LYS C 465 -39.55 -37.40 -6.12
CA LYS C 465 -38.42 -37.71 -7.00
C LYS C 465 -37.24 -36.72 -6.90
N LEU C 466 -37.39 -35.61 -6.17
CA LEU C 466 -36.38 -34.55 -6.11
C LEU C 466 -35.53 -34.60 -4.85
N ARG C 467 -34.31 -34.09 -4.97
CA ARG C 467 -33.30 -34.12 -3.92
C ARG C 467 -32.49 -32.82 -3.96
N LEU C 468 -32.56 -32.03 -2.90
CA LEU C 468 -31.94 -30.69 -2.85
C LEU C 468 -30.53 -30.73 -2.25
N ILE C 469 -29.54 -30.34 -3.06
CA ILE C 469 -28.13 -30.27 -2.65
C ILE C 469 -27.65 -28.82 -2.78
N ASP C 470 -26.87 -28.34 -1.82
CA ASP C 470 -26.26 -27.00 -1.92
C ASP C 470 -24.92 -27.05 -2.69
N TRP C 471 -24.28 -25.89 -2.84
CA TRP C 471 -22.95 -25.76 -3.48
C TRP C 471 -21.89 -26.72 -2.93
N GLN C 472 -22.07 -27.10 -1.68
CA GLN C 472 -21.13 -27.85 -0.86
C GLN C 472 -21.20 -29.37 -1.05
N GLY C 473 -22.31 -29.87 -1.62
CA GLY C 473 -22.62 -31.30 -1.64
C GLY C 473 -23.48 -31.76 -0.47
N CYS C 474 -23.92 -30.81 0.36
CA CYS C 474 -24.71 -31.11 1.57
C CYS C 474 -26.20 -31.18 1.21
N GLU C 475 -26.87 -32.26 1.62
CA GLU C 475 -28.29 -32.46 1.30
C GLU C 475 -29.16 -31.63 2.24
N MET C 476 -30.06 -30.84 1.66
CA MET C 476 -31.02 -30.02 2.40
C MET C 476 -32.43 -30.58 2.18
N PRO C 477 -33.37 -30.30 3.10
CA PRO C 477 -34.77 -30.66 2.84
C PRO C 477 -35.47 -29.65 1.92
N LEU C 478 -36.48 -30.12 1.20
CA LEU C 478 -37.30 -29.26 0.34
C LEU C 478 -38.35 -28.51 1.15
N THR C 479 -38.67 -27.30 0.72
CA THR C 479 -39.78 -26.53 1.28
C THR C 479 -40.83 -26.42 0.18
N VAL C 480 -42.05 -26.91 0.46
CA VAL C 480 -43.09 -27.05 -0.55
C VAL C 480 -44.34 -26.27 -0.14
N ASP C 481 -44.59 -25.16 -0.81
CA ASP C 481 -45.77 -24.35 -0.60
C ASP C 481 -46.73 -24.59 -1.75
N ASN C 482 -47.63 -25.55 -1.55
CA ASN C 482 -48.82 -25.71 -2.40
C ASN C 482 -48.48 -25.98 -3.88
N GLY C 483 -47.62 -26.98 -4.10
CA GLY C 483 -47.12 -27.32 -5.44
C GLY C 483 -45.80 -26.65 -5.83
N TYR C 484 -45.53 -25.47 -5.25
CA TYR C 484 -44.33 -24.69 -5.57
C TYR C 484 -43.20 -24.97 -4.58
N LEU C 485 -41.98 -25.11 -5.09
CA LEU C 485 -40.79 -25.22 -4.26
C LEU C 485 -40.36 -23.83 -3.81
N VAL C 486 -40.15 -23.64 -2.50
CA VAL C 486 -39.63 -22.40 -1.96
C VAL C 486 -38.11 -22.54 -1.86
N LEU C 487 -37.39 -21.78 -2.67
CA LEU C 487 -35.93 -21.87 -2.72
C LEU C 487 -35.32 -20.61 -2.16
N ASN C 488 -34.46 -20.78 -1.16
CA ASN C 488 -33.70 -19.67 -0.58
C ASN C 488 -32.40 -19.54 -1.37
N LEU C 489 -32.41 -18.65 -2.36
CA LEU C 489 -31.28 -18.51 -3.27
C LEU C 489 -30.16 -17.68 -2.65
N SER C 490 -28.93 -18.08 -2.92
CA SER C 490 -27.74 -17.27 -2.63
C SER C 490 -26.90 -17.14 -3.90
N ILE C 491 -25.76 -16.47 -3.79
CA ILE C 491 -24.78 -16.39 -4.89
C ILE C 491 -24.19 -17.77 -5.25
N LEU C 492 -24.11 -18.64 -4.25
CA LEU C 492 -23.67 -20.02 -4.45
C LEU C 492 -24.81 -20.82 -5.07
N PRO C 493 -24.56 -21.48 -6.22
CA PRO C 493 -25.63 -22.30 -6.79
C PRO C 493 -26.03 -23.50 -5.93
N GLN C 494 -27.32 -23.79 -5.88
CA GLN C 494 -27.85 -25.03 -5.29
C GLN C 494 -28.47 -25.89 -6.38
N TYR C 495 -28.73 -27.16 -6.05
CA TYR C 495 -29.00 -28.19 -7.06
C TYR C 495 -30.18 -29.08 -6.68
N LEU C 496 -31.14 -29.22 -7.60
CA LEU C 496 -32.27 -30.14 -7.44
C LEU C 496 -32.07 -31.35 -8.35
N VAL C 497 -31.59 -32.46 -7.76
CA VAL C 497 -31.28 -33.69 -8.50
C VAL C 497 -32.52 -34.58 -8.65
N VAL C 498 -32.71 -35.15 -9.83
CA VAL C 498 -33.83 -36.07 -10.12
C VAL C 498 -33.51 -37.49 -9.63
N LYS C 499 -34.51 -38.13 -9.01
CA LYS C 499 -34.38 -39.42 -8.30
C LYS C 499 -33.48 -39.31 -7.07
S SO4 D . 17.95 -9.40 -18.81
O1 SO4 D . 16.76 -10.21 -18.44
O2 SO4 D . 19.18 -10.03 -18.27
O3 SO4 D . 18.08 -9.32 -20.29
O4 SO4 D . 17.80 -8.04 -18.26
S SO4 E . 44.73 -7.21 0.76
O1 SO4 E . 43.48 -7.94 1.06
O2 SO4 E . 45.87 -7.99 1.28
O3 SO4 E . 44.87 -7.05 -0.71
O4 SO4 E . 44.71 -5.87 1.39
C1 GOL F . 14.32 14.22 -32.91
O1 GOL F . 15.52 13.73 -33.53
C2 GOL F . 13.36 14.87 -33.92
O2 GOL F . 12.02 14.68 -33.46
C3 GOL F . 13.62 16.37 -34.11
O3 GOL F . 12.55 16.97 -34.86
C1 GOL G . 26.32 9.22 -16.17
O1 GOL G . 25.83 8.13 -16.97
C2 GOL G . 26.48 8.78 -14.72
O2 GOL G . 27.75 9.21 -14.19
C3 GOL G . 25.35 9.34 -13.84
O3 GOL G . 25.50 10.74 -13.62
S SO4 H . 7.43 3.63 50.20
O1 SO4 H . 8.16 3.13 49.02
O2 SO4 H . 7.47 2.59 51.26
O3 SO4 H . 6.02 3.91 49.84
O4 SO4 H . 8.08 4.86 50.70
S SO4 I . -11.62 6.70 20.40
O1 SO4 I . -11.64 5.52 21.28
O2 SO4 I . -12.15 6.34 19.06
O3 SO4 I . -10.23 7.20 20.30
O4 SO4 I . -12.50 7.75 20.98
S SO4 J . -16.72 24.60 36.07
O1 SO4 J . -17.84 24.46 37.03
O2 SO4 J . -16.42 23.27 35.48
O3 SO4 J . -17.10 25.53 34.99
O4 SO4 J . -15.52 25.11 36.77
S CXS K . 4.87 10.65 3.28
O1 CXS K . 4.87 10.21 4.65
O2 CXS K . 3.61 11.28 3.00
O3 CXS K . 6.06 11.75 3.07
C1 CXS K . 5.17 9.34 2.30
C2 CXS K . 4.04 9.06 1.30
C3 CXS K . 4.23 7.73 0.59
N CXS K . 4.11 7.87 -0.85
C4 CXS K . 2.99 7.29 -1.59
C5 CXS K . 2.93 7.92 -2.98
C6 CXS K . 1.86 7.27 -3.86
C7 CXS K . 2.07 5.77 -3.94
C8 CXS K . 2.08 5.13 -2.55
C9 CXS K . 3.14 5.77 -1.66
C1 GOL L . 10.24 3.26 6.94
O1 GOL L . 9.36 4.37 6.68
C2 GOL L . 10.82 3.37 8.35
O2 GOL L . 11.55 4.61 8.47
C3 GOL L . 11.75 2.19 8.62
O3 GOL L . 12.34 2.30 9.92
S SO4 M . -34.31 -21.43 -23.28
O1 SO4 M . -35.10 -22.12 -22.23
O2 SO4 M . -33.88 -22.42 -24.31
O3 SO4 M . -33.12 -20.80 -22.69
O4 SO4 M . -35.15 -20.39 -23.93
S CXS N . -8.57 -6.25 -19.82
O1 CXS N . -9.16 -7.57 -19.86
O2 CXS N . -7.30 -6.36 -19.17
O3 CXS N . -8.38 -5.69 -21.34
C1 CXS N . -9.52 -5.16 -18.99
C2 CXS N . -10.63 -5.85 -18.20
C3 CXS N . -11.51 -4.82 -17.50
N CXS N . -11.79 -5.17 -16.13
C4 CXS N . -13.05 -4.82 -15.49
C5 CXS N . -13.37 -5.86 -14.44
C6 CXS N . -14.73 -5.62 -13.81
C7 CXS N . -15.05 -4.13 -13.63
C8 CXS N . -13.79 -3.27 -13.60
C9 CXS N . -12.94 -3.42 -14.87
C1 GOL O . -15.27 -5.77 -25.81
O1 GOL O . -15.45 -6.57 -26.98
C2 GOL O . -13.81 -5.81 -25.42
O2 GOL O . -13.00 -5.38 -26.53
C3 GOL O . -13.59 -4.88 -24.24
O3 GOL O . -12.23 -4.89 -23.80
C1 GOL P . -1.32 -14.33 -15.03
O1 GOL P . -0.59 -15.03 -16.04
C2 GOL P . -2.68 -13.84 -15.55
O2 GOL P . -3.18 -14.75 -16.53
C3 GOL P . -3.70 -13.70 -14.43
O3 GOL P . -3.85 -12.32 -14.07
C1 GOL Q . 2.28 -17.22 -17.89
O1 GOL Q . 3.26 -17.99 -18.60
C2 GOL Q . 1.38 -18.16 -17.10
O2 GOL Q . 0.71 -17.43 -16.06
C3 GOL Q . 0.35 -18.81 -18.02
O3 GOL Q . 0.03 -20.10 -17.51
C1 GOL R . 0.81 -6.96 -22.50
O1 GOL R . 0.50 -5.57 -22.44
C2 GOL R . -0.35 -7.72 -21.86
O2 GOL R . -1.58 -7.06 -22.13
C3 GOL R . -0.16 -7.79 -20.35
O3 GOL R . -1.17 -8.62 -19.77
C1 GOL S . -6.45 -9.06 -15.85
O1 GOL S . -5.62 -9.82 -16.73
C2 GOL S . -7.05 -9.94 -14.76
O2 GOL S . -6.10 -10.93 -14.34
C3 GOL S . -7.46 -9.09 -13.56
O3 GOL S . -8.44 -9.77 -12.78
#